data_2YRP
#
_entry.id   2YRP
#
_entity_poly.entity_id   1
_entity_poly.type   'polypeptide(L)'
_entity_poly.pdbx_seq_one_letter_code
;GSSGSSGLPQVEAYSPSACSVRGGEELVLTGSNFLPDSKVVFIERGPDGKLQWEEEATVNRLQSNEVTLTLTVPEYSNKR
VSRPVQVYFYVSNGRRKRSPTQSFRFLPVICKEE
;
_entity_poly.pdbx_strand_id   A
#
# COMPACT_ATOMS: atom_id res chain seq x y z
N GLY A 1 -17.91 -15.69 -24.09
CA GLY A 1 -17.57 -14.95 -22.88
C GLY A 1 -18.80 -14.61 -22.05
N SER A 2 -18.73 -14.91 -20.76
CA SER A 2 -19.84 -14.65 -19.85
C SER A 2 -19.47 -13.57 -18.84
N SER A 3 -20.44 -13.16 -18.02
CA SER A 3 -20.22 -12.14 -17.02
C SER A 3 -19.41 -12.69 -15.85
N GLY A 4 -18.09 -12.77 -16.03
CA GLY A 4 -17.23 -13.29 -14.98
C GLY A 4 -16.56 -12.19 -14.20
N SER A 5 -15.52 -11.59 -14.78
CA SER A 5 -14.80 -10.52 -14.12
C SER A 5 -14.78 -9.26 -14.97
N SER A 6 -14.25 -8.18 -14.42
CA SER A 6 -14.18 -6.90 -15.12
C SER A 6 -12.76 -6.34 -15.10
N GLY A 7 -11.78 -7.20 -15.39
CA GLY A 7 -10.40 -6.77 -15.40
C GLY A 7 -10.07 -5.87 -14.22
N LEU A 8 -10.58 -6.22 -13.05
CA LEU A 8 -10.34 -5.44 -11.85
C LEU A 8 -9.16 -5.99 -11.06
N PRO A 9 -8.37 -5.09 -10.46
CA PRO A 9 -7.19 -5.47 -9.66
C PRO A 9 -7.57 -6.16 -8.37
N GLN A 10 -7.02 -7.35 -8.16
CA GLN A 10 -7.30 -8.12 -6.95
C GLN A 10 -6.07 -8.20 -6.05
N VAL A 11 -6.30 -8.36 -4.75
CA VAL A 11 -5.20 -8.44 -3.78
C VAL A 11 -5.38 -9.64 -2.86
N GLU A 12 -4.75 -10.75 -3.22
CA GLU A 12 -4.84 -11.97 -2.42
C GLU A 12 -4.29 -11.73 -1.02
N ALA A 13 -2.98 -11.48 -0.93
CA ALA A 13 -2.33 -11.25 0.35
C ALA A 13 -1.26 -10.17 0.23
N TYR A 14 -0.75 -9.71 1.37
CA TYR A 14 0.28 -8.67 1.39
C TYR A 14 1.19 -8.84 2.59
N SER A 15 2.48 -8.64 2.38
CA SER A 15 3.46 -8.76 3.46
C SER A 15 4.62 -7.78 3.25
N PRO A 16 5.27 -7.40 4.37
CA PRO A 16 4.90 -7.89 5.70
C PRO A 16 3.56 -7.33 6.17
N SER A 17 2.84 -8.13 6.95
CA SER A 17 1.55 -7.71 7.47
C SER A 17 1.60 -6.27 7.97
N ALA A 18 2.74 -5.88 8.50
CA ALA A 18 2.92 -4.53 9.02
C ALA A 18 4.32 -4.01 8.73
N CYS A 19 4.58 -2.77 9.14
CA CYS A 19 5.89 -2.16 8.93
C CYS A 19 6.09 -0.96 9.84
N SER A 20 7.30 -0.41 9.84
CA SER A 20 7.62 0.74 10.68
C SER A 20 7.23 2.05 9.98
N VAL A 21 6.93 3.07 10.78
CA VAL A 21 6.54 4.36 10.24
C VAL A 21 7.57 4.87 9.24
N ARG A 22 8.79 4.34 9.34
CA ARG A 22 9.87 4.75 8.44
C ARG A 22 9.68 4.14 7.05
N GLY A 23 9.21 2.90 7.02
CA GLY A 23 8.99 2.23 5.75
C GLY A 23 10.28 1.85 5.06
N GLY A 24 10.58 2.52 3.94
CA GLY A 24 11.79 2.23 3.21
C GLY A 24 12.09 0.75 3.13
N GLU A 25 11.04 -0.05 2.93
CA GLU A 25 11.19 -1.49 2.84
C GLU A 25 10.55 -2.02 1.56
N GLU A 26 10.77 -3.32 1.29
CA GLU A 26 10.22 -3.94 0.10
C GLU A 26 8.88 -4.61 0.41
N LEU A 27 7.79 -4.00 -0.07
CA LEU A 27 6.45 -4.54 0.17
C LEU A 27 5.96 -5.30 -1.06
N VAL A 28 5.54 -6.54 -0.85
CA VAL A 28 5.04 -7.37 -1.93
C VAL A 28 3.54 -7.62 -1.80
N LEU A 29 2.79 -7.32 -2.86
CA LEU A 29 1.35 -7.51 -2.86
C LEU A 29 0.95 -8.69 -3.74
N THR A 30 0.47 -9.76 -3.10
CA THR A 30 0.06 -10.94 -3.83
C THR A 30 -1.37 -10.80 -4.36
N GLY A 31 -1.57 -11.19 -5.62
CA GLY A 31 -2.89 -11.09 -6.21
C GLY A 31 -2.88 -11.48 -7.68
N SER A 32 -3.63 -10.73 -8.49
CA SER A 32 -3.72 -11.00 -9.92
C SER A 32 -4.34 -9.82 -10.66
N ASN A 33 -4.53 -9.98 -11.97
CA ASN A 33 -5.11 -8.93 -12.79
C ASN A 33 -4.44 -7.58 -12.52
N PHE A 34 -3.11 -7.59 -12.51
CA PHE A 34 -2.35 -6.37 -12.27
C PHE A 34 -1.84 -5.78 -13.58
N LEU A 35 -1.64 -4.46 -13.59
CA LEU A 35 -1.15 -3.77 -14.77
C LEU A 35 0.18 -3.07 -14.49
N PRO A 36 1.02 -2.96 -15.53
CA PRO A 36 2.33 -2.30 -15.41
C PRO A 36 2.21 -0.80 -15.21
N ASP A 37 0.99 -0.28 -15.34
CA ASP A 37 0.74 1.15 -15.17
C ASP A 37 0.09 1.43 -13.82
N SER A 38 -0.39 0.38 -13.17
CA SER A 38 -1.04 0.52 -11.87
C SER A 38 -0.13 1.25 -10.88
N LYS A 39 -0.75 2.00 -9.96
CA LYS A 39 0.00 2.74 -8.96
C LYS A 39 -0.47 2.39 -7.56
N VAL A 40 0.40 2.60 -6.57
CA VAL A 40 0.07 2.30 -5.18
C VAL A 40 0.27 3.54 -4.31
N VAL A 41 -0.82 4.10 -3.83
CA VAL A 41 -0.77 5.28 -2.97
C VAL A 41 -1.36 4.98 -1.59
N PHE A 42 -0.83 5.67 -0.57
CA PHE A 42 -1.31 5.48 0.79
C PHE A 42 -2.24 6.62 1.21
N ILE A 43 -3.03 6.38 2.25
CA ILE A 43 -3.96 7.38 2.74
C ILE A 43 -3.91 7.48 4.26
N GLU A 44 -4.32 8.63 4.79
CA GLU A 44 -4.32 8.85 6.23
C GLU A 44 -5.57 9.61 6.67
N ARG A 45 -6.20 9.14 7.74
CA ARG A 45 -7.41 9.77 8.25
C ARG A 45 -7.07 10.77 9.35
N GLY A 46 -7.71 11.94 9.29
CA GLY A 46 -7.46 12.97 10.28
C GLY A 46 -8.59 13.10 11.29
N PRO A 47 -8.32 13.79 12.41
CA PRO A 47 -9.32 14.00 13.46
C PRO A 47 -10.42 14.95 13.03
N ASP A 48 -10.37 15.39 11.78
CA ASP A 48 -11.37 16.30 11.24
C ASP A 48 -12.55 15.54 10.67
N GLY A 49 -12.27 14.38 10.07
CA GLY A 49 -13.32 13.57 9.49
C GLY A 49 -13.00 13.12 8.08
N LYS A 50 -12.14 13.88 7.41
CA LYS A 50 -11.75 13.56 6.04
C LYS A 50 -10.28 13.16 5.98
N LEU A 51 -9.95 12.27 5.05
CA LEU A 51 -8.58 11.80 4.88
C LEU A 51 -7.91 12.49 3.70
N GLN A 52 -6.65 12.88 3.88
CA GLN A 52 -5.90 13.55 2.82
C GLN A 52 -4.41 13.30 2.98
N TRP A 53 -3.87 12.44 2.13
CA TRP A 53 -2.44 12.11 2.17
C TRP A 53 -1.94 11.72 0.79
N GLU A 54 -0.96 12.47 0.28
CA GLU A 54 -0.40 12.20 -1.04
C GLU A 54 1.06 11.76 -0.91
N GLU A 55 1.26 10.44 -0.89
CA GLU A 55 2.61 9.88 -0.78
C GLU A 55 2.85 8.82 -1.84
N GLU A 56 3.75 9.12 -2.77
CA GLU A 56 4.07 8.19 -3.85
C GLU A 56 5.14 7.19 -3.41
N ALA A 57 4.96 5.93 -3.79
CA ALA A 57 5.91 4.89 -3.44
C ALA A 57 6.53 4.28 -4.69
N THR A 58 7.85 4.08 -4.65
CA THR A 58 8.58 3.51 -5.77
C THR A 58 8.05 2.12 -6.11
N VAL A 59 7.92 1.85 -7.40
CA VAL A 59 7.42 0.55 -7.86
C VAL A 59 8.45 -0.15 -8.74
N ASN A 60 8.83 -1.36 -8.35
CA ASN A 60 9.81 -2.14 -9.10
C ASN A 60 9.12 -3.06 -10.10
N ARG A 61 9.08 -2.63 -11.35
CA ARG A 61 8.44 -3.42 -12.41
C ARG A 61 9.22 -4.71 -12.66
N LEU A 62 10.54 -4.64 -12.51
CA LEU A 62 11.40 -5.80 -12.72
C LEU A 62 10.96 -6.97 -11.84
N GLN A 63 10.59 -6.65 -10.60
CA GLN A 63 10.15 -7.68 -9.66
C GLN A 63 8.66 -7.96 -9.81
N SER A 64 7.88 -6.90 -9.99
CA SER A 64 6.43 -7.02 -10.15
C SER A 64 6.09 -7.74 -11.45
N ASN A 65 4.89 -8.31 -11.51
CA ASN A 65 4.43 -9.02 -12.69
C ASN A 65 2.92 -8.97 -12.81
N GLU A 66 2.39 -9.68 -13.80
CA GLU A 66 0.94 -9.72 -14.02
C GLU A 66 0.20 -10.04 -12.73
N VAL A 67 0.84 -10.84 -11.88
CA VAL A 67 0.24 -11.23 -10.60
C VAL A 67 1.16 -10.90 -9.44
N THR A 68 1.87 -9.78 -9.54
CA THR A 68 2.80 -9.36 -8.49
C THR A 68 3.00 -7.85 -8.52
N LEU A 69 3.00 -7.24 -7.34
CA LEU A 69 3.20 -5.79 -7.22
C LEU A 69 4.20 -5.46 -6.13
N THR A 70 5.43 -5.14 -6.52
CA THR A 70 6.48 -4.80 -5.57
C THR A 70 6.73 -3.29 -5.54
N LEU A 71 6.71 -2.73 -4.34
CA LEU A 71 6.93 -1.29 -4.17
C LEU A 71 7.70 -1.00 -2.89
N THR A 72 8.21 0.21 -2.76
CA THR A 72 8.97 0.61 -1.58
C THR A 72 8.09 1.41 -0.63
N VAL A 73 7.69 0.79 0.47
CA VAL A 73 6.86 1.45 1.47
C VAL A 73 7.29 2.89 1.69
N PRO A 74 6.36 3.83 1.47
CA PRO A 74 6.63 5.27 1.65
C PRO A 74 6.83 5.64 3.10
N GLU A 75 7.17 6.90 3.34
CA GLU A 75 7.40 7.40 4.70
C GLU A 75 6.13 8.03 5.25
N TYR A 76 5.80 7.68 6.49
CA TYR A 76 4.61 8.21 7.15
C TYR A 76 4.84 9.66 7.59
N SER A 77 3.84 10.51 7.34
CA SER A 77 3.93 11.91 7.72
C SER A 77 4.64 12.08 9.06
N ASN A 78 4.16 11.36 10.06
CA ASN A 78 4.74 11.42 11.40
C ASN A 78 5.55 10.17 11.70
N LYS A 79 6.85 10.34 11.90
CA LYS A 79 7.74 9.22 12.20
C LYS A 79 8.11 9.20 13.68
N ARG A 80 8.25 10.38 14.26
CA ARG A 80 8.60 10.50 15.68
C ARG A 80 7.38 10.25 16.56
N VAL A 81 6.68 9.15 16.32
CA VAL A 81 5.50 8.80 17.09
C VAL A 81 5.79 7.66 18.05
N SER A 82 5.24 7.75 19.26
CA SER A 82 5.44 6.72 20.27
C SER A 82 4.37 5.63 20.16
N ARG A 83 3.35 5.91 19.36
CA ARG A 83 2.26 4.95 19.17
C ARG A 83 2.05 4.67 17.68
N PRO A 84 1.63 3.43 17.37
CA PRO A 84 1.38 3.01 15.99
C PRO A 84 0.15 3.69 15.39
N VAL A 85 0.11 3.76 14.07
CA VAL A 85 -1.01 4.39 13.36
C VAL A 85 -1.60 3.44 12.33
N GLN A 86 -2.92 3.38 12.27
CA GLN A 86 -3.61 2.52 11.32
C GLN A 86 -3.86 3.25 10.01
N VAL A 87 -3.26 2.74 8.93
CA VAL A 87 -3.41 3.36 7.61
C VAL A 87 -3.87 2.33 6.59
N TYR A 88 -4.28 2.80 5.41
CA TYR A 88 -4.74 1.93 4.35
C TYR A 88 -4.13 2.32 3.01
N PHE A 89 -4.26 1.45 2.02
CA PHE A 89 -3.72 1.71 0.69
C PHE A 89 -4.53 0.99 -0.38
N TYR A 90 -4.39 1.43 -1.63
CA TYR A 90 -5.11 0.83 -2.74
C TYR A 90 -4.31 0.96 -4.03
N VAL A 91 -4.80 0.32 -5.09
CA VAL A 91 -4.14 0.36 -6.39
C VAL A 91 -5.01 1.09 -7.41
N SER A 92 -4.38 1.90 -8.24
CA SER A 92 -5.08 2.65 -9.27
C SER A 92 -4.92 2.01 -10.64
N ASN A 93 -6.02 1.46 -11.17
CA ASN A 93 -5.99 0.79 -12.47
C ASN A 93 -7.11 1.32 -13.36
N GLY A 94 -6.75 2.17 -14.32
CA GLY A 94 -7.74 2.72 -15.22
C GLY A 94 -8.33 4.03 -14.71
N ARG A 95 -9.65 4.13 -14.75
CA ARG A 95 -10.33 5.33 -14.29
C ARG A 95 -11.43 4.99 -13.30
N ARG A 96 -12.14 3.89 -13.55
CA ARG A 96 -13.21 3.46 -12.68
C ARG A 96 -12.80 2.23 -11.87
N LYS A 97 -12.04 1.34 -12.50
CA LYS A 97 -11.57 0.13 -11.85
C LYS A 97 -10.52 0.45 -10.79
N ARG A 98 -10.71 -0.06 -9.58
CA ARG A 98 -9.78 0.17 -8.49
C ARG A 98 -9.71 -1.05 -7.57
N SER A 99 -8.75 -1.03 -6.64
CA SER A 99 -8.58 -2.13 -5.70
C SER A 99 -9.05 -1.74 -4.31
N PRO A 100 -9.44 -2.74 -3.51
CA PRO A 100 -9.93 -2.53 -2.14
C PRO A 100 -8.82 -2.07 -1.20
N THR A 101 -9.20 -1.35 -0.15
CA THR A 101 -8.24 -0.86 0.83
C THR A 101 -7.83 -1.96 1.79
N GLN A 102 -6.52 -2.08 2.01
CA GLN A 102 -5.99 -3.10 2.92
C GLN A 102 -5.70 -2.50 4.30
N SER A 103 -5.94 -3.29 5.34
CA SER A 103 -5.71 -2.83 6.71
C SER A 103 -4.22 -2.87 7.05
N PHE A 104 -3.62 -1.69 7.10
CA PHE A 104 -2.19 -1.58 7.41
C PHE A 104 -1.98 -0.72 8.65
N ARG A 105 -0.80 -0.85 9.25
CA ARG A 105 -0.46 -0.09 10.45
C ARG A 105 1.05 0.09 10.57
N PHE A 106 1.48 1.27 10.99
CA PHE A 106 2.90 1.57 11.15
C PHE A 106 3.31 1.46 12.62
N LEU A 107 4.33 0.65 12.88
CA LEU A 107 4.82 0.46 14.23
C LEU A 107 6.05 1.34 14.51
N PRO A 108 6.10 1.92 15.70
CA PRO A 108 7.21 2.79 16.11
C PRO A 108 8.51 2.01 16.32
N VAL A 109 9.62 2.64 15.96
CA VAL A 109 10.93 2.00 16.11
C VAL A 109 11.77 2.70 17.18
N ILE A 110 11.37 3.92 17.53
CA ILE A 110 12.07 4.69 18.54
C ILE A 110 12.39 3.82 19.76
N CYS A 111 11.45 2.96 20.13
CA CYS A 111 11.63 2.08 21.27
C CYS A 111 12.04 0.68 20.84
N LYS A 112 11.24 0.09 19.95
CA LYS A 112 11.52 -1.25 19.44
C LYS A 112 12.32 -1.18 18.15
N GLU A 113 13.65 -1.22 18.27
CA GLU A 113 14.53 -1.16 17.12
C GLU A 113 15.31 -2.47 16.96
N GLU A 114 15.88 -2.67 15.77
CA GLU A 114 16.66 -3.87 15.50
C GLU A 114 18.16 -3.59 15.60
N GLY A 1 -23.90 -3.59 -14.30
CA GLY A 1 -23.06 -4.77 -14.24
C GLY A 1 -23.06 -5.54 -15.54
N SER A 2 -21.99 -6.30 -15.77
CA SER A 2 -21.86 -7.09 -16.98
C SER A 2 -20.67 -8.06 -16.89
N SER A 3 -20.77 -9.17 -17.59
CA SER A 3 -19.71 -10.17 -17.59
C SER A 3 -19.09 -10.33 -18.97
N GLY A 4 -17.92 -9.74 -19.17
CA GLY A 4 -17.25 -9.83 -20.45
C GLY A 4 -15.79 -9.40 -20.37
N SER A 5 -15.39 -8.51 -21.27
CA SER A 5 -14.01 -8.03 -21.29
C SER A 5 -13.72 -7.14 -20.09
N SER A 6 -13.35 -7.77 -18.97
CA SER A 6 -13.05 -7.04 -17.74
C SER A 6 -11.64 -7.36 -17.26
N GLY A 7 -11.16 -6.57 -16.31
CA GLY A 7 -9.82 -6.77 -15.78
C GLY A 7 -9.51 -5.84 -14.62
N LEU A 8 -10.06 -6.15 -13.45
CA LEU A 8 -9.84 -5.34 -12.26
C LEU A 8 -8.71 -5.92 -11.40
N PRO A 9 -8.04 -5.05 -10.65
CA PRO A 9 -6.93 -5.45 -9.77
C PRO A 9 -7.41 -6.26 -8.57
N GLN A 10 -6.66 -7.31 -8.24
CA GLN A 10 -7.02 -8.17 -7.11
C GLN A 10 -5.84 -8.34 -6.16
N VAL A 11 -6.12 -8.31 -4.86
CA VAL A 11 -5.07 -8.46 -3.85
C VAL A 11 -5.40 -9.60 -2.89
N GLU A 12 -4.92 -10.79 -3.21
CA GLU A 12 -5.16 -11.96 -2.38
C GLU A 12 -4.61 -11.74 -0.96
N ALA A 13 -3.37 -11.28 -0.88
CA ALA A 13 -2.74 -11.03 0.41
C ALA A 13 -1.56 -10.09 0.26
N TYR A 14 -0.91 -9.76 1.38
CA TYR A 14 0.23 -8.86 1.38
C TYR A 14 1.15 -9.15 2.56
N SER A 15 2.42 -8.77 2.42
CA SER A 15 3.41 -8.99 3.46
C SER A 15 4.62 -8.08 3.28
N PRO A 16 5.23 -7.67 4.39
CA PRO A 16 4.79 -8.08 5.73
C PRO A 16 3.47 -7.45 6.12
N SER A 17 2.64 -8.20 6.84
CA SER A 17 1.34 -7.72 7.28
C SER A 17 1.44 -6.28 7.79
N ALA A 18 2.60 -5.95 8.34
CA ALA A 18 2.82 -4.61 8.87
C ALA A 18 4.22 -4.10 8.52
N CYS A 19 4.46 -2.82 8.75
CA CYS A 19 5.75 -2.21 8.45
C CYS A 19 6.05 -1.06 9.40
N SER A 20 7.21 -0.45 9.25
CA SER A 20 7.61 0.66 10.10
C SER A 20 7.10 1.99 9.54
N VAL A 21 7.05 3.00 10.40
CA VAL A 21 6.57 4.32 10.00
C VAL A 21 7.51 4.97 8.99
N ARG A 22 8.74 4.48 8.96
CA ARG A 22 9.75 5.01 8.04
C ARG A 22 9.63 4.36 6.66
N GLY A 23 8.60 3.54 6.49
CA GLY A 23 8.39 2.86 5.23
C GLY A 23 9.69 2.41 4.60
N GLY A 24 9.98 2.92 3.40
CA GLY A 24 11.19 2.54 2.70
C GLY A 24 11.53 1.08 2.88
N GLU A 25 10.52 0.23 2.81
CA GLU A 25 10.72 -1.21 2.96
C GLU A 25 10.17 -1.97 1.76
N GLU A 26 10.48 -3.25 1.67
CA GLU A 26 10.01 -4.09 0.57
C GLU A 26 8.64 -4.69 0.88
N LEU A 27 7.65 -4.33 0.07
CA LEU A 27 6.29 -4.83 0.26
C LEU A 27 5.86 -5.68 -0.93
N VAL A 28 5.85 -7.00 -0.73
CA VAL A 28 5.44 -7.93 -1.78
C VAL A 28 3.95 -8.20 -1.73
N LEU A 29 3.21 -7.60 -2.66
CA LEU A 29 1.76 -7.79 -2.72
C LEU A 29 1.40 -9.01 -3.56
N THR A 30 0.42 -9.77 -3.09
CA THR A 30 -0.02 -10.98 -3.79
C THR A 30 -1.41 -10.79 -4.39
N GLY A 31 -1.59 -11.24 -5.62
CA GLY A 31 -2.87 -11.11 -6.28
C GLY A 31 -2.81 -11.48 -7.75
N SER A 32 -3.71 -10.90 -8.54
CA SER A 32 -3.76 -11.17 -9.97
C SER A 32 -4.34 -10.00 -10.74
N ASN A 33 -4.21 -10.04 -12.06
CA ASN A 33 -4.72 -8.98 -12.92
C ASN A 33 -4.01 -7.66 -12.62
N PHE A 34 -2.73 -7.74 -12.32
CA PHE A 34 -1.93 -6.55 -12.01
C PHE A 34 -1.42 -5.90 -13.29
N LEU A 35 -0.83 -4.72 -13.16
CA LEU A 35 -0.29 -3.98 -14.30
C LEU A 35 1.09 -3.41 -13.98
N PRO A 36 1.93 -3.29 -15.01
CA PRO A 36 3.28 -2.76 -14.87
C PRO A 36 3.29 -1.26 -14.58
N ASP A 37 2.20 -0.60 -14.93
CA ASP A 37 2.07 0.84 -14.72
C ASP A 37 1.13 1.13 -13.55
N SER A 38 0.68 0.07 -12.88
CA SER A 38 -0.23 0.22 -11.75
C SER A 38 0.21 1.36 -10.83
N LYS A 39 -0.70 1.79 -9.96
CA LYS A 39 -0.41 2.88 -9.03
C LYS A 39 -0.84 2.51 -7.62
N VAL A 40 0.01 2.80 -6.64
CA VAL A 40 -0.29 2.51 -5.25
C VAL A 40 -0.16 3.76 -4.38
N VAL A 41 -1.28 4.22 -3.85
CA VAL A 41 -1.29 5.41 -3.00
C VAL A 41 -1.85 5.10 -1.62
N PHE A 42 -1.36 5.80 -0.61
CA PHE A 42 -1.82 5.60 0.76
C PHE A 42 -2.75 6.72 1.19
N ILE A 43 -3.49 6.48 2.27
CA ILE A 43 -4.42 7.47 2.79
C ILE A 43 -4.39 7.52 4.31
N GLU A 44 -4.60 8.71 4.87
CA GLU A 44 -4.60 8.89 6.32
C GLU A 44 -5.85 9.63 6.78
N ARG A 45 -6.53 9.06 7.76
CA ARG A 45 -7.75 9.67 8.30
C ARG A 45 -7.42 10.62 9.45
N GLY A 46 -8.03 11.80 9.43
CA GLY A 46 -7.79 12.78 10.47
C GLY A 46 -8.97 12.92 11.42
N PRO A 47 -8.73 13.56 12.57
CA PRO A 47 -9.77 13.77 13.59
C PRO A 47 -10.82 14.78 13.14
N ASP A 48 -10.51 15.52 12.09
CA ASP A 48 -11.42 16.52 11.56
C ASP A 48 -12.67 15.86 10.98
N GLY A 49 -12.48 14.71 10.33
CA GLY A 49 -13.60 14.00 9.73
C GLY A 49 -13.30 13.55 8.32
N LYS A 50 -12.35 14.21 7.68
CA LYS A 50 -11.98 13.87 6.30
C LYS A 50 -10.51 13.44 6.23
N LEU A 51 -10.20 12.60 5.25
CA LEU A 51 -8.84 12.11 5.07
C LEU A 51 -8.13 12.87 3.95
N GLN A 52 -6.86 13.18 4.17
CA GLN A 52 -6.06 13.91 3.18
C GLN A 52 -4.58 13.56 3.32
N TRP A 53 -4.09 12.77 2.38
CA TRP A 53 -2.68 12.36 2.38
C TRP A 53 -2.19 12.07 0.97
N GLU A 54 -1.13 12.77 0.56
CA GLU A 54 -0.57 12.59 -0.77
C GLU A 54 0.83 12.00 -0.69
N GLU A 55 0.94 10.69 -0.88
CA GLU A 55 2.23 10.01 -0.83
C GLU A 55 2.26 8.84 -1.81
N GLU A 56 3.25 8.88 -2.72
CA GLU A 56 3.40 7.82 -3.71
C GLU A 56 4.55 6.89 -3.35
N ALA A 57 4.39 5.62 -3.69
CA ALA A 57 5.43 4.62 -3.40
C ALA A 57 6.17 4.22 -4.67
N THR A 58 7.44 3.89 -4.53
CA THR A 58 8.27 3.50 -5.67
C THR A 58 7.91 2.10 -6.14
N VAL A 59 7.55 1.98 -7.41
CA VAL A 59 7.17 0.70 -7.98
C VAL A 59 8.29 0.16 -8.88
N ASN A 60 8.62 -1.12 -8.70
CA ASN A 60 9.67 -1.76 -9.49
C ASN A 60 9.09 -2.84 -10.39
N ARG A 61 8.62 -2.43 -11.57
CA ARG A 61 8.04 -3.36 -12.53
C ARG A 61 9.04 -4.44 -12.91
N LEU A 62 10.32 -4.14 -12.74
CA LEU A 62 11.38 -5.09 -13.06
C LEU A 62 11.18 -6.41 -12.32
N GLN A 63 10.65 -6.32 -11.11
CA GLN A 63 10.40 -7.51 -10.30
C GLN A 63 8.92 -7.87 -10.30
N SER A 64 8.07 -6.85 -10.22
CA SER A 64 6.62 -7.06 -10.22
C SER A 64 6.20 -7.98 -11.35
N ASN A 65 5.25 -8.87 -11.07
CA ASN A 65 4.75 -9.81 -12.07
C ASN A 65 3.27 -9.57 -12.35
N GLU A 66 2.72 -10.33 -13.29
CA GLU A 66 1.32 -10.21 -13.64
C GLU A 66 0.42 -10.56 -12.46
N VAL A 67 1.00 -11.24 -11.47
CA VAL A 67 0.25 -11.64 -10.28
C VAL A 67 0.95 -11.17 -9.01
N THR A 68 1.99 -10.37 -9.18
CA THR A 68 2.74 -9.85 -8.04
C THR A 68 3.08 -8.38 -8.22
N LEU A 69 3.07 -7.64 -7.12
CA LEU A 69 3.38 -6.20 -7.16
C LEU A 69 4.41 -5.83 -6.09
N THR A 70 5.62 -5.52 -6.53
CA THR A 70 6.69 -5.15 -5.63
C THR A 70 6.90 -3.65 -5.61
N LEU A 71 6.75 -3.04 -4.43
CA LEU A 71 6.94 -1.60 -4.29
C LEU A 71 7.55 -1.26 -2.94
N THR A 72 7.94 0.01 -2.77
CA THR A 72 8.54 0.45 -1.52
C THR A 72 7.55 1.30 -0.71
N VAL A 73 7.03 0.74 0.37
CA VAL A 73 6.09 1.44 1.23
C VAL A 73 6.51 2.88 1.44
N PRO A 74 5.53 3.80 1.39
CA PRO A 74 5.77 5.24 1.58
C PRO A 74 6.15 5.57 3.01
N GLU A 75 6.64 6.79 3.21
CA GLU A 75 7.04 7.24 4.55
C GLU A 75 5.94 8.09 5.18
N TYR A 76 5.49 7.67 6.35
CA TYR A 76 4.43 8.37 7.08
C TYR A 76 4.82 9.83 7.28
N SER A 77 3.82 10.66 7.61
CA SER A 77 4.04 12.08 7.83
C SER A 77 4.71 12.32 9.18
N ASN A 78 4.33 11.52 10.17
CA ASN A 78 4.89 11.64 11.51
C ASN A 78 5.73 10.43 11.86
N LYS A 79 7.06 10.60 11.82
CA LYS A 79 7.98 9.51 12.13
C LYS A 79 8.32 9.50 13.62
N ARG A 80 8.32 10.68 14.23
CA ARG A 80 8.63 10.81 15.64
C ARG A 80 7.44 10.37 16.50
N VAL A 81 6.92 9.18 16.22
CA VAL A 81 5.78 8.65 16.96
C VAL A 81 6.17 7.42 17.76
N SER A 82 5.88 7.44 19.06
CA SER A 82 6.21 6.32 19.93
C SER A 82 5.15 5.22 19.83
N ARG A 83 4.04 5.54 19.20
CA ARG A 83 2.95 4.58 19.03
C ARG A 83 2.69 4.30 17.56
N PRO A 84 2.10 3.13 17.27
CA PRO A 84 1.80 2.72 15.90
C PRO A 84 0.67 3.54 15.28
N VAL A 85 0.71 3.70 13.96
CA VAL A 85 -0.32 4.46 13.26
C VAL A 85 -1.11 3.57 12.31
N GLN A 86 -2.42 3.80 12.26
CA GLN A 86 -3.30 3.01 11.40
C GLN A 86 -3.54 3.73 10.08
N VAL A 87 -3.12 3.11 8.98
CA VAL A 87 -3.30 3.70 7.66
C VAL A 87 -3.84 2.67 6.67
N TYR A 88 -4.25 3.14 5.49
CA TYR A 88 -4.79 2.27 4.46
C TYR A 88 -4.23 2.63 3.09
N PHE A 89 -4.36 1.71 2.14
CA PHE A 89 -3.87 1.93 0.79
C PHE A 89 -4.67 1.11 -0.22
N TYR A 90 -4.38 1.31 -1.50
CA TYR A 90 -5.07 0.59 -2.56
C TYR A 90 -4.34 0.75 -3.89
N VAL A 91 -4.74 -0.04 -4.88
CA VAL A 91 -4.13 0.02 -6.21
C VAL A 91 -5.09 0.64 -7.23
N SER A 92 -4.65 1.72 -7.85
CA SER A 92 -5.47 2.41 -8.85
C SER A 92 -4.97 2.11 -10.26
N ASN A 93 -5.84 1.55 -11.08
CA ASN A 93 -5.49 1.22 -12.46
C ASN A 93 -6.56 1.71 -13.43
N GLY A 94 -6.28 2.82 -14.10
CA GLY A 94 -7.22 3.38 -15.05
C GLY A 94 -7.94 4.60 -14.51
N ARG A 95 -9.26 4.57 -14.52
CA ARG A 95 -10.05 5.70 -14.03
C ARG A 95 -10.96 5.26 -12.88
N ARG A 96 -11.75 4.22 -13.12
CA ARG A 96 -12.67 3.71 -12.11
C ARG A 96 -12.25 2.32 -11.66
N LYS A 97 -11.46 1.64 -12.48
CA LYS A 97 -10.98 0.30 -12.17
C LYS A 97 -9.85 0.34 -11.15
N ARG A 98 -10.15 -0.07 -9.92
CA ARG A 98 -9.15 -0.08 -8.86
C ARG A 98 -9.53 -1.09 -7.78
N SER A 99 -8.66 -1.22 -6.78
CA SER A 99 -8.89 -2.16 -5.69
C SER A 99 -9.31 -1.42 -4.42
N PRO A 100 -9.92 -2.16 -3.48
CA PRO A 100 -10.39 -1.59 -2.21
C PRO A 100 -9.24 -1.19 -1.29
N THR A 101 -9.57 -0.62 -0.14
CA THR A 101 -8.57 -0.20 0.82
C THR A 101 -8.12 -1.36 1.69
N GLN A 102 -6.81 -1.42 1.96
CA GLN A 102 -6.26 -2.48 2.79
C GLN A 102 -5.87 -1.97 4.17
N SER A 103 -6.20 -2.75 5.20
CA SER A 103 -5.90 -2.37 6.58
C SER A 103 -4.41 -2.51 6.86
N PHE A 104 -3.75 -1.38 7.08
CA PHE A 104 -2.31 -1.38 7.38
C PHE A 104 -2.01 -0.56 8.62
N ARG A 105 -0.90 -0.86 9.27
CA ARG A 105 -0.49 -0.15 10.48
C ARG A 105 1.03 -0.08 10.58
N PHE A 106 1.54 1.12 10.82
CA PHE A 106 2.98 1.33 10.95
C PHE A 106 3.44 1.14 12.39
N LEU A 107 4.63 0.58 12.57
CA LEU A 107 5.18 0.35 13.90
C LEU A 107 6.42 1.22 14.13
N PRO A 108 6.54 1.72 15.37
CA PRO A 108 7.67 2.57 15.75
C PRO A 108 8.98 1.80 15.83
N VAL A 109 9.89 2.07 14.89
CA VAL A 109 11.19 1.40 14.85
C VAL A 109 12.17 2.07 15.81
N ILE A 110 12.01 3.37 16.01
CA ILE A 110 12.88 4.12 16.90
C ILE A 110 13.32 3.27 18.09
N CYS A 111 14.62 3.17 18.31
CA CYS A 111 15.16 2.40 19.41
C CYS A 111 14.30 2.54 20.66
N LYS A 112 14.06 1.43 21.34
CA LYS A 112 13.24 1.43 22.56
C LYS A 112 13.93 2.21 23.67
N GLU A 113 13.12 2.86 24.51
CA GLU A 113 13.66 3.64 25.62
C GLU A 113 13.78 2.77 26.88
N GLU A 114 14.87 2.97 27.61
CA GLU A 114 15.11 2.21 28.83
C GLU A 114 15.08 3.13 30.06
N GLY A 1 -4.10 -6.21 -27.60
CA GLY A 1 -4.95 -7.38 -27.65
C GLY A 1 -5.61 -7.68 -26.33
N SER A 2 -6.94 -7.72 -26.33
CA SER A 2 -7.69 -7.99 -25.11
C SER A 2 -7.85 -9.49 -24.89
N SER A 3 -8.00 -9.89 -23.62
CA SER A 3 -8.16 -11.30 -23.27
C SER A 3 -9.48 -11.55 -22.58
N GLY A 4 -9.74 -10.77 -21.52
CA GLY A 4 -10.98 -10.91 -20.77
C GLY A 4 -11.73 -9.61 -20.65
N SER A 5 -12.96 -9.69 -20.15
CA SER A 5 -13.80 -8.50 -19.98
C SER A 5 -13.51 -7.82 -18.65
N SER A 6 -13.66 -8.55 -17.56
CA SER A 6 -13.42 -8.01 -16.22
C SER A 6 -11.92 -7.84 -15.98
N GLY A 7 -11.51 -6.60 -15.73
CA GLY A 7 -10.11 -6.32 -15.48
C GLY A 7 -9.89 -5.53 -14.20
N LEU A 8 -10.52 -5.98 -13.12
CA LEU A 8 -10.40 -5.30 -11.84
C LEU A 8 -9.24 -5.88 -11.02
N PRO A 9 -8.53 -5.00 -10.29
CA PRO A 9 -7.39 -5.40 -9.46
C PRO A 9 -7.82 -6.22 -8.26
N GLN A 10 -7.04 -7.26 -7.95
CA GLN A 10 -7.33 -8.12 -6.81
C GLN A 10 -6.18 -8.14 -5.82
N VAL A 11 -6.50 -8.35 -4.54
CA VAL A 11 -5.48 -8.38 -3.50
C VAL A 11 -5.66 -9.61 -2.60
N GLU A 12 -4.99 -10.70 -2.98
CA GLU A 12 -5.07 -11.94 -2.21
C GLU A 12 -4.43 -11.77 -0.84
N ALA A 13 -3.16 -11.40 -0.81
CA ALA A 13 -2.43 -11.20 0.43
C ALA A 13 -1.28 -10.21 0.25
N TYR A 14 -0.82 -9.64 1.36
CA TYR A 14 0.27 -8.67 1.32
C TYR A 14 1.22 -8.89 2.49
N SER A 15 2.51 -8.67 2.23
CA SER A 15 3.53 -8.84 3.26
C SER A 15 4.71 -7.91 3.02
N PRO A 16 5.37 -7.49 4.11
CA PRO A 16 4.98 -7.87 5.46
C PRO A 16 3.66 -7.25 5.89
N SER A 17 2.87 -8.00 6.65
CA SER A 17 1.58 -7.52 7.11
C SER A 17 1.69 -6.08 7.63
N ALA A 18 2.82 -5.76 8.23
CA ALA A 18 3.05 -4.42 8.76
C ALA A 18 4.51 -4.00 8.57
N CYS A 19 4.79 -2.73 8.84
CA CYS A 19 6.14 -2.21 8.69
C CYS A 19 6.38 -1.06 9.67
N SER A 20 7.60 -0.54 9.67
CA SER A 20 7.96 0.56 10.57
C SER A 20 7.78 1.91 9.87
N VAL A 21 7.36 2.91 10.63
CA VAL A 21 7.15 4.25 10.09
C VAL A 21 8.25 4.62 9.10
N ARG A 22 9.42 4.02 9.27
CA ARG A 22 10.55 4.28 8.39
C ARG A 22 10.23 3.89 6.95
N GLY A 23 9.65 2.71 6.78
CA GLY A 23 9.30 2.23 5.45
C GLY A 23 10.52 1.81 4.65
N GLY A 24 10.73 2.46 3.51
CA GLY A 24 11.87 2.12 2.67
C GLY A 24 12.19 0.64 2.70
N GLU A 25 11.16 -0.19 2.75
CA GLU A 25 11.34 -1.63 2.78
C GLU A 25 10.67 -2.31 1.58
N GLU A 26 10.92 -3.59 1.41
CA GLU A 26 10.35 -4.34 0.30
C GLU A 26 8.92 -4.77 0.63
N LEU A 27 8.00 -4.50 -0.30
CA LEU A 27 6.60 -4.86 -0.11
C LEU A 27 6.05 -5.56 -1.35
N VAL A 28 5.82 -6.88 -1.22
CA VAL A 28 5.29 -7.66 -2.32
C VAL A 28 3.80 -7.93 -2.15
N LEU A 29 2.98 -7.22 -2.90
CA LEU A 29 1.54 -7.38 -2.82
C LEU A 29 1.07 -8.55 -3.69
N THR A 30 0.52 -9.57 -3.06
CA THR A 30 0.02 -10.75 -3.76
C THR A 30 -1.41 -10.56 -4.24
N GLY A 31 -1.69 -10.99 -5.46
CA GLY A 31 -3.03 -10.85 -6.00
C GLY A 31 -3.11 -11.26 -7.45
N SER A 32 -3.91 -10.54 -8.23
CA SER A 32 -4.08 -10.84 -9.65
C SER A 32 -4.61 -9.63 -10.40
N ASN A 33 -4.55 -9.68 -11.73
CA ASN A 33 -5.03 -8.59 -12.57
C ASN A 33 -4.23 -7.30 -12.29
N PHE A 34 -2.91 -7.44 -12.23
CA PHE A 34 -2.05 -6.29 -11.98
C PHE A 34 -1.41 -5.80 -13.26
N LEU A 35 -1.12 -4.49 -13.31
CA LEU A 35 -0.52 -3.89 -14.49
C LEU A 35 0.80 -3.21 -14.13
N PRO A 36 1.69 -3.11 -15.13
CA PRO A 36 3.01 -2.48 -14.95
C PRO A 36 2.91 -0.97 -14.75
N ASP A 37 1.82 -0.39 -15.26
CA ASP A 37 1.60 1.04 -15.14
C ASP A 37 0.89 1.39 -13.83
N SER A 38 0.04 0.48 -13.37
CA SER A 38 -0.70 0.68 -12.13
C SER A 38 0.18 1.35 -11.07
N LYS A 39 -0.46 1.93 -10.07
CA LYS A 39 0.26 2.60 -8.99
C LYS A 39 -0.36 2.26 -7.64
N VAL A 40 0.37 2.59 -6.57
CA VAL A 40 -0.11 2.32 -5.21
C VAL A 40 0.07 3.54 -4.32
N VAL A 41 -1.04 4.13 -3.90
CA VAL A 41 -1.01 5.30 -3.04
C VAL A 41 -1.61 5.00 -1.67
N PHE A 42 -1.16 5.72 -0.65
CA PHE A 42 -1.66 5.53 0.70
C PHE A 42 -2.63 6.64 1.09
N ILE A 43 -3.28 6.48 2.23
CA ILE A 43 -4.23 7.48 2.71
C ILE A 43 -4.22 7.55 4.24
N GLU A 44 -4.70 8.67 4.77
CA GLU A 44 -4.75 8.88 6.21
C GLU A 44 -6.03 9.60 6.62
N ARG A 45 -6.65 9.14 7.70
CA ARG A 45 -7.88 9.74 8.19
C ARG A 45 -7.59 10.71 9.33
N GLY A 46 -8.12 11.92 9.21
CA GLY A 46 -7.90 12.93 10.24
C GLY A 46 -9.03 12.98 11.25
N PRO A 47 -8.79 13.68 12.37
CA PRO A 47 -9.78 13.80 13.44
C PRO A 47 -10.97 14.66 13.03
N ASP A 48 -10.91 15.22 11.82
CA ASP A 48 -11.98 16.07 11.31
C ASP A 48 -13.06 15.22 10.63
N GLY A 49 -12.62 14.17 9.93
CA GLY A 49 -13.57 13.31 9.24
C GLY A 49 -13.14 13.01 7.82
N LYS A 50 -12.37 13.92 7.23
CA LYS A 50 -11.89 13.74 5.86
C LYS A 50 -10.43 13.32 5.84
N LEU A 51 -10.08 12.45 4.90
CA LEU A 51 -8.72 11.95 4.78
C LEU A 51 -7.98 12.68 3.66
N GLN A 52 -6.71 13.01 3.90
CA GLN A 52 -5.91 13.72 2.91
C GLN A 52 -4.42 13.40 3.11
N TRP A 53 -3.88 12.56 2.23
CA TRP A 53 -2.47 12.19 2.31
C TRP A 53 -1.93 11.83 0.93
N GLU A 54 -0.91 12.56 0.49
CA GLU A 54 -0.29 12.32 -0.80
C GLU A 54 1.14 11.82 -0.65
N GLU A 55 1.33 10.52 -0.85
CA GLU A 55 2.66 9.92 -0.74
C GLU A 55 2.84 8.80 -1.77
N GLU A 56 3.70 9.05 -2.74
CA GLU A 56 3.97 8.06 -3.79
C GLU A 56 4.97 7.02 -3.31
N ALA A 57 4.75 5.77 -3.71
CA ALA A 57 5.64 4.68 -3.33
C ALA A 57 6.44 4.17 -4.52
N THR A 58 7.72 3.91 -4.30
CA THR A 58 8.59 3.43 -5.36
C THR A 58 8.09 2.10 -5.93
N VAL A 59 7.35 2.17 -7.02
CA VAL A 59 6.81 0.97 -7.66
C VAL A 59 7.81 0.38 -8.64
N ASN A 60 8.14 -0.89 -8.44
CA ASN A 60 9.09 -1.58 -9.31
C ASN A 60 8.35 -2.47 -10.30
N ARG A 61 8.48 -2.14 -11.58
CA ARG A 61 7.83 -2.91 -12.64
C ARG A 61 8.56 -4.22 -12.88
N LEU A 62 9.89 -4.16 -12.95
CA LEU A 62 10.70 -5.35 -13.17
C LEU A 62 10.34 -6.45 -12.18
N GLN A 63 10.16 -6.08 -10.92
CA GLN A 63 9.80 -7.04 -9.89
C GLN A 63 8.33 -7.39 -9.95
N SER A 64 7.49 -6.38 -10.12
CA SER A 64 6.04 -6.58 -10.20
C SER A 64 5.67 -7.44 -11.40
N ASN A 65 4.70 -8.32 -11.22
CA ASN A 65 4.25 -9.20 -12.28
C ASN A 65 2.74 -9.13 -12.46
N GLU A 66 2.23 -9.80 -13.49
CA GLU A 66 0.80 -9.81 -13.77
C GLU A 66 0.00 -10.12 -12.50
N VAL A 67 0.65 -10.80 -11.56
CA VAL A 67 0.00 -11.16 -10.30
C VAL A 67 0.87 -10.80 -9.11
N THR A 68 1.67 -9.74 -9.26
CA THR A 68 2.56 -9.31 -8.19
C THR A 68 2.88 -7.82 -8.32
N LEU A 69 2.91 -7.13 -7.18
CA LEU A 69 3.20 -5.69 -7.17
C LEU A 69 4.24 -5.36 -6.11
N THR A 70 5.48 -5.14 -6.55
CA THR A 70 6.57 -4.81 -5.64
C THR A 70 6.78 -3.31 -5.54
N LEU A 71 6.69 -2.78 -4.33
CA LEU A 71 6.87 -1.35 -4.11
C LEU A 71 7.59 -1.08 -2.79
N THR A 72 8.19 0.09 -2.67
CA THR A 72 8.92 0.46 -1.47
C THR A 72 8.03 1.27 -0.52
N VAL A 73 7.63 0.64 0.58
CA VAL A 73 6.79 1.31 1.57
C VAL A 73 7.32 2.69 1.91
N PRO A 74 6.47 3.72 1.71
CA PRO A 74 6.84 5.10 2.00
C PRO A 74 6.98 5.38 3.49
N GLU A 75 7.50 6.55 3.84
CA GLU A 75 7.68 6.93 5.23
C GLU A 75 6.51 7.77 5.72
N TYR A 76 5.80 7.26 6.73
CA TYR A 76 4.65 7.96 7.29
C TYR A 76 5.02 9.40 7.65
N SER A 77 4.04 10.30 7.55
CA SER A 77 4.26 11.71 7.85
C SER A 77 4.87 11.87 9.25
N ASN A 78 4.18 11.35 10.25
CA ASN A 78 4.65 11.44 11.63
C ASN A 78 5.62 10.31 11.95
N LYS A 79 6.84 10.67 12.33
CA LYS A 79 7.86 9.69 12.66
C LYS A 79 8.15 9.67 14.16
N ARG A 80 8.02 10.84 14.79
CA ARG A 80 8.25 10.97 16.22
C ARG A 80 7.01 10.58 17.02
N VAL A 81 6.49 9.38 16.74
CA VAL A 81 5.30 8.89 17.42
C VAL A 81 5.63 7.65 18.26
N SER A 82 5.16 7.64 19.50
CA SER A 82 5.40 6.52 20.39
C SER A 82 4.45 5.36 20.08
N ARG A 83 3.32 5.68 19.47
CA ARG A 83 2.33 4.67 19.12
C ARG A 83 2.24 4.51 17.60
N PRO A 84 1.86 3.29 17.16
CA PRO A 84 1.73 2.98 15.74
C PRO A 84 0.54 3.68 15.09
N VAL A 85 0.58 3.81 13.78
CA VAL A 85 -0.51 4.46 13.04
C VAL A 85 -1.13 3.50 12.02
N GLN A 86 -2.45 3.37 12.07
CA GLN A 86 -3.16 2.49 11.14
C GLN A 86 -3.62 3.27 9.91
N VAL A 87 -2.99 2.98 8.77
CA VAL A 87 -3.34 3.63 7.52
C VAL A 87 -3.82 2.63 6.49
N TYR A 88 -4.43 3.14 5.42
CA TYR A 88 -4.93 2.29 4.35
C TYR A 88 -4.35 2.70 3.00
N PHE A 89 -4.38 1.78 2.04
CA PHE A 89 -3.86 2.04 0.71
C PHE A 89 -4.62 1.24 -0.35
N TYR A 90 -4.70 1.78 -1.55
CA TYR A 90 -5.40 1.13 -2.64
C TYR A 90 -4.53 1.07 -3.89
N VAL A 91 -4.98 0.32 -4.90
CA VAL A 91 -4.25 0.19 -6.15
C VAL A 91 -5.06 0.73 -7.32
N SER A 92 -4.39 1.44 -8.22
CA SER A 92 -5.06 2.00 -9.39
C SER A 92 -4.82 1.13 -10.62
N ASN A 93 -5.91 0.56 -11.15
CA ASN A 93 -5.83 -0.29 -12.32
C ASN A 93 -6.81 0.16 -13.39
N GLY A 94 -6.31 0.82 -14.43
CA GLY A 94 -7.16 1.30 -15.50
C GLY A 94 -7.38 2.79 -15.45
N ARG A 95 -8.64 3.21 -15.44
CA ARG A 95 -8.99 4.63 -15.40
C ARG A 95 -10.00 4.92 -14.30
N ARG A 96 -11.00 4.05 -14.18
CA ARG A 96 -12.03 4.20 -13.17
C ARG A 96 -12.01 3.05 -12.18
N LYS A 97 -11.56 1.88 -12.65
CA LYS A 97 -11.49 0.70 -11.80
C LYS A 97 -10.47 0.90 -10.68
N ARG A 98 -10.91 0.67 -9.45
CA ARG A 98 -10.04 0.82 -8.29
C ARG A 98 -10.00 -0.47 -7.47
N SER A 99 -9.00 -0.57 -6.59
CA SER A 99 -8.84 -1.75 -5.75
C SER A 99 -9.27 -1.46 -4.32
N PRO A 100 -9.70 -2.51 -3.60
CA PRO A 100 -10.13 -2.39 -2.21
C PRO A 100 -8.98 -2.09 -1.26
N THR A 101 -9.16 -1.06 -0.43
CA THR A 101 -8.14 -0.67 0.52
C THR A 101 -7.76 -1.82 1.44
N GLN A 102 -6.58 -1.74 2.03
CA GLN A 102 -6.10 -2.78 2.94
C GLN A 102 -5.75 -2.21 4.30
N SER A 103 -6.04 -2.97 5.36
CA SER A 103 -5.76 -2.54 6.72
C SER A 103 -4.27 -2.66 7.03
N PHE A 104 -3.57 -1.52 7.02
CA PHE A 104 -2.15 -1.50 7.30
C PHE A 104 -1.85 -0.63 8.51
N ARG A 105 -0.70 -0.87 9.15
CA ARG A 105 -0.30 -0.10 10.32
C ARG A 105 1.22 -0.01 10.41
N PHE A 106 1.70 1.14 10.86
CA PHE A 106 3.15 1.37 11.00
C PHE A 106 3.57 1.31 12.46
N LEU A 107 4.58 0.49 12.74
CA LEU A 107 5.08 0.33 14.10
C LEU A 107 6.21 1.31 14.37
N PRO A 108 6.25 1.86 15.59
CA PRO A 108 7.28 2.82 16.00
C PRO A 108 8.65 2.16 16.16
N VAL A 109 9.65 2.74 15.50
CA VAL A 109 11.00 2.21 15.57
C VAL A 109 11.62 2.46 16.94
N ILE A 110 11.21 3.54 17.58
CA ILE A 110 11.72 3.89 18.90
C ILE A 110 11.99 2.65 19.73
N CYS A 111 11.06 1.70 19.70
CA CYS A 111 11.20 0.47 20.46
C CYS A 111 11.71 -0.66 19.56
N LYS A 112 12.57 -1.51 20.11
CA LYS A 112 13.13 -2.63 19.36
C LYS A 112 12.26 -3.88 19.53
N GLU A 113 12.37 -4.80 18.57
CA GLU A 113 11.60 -6.03 18.62
C GLU A 113 11.97 -6.86 19.84
N GLU A 114 13.27 -6.93 20.13
CA GLU A 114 13.75 -7.68 21.28
C GLU A 114 13.11 -7.20 22.57
N GLY A 1 -8.62 -19.27 -9.39
CA GLY A 1 -8.44 -18.04 -10.12
C GLY A 1 -9.76 -17.34 -10.40
N SER A 2 -9.76 -16.01 -10.28
CA SER A 2 -10.97 -15.23 -10.52
C SER A 2 -11.25 -15.10 -12.01
N SER A 3 -12.43 -14.60 -12.33
CA SER A 3 -12.82 -14.42 -13.73
C SER A 3 -12.60 -12.98 -14.18
N GLY A 4 -13.12 -12.03 -13.39
CA GLY A 4 -12.96 -10.63 -13.72
C GLY A 4 -13.61 -10.27 -15.05
N SER A 5 -14.71 -9.53 -15.00
CA SER A 5 -15.43 -9.13 -16.20
C SER A 5 -14.71 -7.97 -16.90
N SER A 6 -13.92 -7.23 -16.13
CA SER A 6 -13.18 -6.10 -16.67
C SER A 6 -11.73 -6.12 -16.21
N GLY A 7 -11.14 -7.31 -16.18
CA GLY A 7 -9.76 -7.46 -15.76
C GLY A 7 -9.42 -6.54 -14.60
N LEU A 8 -10.30 -6.49 -13.61
CA LEU A 8 -10.09 -5.64 -12.44
C LEU A 8 -8.98 -6.21 -11.55
N PRO A 9 -8.22 -5.32 -10.91
CA PRO A 9 -7.12 -5.69 -10.02
C PRO A 9 -7.62 -6.35 -8.73
N GLN A 10 -6.85 -7.32 -8.24
CA GLN A 10 -7.21 -8.03 -7.02
C GLN A 10 -6.01 -8.19 -6.10
N VAL A 11 -6.26 -8.27 -4.80
CA VAL A 11 -5.19 -8.42 -3.82
C VAL A 11 -5.52 -9.52 -2.82
N GLU A 12 -5.01 -10.72 -3.07
CA GLU A 12 -5.26 -11.86 -2.19
C GLU A 12 -4.67 -11.60 -0.81
N ALA A 13 -3.36 -11.39 -0.75
CA ALA A 13 -2.68 -11.14 0.51
C ALA A 13 -1.52 -10.16 0.32
N TYR A 14 -0.90 -9.77 1.42
CA TYR A 14 0.22 -8.84 1.38
C TYR A 14 1.14 -9.04 2.58
N SER A 15 2.45 -8.93 2.35
CA SER A 15 3.43 -9.09 3.41
C SER A 15 4.64 -8.19 3.18
N PRO A 16 5.29 -7.78 4.29
CA PRO A 16 4.88 -8.17 5.64
C PRO A 16 3.55 -7.52 6.05
N SER A 17 2.75 -8.26 6.79
CA SER A 17 1.46 -7.76 7.26
C SER A 17 1.58 -6.31 7.72
N ALA A 18 2.75 -5.95 8.22
CA ALA A 18 3.00 -4.59 8.70
C ALA A 18 4.45 -4.19 8.51
N CYS A 19 4.73 -2.90 8.63
CA CYS A 19 6.09 -2.39 8.46
C CYS A 19 6.29 -1.11 9.26
N SER A 20 7.53 -0.68 9.37
CA SER A 20 7.87 0.53 10.12
C SER A 20 7.41 1.78 9.37
N VAL A 21 7.22 2.87 10.11
CA VAL A 21 6.78 4.12 9.51
C VAL A 21 7.83 4.68 8.56
N ARG A 22 9.09 4.39 8.85
CA ARG A 22 10.20 4.86 8.02
C ARG A 22 10.11 4.26 6.62
N GLY A 23 9.52 3.07 6.52
CA GLY A 23 9.38 2.41 5.25
C GLY A 23 10.72 1.92 4.71
N GLY A 24 10.96 2.17 3.42
CA GLY A 24 12.20 1.74 2.82
C GLY A 24 12.41 0.24 2.90
N GLU A 25 11.33 -0.51 2.76
CA GLU A 25 11.39 -1.97 2.83
C GLU A 25 10.80 -2.60 1.58
N GLU A 26 10.94 -3.91 1.46
CA GLU A 26 10.43 -4.63 0.30
C GLU A 26 9.01 -5.14 0.57
N LEU A 27 8.02 -4.46 0.03
CA LEU A 27 6.62 -4.83 0.21
C LEU A 27 6.12 -5.61 -1.00
N VAL A 28 5.69 -6.85 -0.76
CA VAL A 28 5.17 -7.69 -1.84
C VAL A 28 3.66 -7.86 -1.72
N LEU A 29 2.94 -7.46 -2.76
CA LEU A 29 1.49 -7.56 -2.78
C LEU A 29 1.04 -8.76 -3.61
N THR A 30 0.34 -9.68 -2.97
CA THR A 30 -0.16 -10.87 -3.65
C THR A 30 -1.54 -10.65 -4.24
N GLY A 31 -1.78 -11.20 -5.42
CA GLY A 31 -3.07 -11.05 -6.06
C GLY A 31 -3.05 -11.52 -7.50
N SER A 32 -3.84 -10.85 -8.34
CA SER A 32 -3.93 -11.21 -9.76
C SER A 32 -4.51 -10.06 -10.58
N ASN A 33 -4.32 -10.13 -11.89
CA ASN A 33 -4.83 -9.10 -12.79
C ASN A 33 -4.20 -7.75 -12.47
N PHE A 34 -2.87 -7.72 -12.39
CA PHE A 34 -2.14 -6.49 -12.10
C PHE A 34 -1.63 -5.85 -13.39
N LEU A 35 -1.10 -4.64 -13.26
CA LEU A 35 -0.58 -3.91 -14.40
C LEU A 35 0.90 -3.58 -14.22
N PRO A 36 1.65 -3.52 -15.34
CA PRO A 36 3.08 -3.23 -15.32
C PRO A 36 3.37 -1.78 -14.93
N ASP A 37 2.33 -0.96 -14.91
CA ASP A 37 2.47 0.45 -14.54
C ASP A 37 1.40 0.86 -13.55
N SER A 38 0.93 -0.10 -12.75
CA SER A 38 -0.10 0.18 -11.76
C SER A 38 0.28 1.37 -10.89
N LYS A 39 -0.67 1.84 -10.09
CA LYS A 39 -0.44 2.98 -9.20
C LYS A 39 -0.86 2.65 -7.78
N VAL A 40 0.04 2.92 -6.83
CA VAL A 40 -0.25 2.67 -5.42
C VAL A 40 -0.12 3.94 -4.60
N VAL A 41 -1.21 4.31 -3.93
CA VAL A 41 -1.23 5.51 -3.10
C VAL A 41 -1.74 5.20 -1.70
N PHE A 42 -1.21 5.91 -0.71
CA PHE A 42 -1.60 5.71 0.67
C PHE A 42 -2.50 6.85 1.16
N ILE A 43 -3.25 6.60 2.22
CA ILE A 43 -4.15 7.60 2.78
C ILE A 43 -4.00 7.69 4.30
N GLU A 44 -4.61 8.71 4.89
CA GLU A 44 -4.55 8.91 6.33
C GLU A 44 -5.80 9.62 6.83
N ARG A 45 -6.38 9.09 7.90
CA ARG A 45 -7.58 9.67 8.49
C ARG A 45 -7.23 10.64 9.60
N GLY A 46 -7.88 11.81 9.59
CA GLY A 46 -7.62 12.82 10.61
C GLY A 46 -8.75 12.93 11.61
N PRO A 47 -8.51 13.67 12.70
CA PRO A 47 -9.51 13.88 13.76
C PRO A 47 -10.67 14.76 13.30
N ASP A 48 -10.59 15.22 12.05
CA ASP A 48 -11.64 16.06 11.49
C ASP A 48 -12.80 15.22 10.97
N GLY A 49 -12.48 14.13 10.30
CA GLY A 49 -13.50 13.25 9.76
C GLY A 49 -13.18 12.77 8.36
N LYS A 50 -12.39 13.55 7.63
CA LYS A 50 -12.01 13.20 6.27
C LYS A 50 -10.50 12.93 6.19
N LEU A 51 -10.13 11.97 5.36
CA LEU A 51 -8.71 11.62 5.18
C LEU A 51 -8.11 12.39 4.01
N GLN A 52 -6.87 12.82 4.17
CA GLN A 52 -6.17 13.56 3.12
C GLN A 52 -4.66 13.37 3.23
N TRP A 53 -4.10 12.56 2.34
CA TRP A 53 -2.67 12.29 2.33
C TRP A 53 -2.19 11.95 0.93
N GLU A 54 -1.34 12.80 0.37
CA GLU A 54 -0.81 12.59 -0.97
C GLU A 54 0.66 12.16 -0.91
N GLU A 55 0.89 10.87 -1.08
CA GLU A 55 2.24 10.33 -1.05
C GLU A 55 2.41 9.20 -2.07
N GLU A 56 3.31 9.41 -3.03
CA GLU A 56 3.56 8.42 -4.06
C GLU A 56 4.53 7.35 -3.57
N ALA A 57 4.26 6.10 -3.94
CA ALA A 57 5.11 4.98 -3.53
C ALA A 57 5.85 4.39 -4.72
N THR A 58 7.17 4.32 -4.62
CA THR A 58 7.99 3.78 -5.69
C THR A 58 7.62 2.32 -5.99
N VAL A 59 7.42 2.03 -7.28
CA VAL A 59 7.06 0.68 -7.70
C VAL A 59 8.17 0.04 -8.51
N ASN A 60 8.35 -1.27 -8.34
CA ASN A 60 9.38 -2.00 -9.06
C ASN A 60 8.78 -2.91 -10.11
N ARG A 61 9.06 -2.62 -11.38
CA ARG A 61 8.54 -3.41 -12.49
C ARG A 61 9.26 -4.76 -12.58
N LEU A 62 10.58 -4.73 -12.38
CA LEU A 62 11.37 -5.96 -12.44
C LEU A 62 10.75 -7.06 -11.61
N GLN A 63 10.43 -6.74 -10.36
CA GLN A 63 9.83 -7.71 -9.45
C GLN A 63 8.34 -7.85 -9.72
N SER A 64 7.66 -6.71 -9.88
CA SER A 64 6.22 -6.71 -10.13
C SER A 64 5.88 -7.61 -11.31
N ASN A 65 4.85 -8.43 -11.13
CA ASN A 65 4.43 -9.35 -12.19
C ASN A 65 2.90 -9.29 -12.38
N GLU A 66 2.41 -10.02 -13.36
CA GLU A 66 0.98 -10.06 -13.64
C GLU A 66 0.18 -10.34 -12.38
N VAL A 67 0.78 -11.10 -11.47
CA VAL A 67 0.13 -11.45 -10.21
C VAL A 67 1.00 -11.10 -9.01
N THR A 68 1.79 -10.04 -9.16
CA THR A 68 2.68 -9.60 -8.09
C THR A 68 2.99 -8.11 -8.21
N LEU A 69 3.19 -7.47 -7.06
CA LEU A 69 3.50 -6.03 -7.04
C LEU A 69 4.46 -5.70 -5.91
N THR A 70 5.71 -5.42 -6.26
CA THR A 70 6.73 -5.09 -5.27
C THR A 70 7.01 -3.59 -5.25
N LEU A 71 6.79 -2.97 -4.10
CA LEU A 71 7.01 -1.53 -3.95
C LEU A 71 7.77 -1.24 -2.65
N THR A 72 8.16 0.02 -2.48
CA THR A 72 8.89 0.44 -1.28
C THR A 72 8.02 1.30 -0.38
N VAL A 73 7.70 0.77 0.80
CA VAL A 73 6.87 1.49 1.76
C VAL A 73 7.25 2.98 1.82
N PRO A 74 6.26 3.85 1.60
CA PRO A 74 6.47 5.30 1.62
C PRO A 74 6.74 5.82 3.02
N GLU A 75 7.23 7.06 3.10
CA GLU A 75 7.53 7.69 4.38
C GLU A 75 6.30 8.34 4.98
N TYR A 76 5.87 7.83 6.13
CA TYR A 76 4.69 8.37 6.81
C TYR A 76 4.97 9.77 7.36
N SER A 77 3.93 10.59 7.43
CA SER A 77 4.06 11.95 7.93
C SER A 77 4.57 11.95 9.37
N ASN A 78 3.79 11.38 10.28
CA ASN A 78 4.16 11.32 11.68
C ASN A 78 4.96 10.05 11.98
N LYS A 79 6.28 10.16 11.95
CA LYS A 79 7.15 9.03 12.21
C LYS A 79 7.58 9.01 13.67
N ARG A 80 7.80 10.18 14.24
CA ARG A 80 8.22 10.29 15.64
C ARG A 80 7.04 10.05 16.57
N VAL A 81 6.34 8.94 16.37
CA VAL A 81 5.19 8.60 17.19
C VAL A 81 5.51 7.42 18.10
N SER A 82 5.19 7.58 19.39
CA SER A 82 5.44 6.53 20.37
C SER A 82 4.57 5.30 20.09
N ARG A 83 3.41 5.54 19.51
CA ARG A 83 2.49 4.45 19.18
C ARG A 83 2.34 4.30 17.67
N PRO A 84 2.02 3.07 17.23
CA PRO A 84 1.84 2.76 15.80
C PRO A 84 0.59 3.39 15.23
N VAL A 85 0.70 3.93 14.03
CA VAL A 85 -0.44 4.57 13.36
C VAL A 85 -1.09 3.62 12.36
N GLN A 86 -2.39 3.75 12.19
CA GLN A 86 -3.14 2.91 11.26
C GLN A 86 -3.39 3.63 9.95
N VAL A 87 -2.95 3.02 8.85
CA VAL A 87 -3.13 3.60 7.52
C VAL A 87 -3.69 2.58 6.54
N TYR A 88 -3.94 3.02 5.32
CA TYR A 88 -4.49 2.15 4.29
C TYR A 88 -3.92 2.50 2.92
N PHE A 89 -4.00 1.55 1.99
CA PHE A 89 -3.49 1.76 0.64
C PHE A 89 -4.26 0.90 -0.37
N TYR A 90 -4.26 1.34 -1.63
CA TYR A 90 -4.96 0.61 -2.68
C TYR A 90 -4.27 0.82 -4.02
N VAL A 91 -4.74 0.10 -5.04
CA VAL A 91 -4.17 0.20 -6.38
C VAL A 91 -5.14 0.87 -7.34
N SER A 92 -4.68 1.94 -7.98
CA SER A 92 -5.51 2.68 -8.93
C SER A 92 -5.08 2.41 -10.36
N ASN A 93 -5.98 1.83 -11.15
CA ASN A 93 -5.69 1.52 -12.55
C ASN A 93 -6.77 2.07 -13.46
N GLY A 94 -6.48 3.17 -14.13
CA GLY A 94 -7.43 3.78 -15.03
C GLY A 94 -8.12 4.98 -14.41
N ARG A 95 -9.45 5.01 -14.51
CA ARG A 95 -10.23 6.11 -13.96
C ARG A 95 -11.18 5.62 -12.87
N ARG A 96 -12.06 4.69 -13.23
CA ARG A 96 -13.03 4.13 -12.30
C ARG A 96 -12.77 2.64 -12.08
N LYS A 97 -11.51 2.24 -12.16
CA LYS A 97 -11.13 0.84 -11.97
C LYS A 97 -9.94 0.73 -11.03
N ARG A 98 -10.23 0.49 -9.75
CA ARG A 98 -9.17 0.36 -8.75
C ARG A 98 -9.51 -0.74 -7.74
N SER A 99 -8.63 -0.95 -6.78
CA SER A 99 -8.83 -1.97 -5.76
C SER A 99 -9.22 -1.33 -4.42
N PRO A 100 -9.80 -2.15 -3.53
CA PRO A 100 -10.21 -1.70 -2.20
C PRO A 100 -9.02 -1.37 -1.29
N THR A 101 -9.29 -0.63 -0.22
CA THR A 101 -8.24 -0.26 0.72
C THR A 101 -7.91 -1.41 1.66
N GLN A 102 -6.62 -1.68 1.83
CA GLN A 102 -6.16 -2.76 2.69
C GLN A 102 -5.80 -2.24 4.08
N SER A 103 -6.19 -2.97 5.12
CA SER A 103 -5.91 -2.57 6.48
C SER A 103 -4.43 -2.73 6.80
N PHE A 104 -3.74 -1.60 6.98
CA PHE A 104 -2.32 -1.61 7.28
C PHE A 104 -2.01 -0.75 8.50
N ARG A 105 -0.81 -0.90 9.04
CA ARG A 105 -0.40 -0.14 10.22
C ARG A 105 1.12 0.00 10.27
N PHE A 106 1.60 1.23 10.48
CA PHE A 106 3.02 1.49 10.55
C PHE A 106 3.52 1.44 12.00
N LEU A 107 4.52 0.61 12.25
CA LEU A 107 5.08 0.48 13.59
C LEU A 107 6.15 1.53 13.84
N PRO A 108 6.22 2.01 15.10
CA PRO A 108 7.19 3.04 15.50
C PRO A 108 8.62 2.50 15.52
N VAL A 109 9.57 3.35 15.12
CA VAL A 109 10.97 2.96 15.10
C VAL A 109 11.70 3.45 16.33
N ILE A 110 11.25 4.57 16.88
CA ILE A 110 11.85 5.14 18.08
C ILE A 110 12.36 4.05 19.01
N CYS A 111 13.64 4.13 19.37
CA CYS A 111 14.25 3.14 20.26
C CYS A 111 13.83 3.40 21.71
N LYS A 112 13.35 2.36 22.37
CA LYS A 112 12.91 2.46 23.75
C LYS A 112 14.05 2.11 24.71
N GLU A 113 14.35 3.03 25.62
CA GLU A 113 15.42 2.81 26.59
C GLU A 113 15.48 1.35 27.01
N GLU A 114 16.59 0.69 26.67
CA GLU A 114 16.78 -0.72 27.01
C GLU A 114 17.45 -0.86 28.37
N GLY A 1 -6.67 -17.13 -19.49
CA GLY A 1 -7.67 -17.59 -20.44
C GLY A 1 -9.06 -17.10 -20.10
N SER A 2 -9.30 -15.80 -20.28
CA SER A 2 -10.61 -15.21 -19.98
C SER A 2 -10.93 -15.35 -18.50
N SER A 3 -9.94 -15.11 -17.64
CA SER A 3 -10.12 -15.21 -16.20
C SER A 3 -9.80 -13.88 -15.52
N GLY A 4 -10.78 -12.99 -15.48
CA GLY A 4 -10.59 -11.70 -14.85
C GLY A 4 -11.88 -10.95 -14.63
N SER A 5 -12.35 -10.92 -13.40
CA SER A 5 -13.60 -10.24 -13.06
C SER A 5 -13.54 -8.78 -13.48
N SER A 6 -14.30 -8.43 -14.50
CA SER A 6 -14.34 -7.05 -15.00
C SER A 6 -12.93 -6.46 -15.06
N GLY A 7 -11.94 -7.32 -15.23
CA GLY A 7 -10.57 -6.87 -15.30
C GLY A 7 -10.19 -5.97 -14.13
N LEU A 8 -10.59 -6.38 -12.93
CA LEU A 8 -10.30 -5.61 -11.72
C LEU A 8 -9.13 -6.22 -10.96
N PRO A 9 -8.29 -5.36 -10.37
CA PRO A 9 -7.13 -5.79 -9.59
C PRO A 9 -7.52 -6.46 -8.28
N GLN A 10 -7.00 -7.66 -8.04
CA GLN A 10 -7.29 -8.41 -6.82
C GLN A 10 -6.08 -8.45 -5.90
N VAL A 11 -6.34 -8.57 -4.60
CA VAL A 11 -5.27 -8.62 -3.61
C VAL A 11 -5.46 -9.79 -2.66
N GLU A 12 -4.86 -10.93 -2.99
CA GLU A 12 -4.97 -12.12 -2.17
C GLU A 12 -4.41 -11.86 -0.77
N ALA A 13 -3.12 -11.59 -0.69
CA ALA A 13 -2.46 -11.34 0.58
C ALA A 13 -1.31 -10.34 0.41
N TYR A 14 -0.69 -9.97 1.52
CA TYR A 14 0.42 -9.03 1.50
C TYR A 14 1.36 -9.26 2.68
N SER A 15 2.63 -8.89 2.50
CA SER A 15 3.63 -9.05 3.54
C SER A 15 4.82 -8.13 3.31
N PRO A 16 5.44 -7.69 4.41
CA PRO A 16 5.03 -8.06 5.77
C PRO A 16 3.70 -7.43 6.16
N SER A 17 2.88 -8.19 6.87
CA SER A 17 1.57 -7.71 7.31
C SER A 17 1.65 -6.25 7.75
N ALA A 18 2.79 -5.86 8.32
CA ALA A 18 2.99 -4.50 8.78
C ALA A 18 4.44 -4.06 8.56
N CYS A 19 4.70 -2.78 8.82
CA CYS A 19 6.04 -2.23 8.65
C CYS A 19 6.26 -1.05 9.59
N SER A 20 7.50 -0.54 9.61
CA SER A 20 7.84 0.59 10.46
C SER A 20 7.46 1.90 9.80
N VAL A 21 7.12 2.90 10.61
CA VAL A 21 6.74 4.21 10.10
C VAL A 21 7.84 4.81 9.23
N ARG A 22 9.03 4.19 9.29
CA ARG A 22 10.16 4.67 8.51
C ARG A 22 10.05 4.21 7.06
N GLY A 23 9.48 3.02 6.87
CA GLY A 23 9.33 2.48 5.53
C GLY A 23 10.64 1.97 4.95
N GLY A 24 10.94 2.37 3.72
CA GLY A 24 12.17 1.95 3.08
C GLY A 24 12.38 0.45 3.16
N GLU A 25 11.30 -0.31 2.95
CA GLU A 25 11.37 -1.77 3.02
C GLU A 25 10.77 -2.38 1.75
N GLU A 26 10.98 -3.69 1.59
CA GLU A 26 10.45 -4.40 0.43
C GLU A 26 9.08 -5.00 0.73
N LEU A 27 8.08 -4.55 -0.01
CA LEU A 27 6.72 -5.03 0.17
C LEU A 27 6.22 -5.75 -1.08
N VAL A 28 5.71 -6.96 -0.90
CA VAL A 28 5.20 -7.76 -2.02
C VAL A 28 3.71 -8.03 -1.85
N LEU A 29 2.93 -7.68 -2.87
CA LEU A 29 1.49 -7.88 -2.85
C LEU A 29 1.10 -9.07 -3.72
N THR A 30 0.26 -9.95 -3.17
CA THR A 30 -0.20 -11.13 -3.91
C THR A 30 -1.62 -10.93 -4.44
N GLY A 31 -1.84 -11.31 -5.69
CA GLY A 31 -3.15 -11.17 -6.28
C GLY A 31 -3.15 -11.50 -7.77
N SER A 32 -3.92 -10.74 -8.54
CA SER A 32 -4.01 -10.96 -9.98
C SER A 32 -4.75 -9.80 -10.65
N ASN A 33 -4.61 -9.72 -11.98
CA ASN A 33 -5.26 -8.66 -12.74
C ASN A 33 -4.61 -7.31 -12.49
N PHE A 34 -3.28 -7.28 -12.53
CA PHE A 34 -2.54 -6.06 -12.29
C PHE A 34 -2.02 -5.48 -13.60
N LEU A 35 -1.43 -4.29 -13.52
CA LEU A 35 -0.89 -3.63 -14.71
C LEU A 35 0.61 -3.38 -14.57
N PRO A 36 1.32 -3.34 -15.70
CA PRO A 36 2.77 -3.10 -15.73
C PRO A 36 3.13 -1.68 -15.34
N ASP A 37 2.13 -0.80 -15.33
CA ASP A 37 2.36 0.60 -14.98
C ASP A 37 1.34 1.06 -13.93
N SER A 38 0.95 0.15 -13.05
CA SER A 38 -0.02 0.45 -12.00
C SER A 38 0.53 1.51 -11.05
N LYS A 39 -0.31 1.97 -10.13
CA LYS A 39 0.09 2.97 -9.15
C LYS A 39 -0.42 2.62 -7.77
N VAL A 40 0.39 2.87 -6.75
CA VAL A 40 0.02 2.58 -5.37
C VAL A 40 0.20 3.80 -4.49
N VAL A 41 -0.90 4.27 -3.90
CA VAL A 41 -0.86 5.43 -3.03
C VAL A 41 -1.41 5.10 -1.64
N PHE A 42 -0.91 5.81 -0.63
CA PHE A 42 -1.36 5.59 0.75
C PHE A 42 -2.27 6.72 1.21
N ILE A 43 -3.18 6.40 2.13
CA ILE A 43 -4.10 7.38 2.65
C ILE A 43 -4.06 7.42 4.18
N GLU A 44 -4.36 8.58 4.74
CA GLU A 44 -4.36 8.75 6.20
C GLU A 44 -5.62 9.46 6.67
N ARG A 45 -6.19 8.97 7.76
CA ARG A 45 -7.41 9.55 8.31
C ARG A 45 -7.08 10.55 9.41
N GLY A 46 -7.59 11.78 9.28
CA GLY A 46 -7.34 12.80 10.27
C GLY A 46 -8.47 12.92 11.28
N PRO A 47 -8.17 13.55 12.42
CA PRO A 47 -9.17 13.74 13.49
C PRO A 47 -10.24 14.74 13.11
N ASP A 48 -10.12 15.31 11.92
CA ASP A 48 -11.09 16.28 11.42
C ASP A 48 -12.35 15.58 10.89
N GLY A 49 -12.14 14.53 10.11
CA GLY A 49 -13.25 13.79 9.53
C GLY A 49 -12.93 13.21 8.17
N LYS A 50 -12.08 13.92 7.42
CA LYS A 50 -11.69 13.47 6.08
C LYS A 50 -10.22 13.07 6.06
N LEU A 51 -9.86 12.23 5.09
CA LEU A 51 -8.49 11.77 4.95
C LEU A 51 -7.78 12.50 3.81
N GLN A 52 -6.52 12.86 4.03
CA GLN A 52 -5.74 13.57 3.03
C GLN A 52 -4.25 13.29 3.19
N TRP A 53 -3.71 12.46 2.30
CA TRP A 53 -2.30 12.09 2.36
C TRP A 53 -1.76 11.82 0.95
N GLU A 54 -0.94 12.73 0.44
CA GLU A 54 -0.36 12.58 -0.89
C GLU A 54 1.08 12.09 -0.80
N GLU A 55 1.26 10.78 -0.97
CA GLU A 55 2.58 10.18 -0.90
C GLU A 55 2.75 9.10 -1.97
N GLU A 56 3.95 9.00 -2.52
CA GLU A 56 4.24 8.01 -3.56
C GLU A 56 5.26 6.98 -3.06
N ALA A 57 5.04 5.73 -3.42
CA ALA A 57 5.93 4.65 -3.01
C ALA A 57 6.70 4.08 -4.21
N THR A 58 8.00 3.93 -4.05
CA THR A 58 8.85 3.40 -5.12
C THR A 58 8.41 2.01 -5.53
N VAL A 59 7.84 1.88 -6.73
CA VAL A 59 7.38 0.61 -7.24
C VAL A 59 8.38 0.02 -8.23
N ASN A 60 8.67 -1.27 -8.07
CA ASN A 60 9.62 -1.95 -8.95
C ASN A 60 8.88 -2.66 -10.08
N ARG A 61 8.67 -1.93 -11.18
CA ARG A 61 7.98 -2.49 -12.34
C ARG A 61 8.76 -3.65 -12.93
N LEU A 62 10.08 -3.61 -12.80
CA LEU A 62 10.94 -4.66 -13.32
C LEU A 62 10.58 -6.01 -12.71
N GLN A 63 10.41 -6.03 -11.40
CA GLN A 63 10.06 -7.26 -10.69
C GLN A 63 8.56 -7.49 -10.73
N SER A 64 7.79 -6.47 -10.39
CA SER A 64 6.33 -6.56 -10.38
C SER A 64 5.83 -7.26 -11.64
N ASN A 65 4.91 -8.21 -11.46
CA ASN A 65 4.35 -8.95 -12.57
C ASN A 65 2.85 -8.68 -12.71
N GLU A 66 2.22 -9.34 -13.68
CA GLU A 66 0.79 -9.17 -13.90
C GLU A 66 -0.02 -9.73 -12.74
N VAL A 67 0.64 -10.49 -11.87
CA VAL A 67 -0.03 -11.07 -10.72
C VAL A 67 0.68 -10.66 -9.42
N THR A 68 1.85 -10.07 -9.55
CA THR A 68 2.63 -9.63 -8.40
C THR A 68 2.93 -8.14 -8.47
N LEU A 69 2.90 -7.48 -7.32
CA LEU A 69 3.17 -6.06 -7.25
C LEU A 69 4.21 -5.75 -6.17
N THR A 70 5.45 -5.50 -6.60
CA THR A 70 6.53 -5.19 -5.67
C THR A 70 6.70 -3.69 -5.51
N LEU A 71 6.61 -3.22 -4.27
CA LEU A 71 6.76 -1.79 -3.98
C LEU A 71 7.53 -1.58 -2.68
N THR A 72 7.90 -0.33 -2.41
CA THR A 72 8.64 0.00 -1.21
C THR A 72 7.81 0.90 -0.29
N VAL A 73 7.47 0.37 0.88
CA VAL A 73 6.68 1.12 1.85
C VAL A 73 7.17 2.57 1.96
N PRO A 74 6.26 3.51 1.69
CA PRO A 74 6.57 4.95 1.76
C PRO A 74 6.80 5.43 3.18
N GLU A 75 7.27 6.67 3.31
CA GLU A 75 7.53 7.25 4.63
C GLU A 75 6.28 7.91 5.19
N TYR A 76 6.05 7.72 6.49
CA TYR A 76 4.89 8.31 7.15
C TYR A 76 5.12 9.77 7.48
N SER A 77 4.04 10.56 7.46
CA SER A 77 4.13 11.98 7.75
C SER A 77 4.41 12.22 9.23
N ASN A 78 3.56 11.63 10.08
CA ASN A 78 3.71 11.79 11.53
C ASN A 78 4.40 10.57 12.13
N LYS A 79 5.72 10.65 12.24
CA LYS A 79 6.51 9.55 12.80
C LYS A 79 6.76 9.77 14.28
N ARG A 80 7.09 11.00 14.65
CA ARG A 80 7.35 11.34 16.04
C ARG A 80 6.45 10.53 16.98
N VAL A 81 5.20 10.32 16.55
CA VAL A 81 4.25 9.57 17.35
C VAL A 81 4.90 8.36 18.00
N SER A 82 4.57 8.12 19.27
CA SER A 82 5.13 7.00 20.01
C SER A 82 4.32 5.73 19.76
N ARG A 83 3.09 5.90 19.31
CA ARG A 83 2.22 4.77 19.02
C ARG A 83 2.06 4.56 17.52
N PRO A 84 1.74 3.32 17.12
CA PRO A 84 1.55 2.96 15.71
C PRO A 84 0.29 3.58 15.11
N VAL A 85 0.32 3.84 13.81
CA VAL A 85 -0.82 4.44 13.12
C VAL A 85 -1.43 3.45 12.12
N GLN A 86 -2.75 3.48 12.02
CA GLN A 86 -3.46 2.59 11.09
C GLN A 86 -3.80 3.32 9.80
N VAL A 87 -3.02 3.05 8.75
CA VAL A 87 -3.24 3.67 7.45
C VAL A 87 -3.75 2.65 6.44
N TYR A 88 -4.32 3.15 5.35
CA TYR A 88 -4.85 2.29 4.30
C TYR A 88 -4.24 2.63 2.95
N PHE A 89 -4.32 1.70 2.01
CA PHE A 89 -3.77 1.90 0.67
C PHE A 89 -4.56 1.12 -0.37
N TYR A 90 -4.58 1.62 -1.60
CA TYR A 90 -5.31 0.97 -2.68
C TYR A 90 -4.50 1.01 -3.98
N VAL A 91 -5.01 0.33 -5.00
CA VAL A 91 -4.33 0.29 -6.30
C VAL A 91 -5.22 0.86 -7.40
N SER A 92 -4.76 1.94 -8.02
CA SER A 92 -5.52 2.57 -9.10
C SER A 92 -5.14 1.98 -10.46
N ASN A 93 -6.12 1.36 -11.10
CA ASN A 93 -5.90 0.75 -12.42
C ASN A 93 -7.02 1.12 -13.37
N GLY A 94 -6.74 2.04 -14.29
CA GLY A 94 -7.73 2.46 -15.26
C GLY A 94 -8.46 3.71 -14.83
N ARG A 95 -9.77 3.75 -15.09
CA ARG A 95 -10.59 4.91 -14.74
C ARG A 95 -11.48 4.59 -13.54
N ARG A 96 -12.52 3.79 -13.78
CA ARG A 96 -13.45 3.42 -12.72
C ARG A 96 -13.18 2.00 -12.24
N LYS A 97 -11.91 1.61 -12.25
CA LYS A 97 -11.51 0.28 -11.81
C LYS A 97 -10.38 0.35 -10.80
N ARG A 98 -10.74 0.42 -9.52
CA ARG A 98 -9.74 0.49 -8.45
C ARG A 98 -9.79 -0.76 -7.58
N SER A 99 -8.89 -0.83 -6.59
CA SER A 99 -8.83 -1.97 -5.69
C SER A 99 -9.24 -1.57 -4.29
N PRO A 100 -9.72 -2.56 -3.51
CA PRO A 100 -10.16 -2.33 -2.13
C PRO A 100 -9.00 -2.02 -1.19
N THR A 101 -9.21 -1.07 -0.29
CA THR A 101 -8.18 -0.69 0.67
C THR A 101 -7.87 -1.82 1.64
N GLN A 102 -6.60 -1.93 2.02
CA GLN A 102 -6.17 -2.97 2.94
C GLN A 102 -5.80 -2.38 4.29
N SER A 103 -6.16 -3.08 5.36
CA SER A 103 -5.87 -2.62 6.72
C SER A 103 -4.39 -2.78 7.03
N PHE A 104 -3.70 -1.65 7.22
CA PHE A 104 -2.28 -1.65 7.53
C PHE A 104 -1.98 -0.82 8.76
N ARG A 105 -0.77 -0.96 9.29
CA ARG A 105 -0.36 -0.22 10.48
C ARG A 105 1.15 -0.05 10.52
N PHE A 106 1.60 1.15 10.88
CA PHE A 106 3.02 1.43 10.96
C PHE A 106 3.49 1.47 12.41
N LEU A 107 4.56 0.72 12.70
CA LEU A 107 5.11 0.66 14.05
C LEU A 107 6.17 1.74 14.25
N PRO A 108 6.21 2.32 15.46
CA PRO A 108 7.17 3.36 15.81
C PRO A 108 8.60 2.82 15.93
N VAL A 109 9.53 3.48 15.26
CA VAL A 109 10.93 3.07 15.29
C VAL A 109 11.62 3.54 16.57
N ILE A 110 11.14 4.66 17.12
CA ILE A 110 11.71 5.22 18.34
C ILE A 110 12.18 4.11 19.28
N CYS A 111 13.44 4.18 19.69
CA CYS A 111 14.01 3.18 20.59
C CYS A 111 14.65 3.85 21.79
N LYS A 112 14.43 3.27 22.98
CA LYS A 112 14.98 3.82 24.20
C LYS A 112 16.41 3.32 24.42
N GLU A 113 17.14 4.00 25.29
CA GLU A 113 18.53 3.62 25.58
C GLU A 113 18.99 4.25 26.90
N GLU A 114 19.78 3.49 27.66
CA GLU A 114 20.29 3.98 28.94
C GLU A 114 20.71 5.44 28.84
N GLY A 1 -10.48 -15.60 -15.98
CA GLY A 1 -11.79 -14.98 -15.92
C GLY A 1 -12.35 -14.68 -17.30
N SER A 2 -13.08 -15.63 -17.87
CA SER A 2 -13.67 -15.47 -19.19
C SER A 2 -15.14 -15.06 -19.08
N SER A 3 -15.43 -14.17 -18.15
CA SER A 3 -16.79 -13.69 -17.95
C SER A 3 -16.98 -12.30 -18.55
N GLY A 4 -17.17 -12.26 -19.86
CA GLY A 4 -17.35 -10.99 -20.54
C GLY A 4 -16.05 -10.25 -20.76
N SER A 5 -16.15 -8.94 -20.96
CA SER A 5 -14.96 -8.11 -21.18
C SER A 5 -14.79 -7.10 -20.06
N SER A 6 -13.78 -7.33 -19.22
CA SER A 6 -13.50 -6.45 -18.09
C SER A 6 -12.09 -6.68 -17.55
N GLY A 7 -11.68 -5.85 -16.61
CA GLY A 7 -10.36 -5.98 -16.04
C GLY A 7 -10.21 -5.18 -14.75
N LEU A 8 -10.45 -5.83 -13.62
CA LEU A 8 -10.33 -5.19 -12.32
C LEU A 8 -9.17 -5.75 -11.51
N PRO A 9 -8.49 -4.89 -10.76
CA PRO A 9 -7.35 -5.29 -9.94
C PRO A 9 -7.77 -6.14 -8.74
N GLN A 10 -7.03 -7.22 -8.49
CA GLN A 10 -7.34 -8.11 -7.39
C GLN A 10 -6.15 -8.20 -6.41
N VAL A 11 -6.46 -8.25 -5.13
CA VAL A 11 -5.42 -8.34 -4.10
C VAL A 11 -5.67 -9.50 -3.16
N GLU A 12 -5.04 -10.64 -3.43
CA GLU A 12 -5.19 -11.83 -2.62
C GLU A 12 -4.72 -11.58 -1.19
N ALA A 13 -3.43 -11.26 -1.05
CA ALA A 13 -2.85 -10.98 0.26
C ALA A 13 -1.71 -9.98 0.15
N TYR A 14 -1.10 -9.66 1.29
CA TYR A 14 0.01 -8.71 1.32
C TYR A 14 0.86 -8.92 2.58
N SER A 15 2.18 -8.91 2.39
CA SER A 15 3.10 -9.10 3.51
C SER A 15 4.31 -8.18 3.36
N PRO A 16 4.92 -7.82 4.51
CA PRO A 16 4.46 -8.27 5.82
C PRO A 16 3.12 -7.63 6.22
N SER A 17 2.50 -8.18 7.26
CA SER A 17 1.23 -7.68 7.73
C SER A 17 1.39 -6.32 8.41
N ALA A 18 2.64 -5.90 8.59
CA ALA A 18 2.94 -4.63 9.23
C ALA A 18 4.40 -4.24 9.02
N CYS A 19 4.66 -2.94 8.97
CA CYS A 19 6.02 -2.44 8.78
C CYS A 19 6.28 -1.21 9.64
N SER A 20 7.47 -0.64 9.51
CA SER A 20 7.84 0.54 10.29
C SER A 20 7.31 1.81 9.64
N VAL A 21 7.31 2.91 10.41
CA VAL A 21 6.83 4.19 9.91
C VAL A 21 7.84 4.82 8.97
N ARG A 22 9.05 4.27 8.94
CA ARG A 22 10.11 4.79 8.09
C ARG A 22 10.06 4.13 6.71
N GLY A 23 9.21 3.12 6.57
CA GLY A 23 9.07 2.43 5.30
C GLY A 23 10.42 2.02 4.73
N GLY A 24 10.71 2.47 3.52
CA GLY A 24 11.96 2.14 2.88
C GLY A 24 12.23 0.64 2.86
N GLU A 25 11.17 -0.14 3.04
CA GLU A 25 11.29 -1.60 3.05
C GLU A 25 10.71 -2.20 1.78
N GLU A 26 11.01 -3.47 1.54
CA GLU A 26 10.51 -4.16 0.35
C GLU A 26 9.15 -4.80 0.63
N LEU A 27 8.12 -4.25 0.02
CA LEU A 27 6.76 -4.77 0.20
C LEU A 27 6.29 -5.50 -1.05
N VAL A 28 5.65 -6.65 -0.86
CA VAL A 28 5.14 -7.44 -1.97
C VAL A 28 3.64 -7.68 -1.83
N LEU A 29 2.90 -7.36 -2.88
CA LEU A 29 1.45 -7.54 -2.88
C LEU A 29 1.05 -8.71 -3.77
N THR A 30 0.57 -9.79 -3.15
CA THR A 30 0.16 -10.97 -3.90
C THR A 30 -1.26 -10.80 -4.44
N GLY A 31 -1.41 -11.04 -5.74
CA GLY A 31 -2.71 -10.90 -6.37
C GLY A 31 -2.70 -11.30 -7.83
N SER A 32 -3.62 -10.73 -8.61
CA SER A 32 -3.71 -11.03 -10.03
C SER A 32 -4.30 -9.85 -10.80
N ASN A 33 -4.28 -9.95 -12.12
CA ASN A 33 -4.80 -8.88 -12.97
C ASN A 33 -4.16 -7.54 -12.64
N PHE A 34 -2.83 -7.54 -12.54
CA PHE A 34 -2.10 -6.32 -12.23
C PHE A 34 -1.55 -5.68 -13.49
N LEU A 35 -1.67 -4.36 -13.58
CA LEU A 35 -1.19 -3.62 -14.74
C LEU A 35 0.29 -3.26 -14.58
N PRO A 36 0.99 -3.12 -15.72
CA PRO A 36 2.41 -2.78 -15.74
C PRO A 36 2.66 -1.34 -15.28
N ASP A 37 1.60 -0.55 -15.23
CA ASP A 37 1.72 0.85 -14.81
C ASP A 37 0.90 1.10 -13.55
N SER A 38 0.41 0.03 -12.94
CA SER A 38 -0.40 0.13 -11.73
C SER A 38 0.19 1.18 -10.78
N LYS A 39 -0.66 1.73 -9.93
CA LYS A 39 -0.23 2.74 -8.97
C LYS A 39 -0.67 2.37 -7.55
N VAL A 40 0.19 2.68 -6.57
CA VAL A 40 -0.12 2.38 -5.18
C VAL A 40 0.01 3.63 -4.32
N VAL A 41 -1.12 4.16 -3.87
CA VAL A 41 -1.13 5.35 -3.03
C VAL A 41 -1.63 5.03 -1.63
N PHE A 42 -1.18 5.82 -0.65
CA PHE A 42 -1.59 5.62 0.73
C PHE A 42 -2.44 6.78 1.23
N ILE A 43 -3.45 6.47 2.03
CA ILE A 43 -4.34 7.49 2.57
C ILE A 43 -4.34 7.47 4.09
N GLU A 44 -4.70 8.61 4.69
CA GLU A 44 -4.73 8.72 6.14
C GLU A 44 -5.95 9.50 6.60
N ARG A 45 -6.59 9.05 7.69
CA ARG A 45 -7.77 9.71 8.22
C ARG A 45 -7.39 10.68 9.33
N GLY A 46 -7.99 11.86 9.31
CA GLY A 46 -7.71 12.87 10.31
C GLY A 46 -8.87 13.07 11.27
N PRO A 47 -8.69 13.98 12.24
CA PRO A 47 -9.71 14.29 13.25
C PRO A 47 -10.90 15.03 12.65
N ASP A 48 -10.62 15.95 11.72
CA ASP A 48 -11.66 16.73 11.07
C ASP A 48 -12.79 15.83 10.58
N GLY A 49 -12.43 14.61 10.16
CA GLY A 49 -13.41 13.67 9.67
C GLY A 49 -13.11 13.19 8.26
N LYS A 50 -12.33 13.97 7.53
CA LYS A 50 -11.96 13.63 6.17
C LYS A 50 -10.49 13.21 6.08
N LEU A 51 -10.19 12.33 5.14
CA LEU A 51 -8.82 11.85 4.96
C LEU A 51 -8.12 12.62 3.85
N GLN A 52 -6.87 12.98 4.09
CA GLN A 52 -6.08 13.73 3.11
C GLN A 52 -4.59 13.41 3.24
N TRP A 53 -4.08 12.63 2.31
CA TRP A 53 -2.66 12.26 2.33
C TRP A 53 -2.15 11.97 0.93
N GLU A 54 -1.20 12.78 0.47
CA GLU A 54 -0.63 12.61 -0.86
C GLU A 54 0.79 12.07 -0.78
N GLU A 55 0.93 10.76 -1.00
CA GLU A 55 2.23 10.12 -0.95
C GLU A 55 2.35 9.04 -2.03
N GLU A 56 3.31 9.22 -2.93
CA GLU A 56 3.53 8.27 -4.01
C GLU A 56 4.61 7.26 -3.64
N ALA A 57 4.33 5.98 -3.92
CA ALA A 57 5.28 4.91 -3.61
C ALA A 57 5.95 4.40 -4.88
N THR A 58 7.24 4.08 -4.77
CA THR A 58 8.01 3.58 -5.90
C THR A 58 7.69 2.12 -6.18
N VAL A 59 7.61 1.77 -7.46
CA VAL A 59 7.31 0.40 -7.85
C VAL A 59 8.47 -0.20 -8.64
N ASN A 60 9.01 -1.30 -8.14
CA ASN A 60 10.12 -1.98 -8.79
C ASN A 60 9.61 -3.02 -9.79
N ARG A 61 9.51 -2.61 -11.06
CA ARG A 61 9.04 -3.50 -12.11
C ARG A 61 9.99 -4.69 -12.29
N LEU A 62 11.25 -4.49 -11.92
CA LEU A 62 12.26 -5.53 -12.04
C LEU A 62 11.88 -6.75 -11.19
N GLN A 63 10.92 -6.55 -10.29
CA GLN A 63 10.47 -7.63 -9.42
C GLN A 63 8.97 -7.86 -9.56
N SER A 64 8.23 -6.77 -9.75
CA SER A 64 6.78 -6.86 -9.90
C SER A 64 6.41 -7.63 -11.15
N ASN A 65 5.41 -8.51 -11.03
CA ASN A 65 4.96 -9.31 -12.16
C ASN A 65 3.48 -9.08 -12.44
N GLU A 66 2.93 -9.85 -13.37
CA GLU A 66 1.52 -9.72 -13.72
C GLU A 66 0.63 -10.14 -12.56
N VAL A 67 1.17 -10.98 -11.68
CA VAL A 67 0.42 -11.46 -10.52
C VAL A 67 1.13 -11.08 -9.22
N THR A 68 1.99 -10.07 -9.29
CA THR A 68 2.72 -9.60 -8.12
C THR A 68 3.10 -8.13 -8.26
N LEU A 69 2.90 -7.37 -7.19
CA LEU A 69 3.23 -5.95 -7.19
C LEU A 69 4.27 -5.62 -6.11
N THR A 70 5.51 -5.41 -6.53
CA THR A 70 6.59 -5.09 -5.61
C THR A 70 6.83 -3.59 -5.55
N LEU A 71 6.73 -3.02 -4.35
CA LEU A 71 6.93 -1.59 -4.16
C LEU A 71 7.69 -1.32 -2.86
N THR A 72 8.12 -0.08 -2.68
CA THR A 72 8.85 0.31 -1.48
C THR A 72 7.96 1.11 -0.53
N VAL A 73 7.51 0.46 0.54
CA VAL A 73 6.65 1.12 1.52
C VAL A 73 7.09 2.56 1.75
N PRO A 74 6.15 3.50 1.55
CA PRO A 74 6.40 4.93 1.74
C PRO A 74 6.61 5.30 3.21
N GLU A 75 7.19 6.47 3.44
CA GLU A 75 7.43 6.94 4.80
C GLU A 75 6.23 7.71 5.33
N TYR A 76 5.76 7.33 6.51
CA TYR A 76 4.62 7.98 7.13
C TYR A 76 4.97 9.41 7.55
N SER A 77 4.07 10.35 7.26
CA SER A 77 4.28 11.74 7.60
C SER A 77 4.92 11.88 8.98
N ASN A 78 4.20 11.40 10.00
CA ASN A 78 4.69 11.46 11.38
C ASN A 78 5.56 10.24 11.70
N LYS A 79 6.88 10.44 11.63
CA LYS A 79 7.82 9.36 11.92
C LYS A 79 8.32 9.45 13.35
N ARG A 80 8.00 10.55 14.03
CA ARG A 80 8.42 10.75 15.41
C ARG A 80 7.28 10.42 16.38
N VAL A 81 6.59 9.32 16.10
CA VAL A 81 5.47 8.89 16.94
C VAL A 81 5.91 7.80 17.92
N SER A 82 5.33 7.81 19.11
CA SER A 82 5.65 6.82 20.13
C SER A 82 4.63 5.69 20.14
N ARG A 83 3.75 5.69 19.14
CA ARG A 83 2.72 4.66 19.04
C ARG A 83 2.46 4.31 17.57
N PRO A 84 1.99 3.07 17.34
CA PRO A 84 1.70 2.59 15.99
C PRO A 84 0.47 3.27 15.38
N VAL A 85 0.48 3.42 14.06
CA VAL A 85 -0.63 4.06 13.36
C VAL A 85 -1.23 3.13 12.31
N GLN A 86 -2.56 3.15 12.20
CA GLN A 86 -3.24 2.31 11.22
C GLN A 86 -3.66 3.11 10.00
N VAL A 87 -3.04 2.81 8.86
CA VAL A 87 -3.34 3.51 7.61
C VAL A 87 -3.98 2.56 6.60
N TYR A 88 -4.34 3.10 5.44
CA TYR A 88 -4.96 2.31 4.39
C TYR A 88 -4.46 2.74 3.02
N PHE A 89 -4.54 1.83 2.05
CA PHE A 89 -4.10 2.12 0.69
C PHE A 89 -4.86 1.26 -0.33
N TYR A 90 -4.71 1.60 -1.60
CA TYR A 90 -5.38 0.86 -2.67
C TYR A 90 -4.60 0.95 -3.97
N VAL A 91 -4.97 0.12 -4.93
CA VAL A 91 -4.31 0.11 -6.23
C VAL A 91 -5.14 0.84 -7.28
N SER A 92 -4.62 1.98 -7.75
CA SER A 92 -5.32 2.78 -8.74
C SER A 92 -5.07 2.24 -10.15
N ASN A 93 -6.13 1.73 -10.78
CA ASN A 93 -6.02 1.18 -12.13
C ASN A 93 -7.14 1.71 -13.02
N GLY A 94 -6.79 2.65 -13.89
CA GLY A 94 -7.77 3.23 -14.79
C GLY A 94 -8.49 4.43 -14.18
N ARG A 95 -9.81 4.39 -14.21
CA ARG A 95 -10.62 5.48 -13.67
C ARG A 95 -11.64 4.94 -12.67
N ARG A 96 -12.32 3.86 -13.04
CA ARG A 96 -13.33 3.26 -12.19
C ARG A 96 -12.79 1.97 -11.55
N LYS A 97 -12.06 1.19 -12.32
CA LYS A 97 -11.49 -0.06 -11.83
C LYS A 97 -10.54 0.19 -10.66
N ARG A 98 -11.09 0.19 -9.45
CA ARG A 98 -10.28 0.42 -8.26
C ARG A 98 -10.23 -0.84 -7.39
N SER A 99 -9.29 -0.86 -6.45
CA SER A 99 -9.12 -2.00 -5.56
C SER A 99 -9.57 -1.64 -4.14
N PRO A 100 -9.85 -2.67 -3.33
CA PRO A 100 -10.29 -2.50 -1.95
C PRO A 100 -9.17 -1.98 -1.05
N THR A 101 -9.50 -1.09 -0.13
CA THR A 101 -8.53 -0.52 0.79
C THR A 101 -7.98 -1.58 1.74
N GLN A 102 -6.66 -1.75 1.73
CA GLN A 102 -6.01 -2.73 2.60
C GLN A 102 -5.59 -2.10 3.92
N SER A 103 -5.72 -2.87 5.00
CA SER A 103 -5.36 -2.39 6.33
C SER A 103 -3.87 -2.59 6.59
N PHE A 104 -3.19 -1.50 6.95
CA PHE A 104 -1.76 -1.55 7.24
C PHE A 104 -1.42 -0.73 8.48
N ARG A 105 -0.55 -1.28 9.32
CA ARG A 105 -0.14 -0.60 10.54
C ARG A 105 1.36 -0.29 10.51
N PHE A 106 1.72 0.91 10.97
CA PHE A 106 3.12 1.33 11.00
C PHE A 106 3.64 1.37 12.42
N LEU A 107 4.68 0.59 12.70
CA LEU A 107 5.28 0.55 14.02
C LEU A 107 6.43 1.53 14.14
N PRO A 108 6.54 2.18 15.30
CA PRO A 108 7.59 3.16 15.58
C PRO A 108 8.97 2.52 15.70
N VAL A 109 9.95 3.12 15.05
CA VAL A 109 11.32 2.61 15.08
C VAL A 109 12.06 3.10 16.32
N ILE A 110 11.68 4.28 16.80
CA ILE A 110 12.31 4.86 17.98
C ILE A 110 12.68 3.78 19.00
N CYS A 111 13.96 3.75 19.37
CA CYS A 111 14.44 2.77 20.34
C CYS A 111 15.28 3.43 21.42
N LYS A 112 14.60 4.12 22.34
CA LYS A 112 15.28 4.82 23.43
C LYS A 112 15.61 3.84 24.56
N GLU A 113 16.73 3.16 24.45
CA GLU A 113 17.17 2.21 25.46
C GLU A 113 18.57 2.54 25.96
N GLU A 114 18.71 2.62 27.29
CA GLU A 114 20.00 2.93 27.89
C GLU A 114 20.82 1.65 28.11
N GLY A 1 -10.19 -11.33 -18.57
CA GLY A 1 -10.52 -12.69 -18.20
C GLY A 1 -11.79 -13.19 -18.85
N SER A 2 -12.00 -14.50 -18.81
CA SER A 2 -13.19 -15.10 -19.41
C SER A 2 -14.08 -15.72 -18.34
N SER A 3 -13.54 -15.84 -17.13
CA SER A 3 -14.29 -16.42 -16.02
C SER A 3 -14.95 -15.33 -15.18
N GLY A 4 -16.09 -14.84 -15.64
CA GLY A 4 -16.80 -13.80 -14.92
C GLY A 4 -15.86 -12.82 -14.24
N SER A 5 -15.38 -11.85 -15.00
CA SER A 5 -14.46 -10.84 -14.47
C SER A 5 -14.21 -9.75 -15.50
N SER A 6 -13.80 -8.57 -15.01
CA SER A 6 -13.52 -7.44 -15.89
C SER A 6 -12.07 -6.98 -15.74
N GLY A 7 -11.16 -7.95 -15.73
CA GLY A 7 -9.74 -7.64 -15.60
C GLY A 7 -9.47 -6.62 -14.51
N LEU A 8 -10.14 -6.78 -13.38
CA LEU A 8 -9.97 -5.85 -12.26
C LEU A 8 -8.85 -6.32 -11.35
N PRO A 9 -8.24 -5.37 -10.63
CA PRO A 9 -7.14 -5.65 -9.70
C PRO A 9 -7.60 -6.41 -8.47
N GLN A 10 -6.87 -7.46 -8.12
CA GLN A 10 -7.20 -8.28 -6.95
C GLN A 10 -6.03 -8.37 -6.00
N VAL A 11 -6.33 -8.47 -4.71
CA VAL A 11 -5.29 -8.57 -3.68
C VAL A 11 -5.55 -9.75 -2.74
N GLU A 12 -4.99 -10.90 -3.07
CA GLU A 12 -5.17 -12.10 -2.26
C GLU A 12 -4.45 -11.95 -0.93
N ALA A 13 -3.16 -11.65 -0.98
CA ALA A 13 -2.35 -11.49 0.22
C ALA A 13 -1.32 -10.38 0.05
N TYR A 14 -0.67 -10.01 1.14
CA TYR A 14 0.35 -8.96 1.11
C TYR A 14 1.29 -9.08 2.30
N SER A 15 2.59 -8.88 2.05
CA SER A 15 3.59 -8.97 3.09
C SER A 15 4.75 -8.01 2.82
N PRO A 16 5.37 -7.51 3.89
CA PRO A 16 4.97 -7.85 5.26
C PRO A 16 3.63 -7.26 5.64
N SER A 17 2.89 -7.97 6.48
CA SER A 17 1.57 -7.52 6.91
C SER A 17 1.67 -6.17 7.63
N ALA A 18 2.84 -5.91 8.22
CA ALA A 18 3.07 -4.66 8.94
C ALA A 18 4.52 -4.22 8.82
N CYS A 19 4.75 -2.91 8.91
CA CYS A 19 6.09 -2.36 8.80
C CYS A 19 6.24 -1.13 9.69
N SER A 20 7.46 -0.60 9.77
CA SER A 20 7.74 0.57 10.58
C SER A 20 7.32 1.84 9.86
N VAL A 21 7.13 2.92 10.62
CA VAL A 21 6.73 4.20 10.06
C VAL A 21 7.77 4.72 9.08
N ARG A 22 8.96 4.12 9.11
CA ARG A 22 10.04 4.53 8.23
C ARG A 22 10.13 3.61 7.02
N GLY A 23 9.01 3.42 6.34
CA GLY A 23 8.97 2.57 5.16
C GLY A 23 10.27 2.62 4.37
N GLY A 24 10.90 1.47 4.18
CA GLY A 24 12.14 1.41 3.45
C GLY A 24 12.46 0.02 2.95
N GLU A 25 11.44 -0.84 2.91
CA GLU A 25 11.63 -2.21 2.46
C GLU A 25 10.66 -2.54 1.32
N GLU A 26 10.90 -3.67 0.65
CA GLU A 26 10.06 -4.09 -0.46
C GLU A 26 8.77 -4.72 0.05
N LEU A 27 7.67 -4.46 -0.64
CA LEU A 27 6.37 -5.00 -0.26
C LEU A 27 5.73 -5.76 -1.42
N VAL A 28 5.74 -7.09 -1.32
CA VAL A 28 5.15 -7.93 -2.36
C VAL A 28 3.66 -8.14 -2.13
N LEU A 29 2.85 -7.62 -3.04
CA LEU A 29 1.39 -7.76 -2.94
C LEU A 29 0.89 -8.91 -3.80
N THR A 30 0.38 -9.95 -3.14
CA THR A 30 -0.14 -11.11 -3.84
C THR A 30 -1.54 -10.85 -4.39
N GLY A 31 -1.76 -11.25 -5.65
CA GLY A 31 -3.06 -11.05 -6.26
C GLY A 31 -3.06 -11.45 -7.73
N SER A 32 -3.78 -10.69 -8.54
CA SER A 32 -3.87 -10.98 -9.97
C SER A 32 -4.43 -9.77 -10.74
N ASN A 33 -4.33 -9.82 -12.06
CA ASN A 33 -4.82 -8.74 -12.90
C ASN A 33 -4.07 -7.44 -12.62
N PHE A 34 -2.75 -7.55 -12.46
CA PHE A 34 -1.91 -6.39 -12.19
C PHE A 34 -1.30 -5.84 -13.47
N LEU A 35 -1.20 -4.52 -13.55
CA LEU A 35 -0.64 -3.87 -14.74
C LEU A 35 0.69 -3.20 -14.40
N PRO A 36 1.58 -3.13 -15.41
CA PRO A 36 2.90 -2.52 -15.25
C PRO A 36 2.82 -1.00 -15.08
N ASP A 37 1.61 -0.46 -15.13
CA ASP A 37 1.41 0.97 -14.98
C ASP A 37 0.68 1.27 -13.66
N SER A 38 0.08 0.25 -13.07
CA SER A 38 -0.65 0.41 -11.82
C SER A 38 0.24 1.04 -10.76
N LYS A 39 -0.36 1.87 -9.91
CA LYS A 39 0.38 2.53 -8.84
C LYS A 39 -0.20 2.17 -7.48
N VAL A 40 0.46 2.63 -6.42
CA VAL A 40 0.03 2.35 -5.06
C VAL A 40 0.13 3.59 -4.18
N VAL A 41 -1.02 4.13 -3.80
CA VAL A 41 -1.05 5.33 -2.96
C VAL A 41 -1.58 5.00 -1.56
N PHE A 42 -1.17 5.79 -0.57
CA PHE A 42 -1.58 5.58 0.81
C PHE A 42 -2.57 6.66 1.25
N ILE A 43 -3.34 6.37 2.29
CA ILE A 43 -4.32 7.31 2.80
C ILE A 43 -4.25 7.40 4.32
N GLU A 44 -4.48 8.59 4.86
CA GLU A 44 -4.44 8.80 6.30
C GLU A 44 -5.66 9.61 6.76
N ARG A 45 -6.24 9.19 7.88
CA ARG A 45 -7.42 9.86 8.42
C ARG A 45 -7.01 10.86 9.50
N GLY A 46 -7.68 12.02 9.51
CA GLY A 46 -7.37 13.04 10.49
C GLY A 46 -8.46 13.19 11.54
N PRO A 47 -8.18 13.96 12.60
CA PRO A 47 -9.13 14.19 13.69
C PRO A 47 -10.30 15.07 13.25
N ASP A 48 -10.21 15.60 12.05
CA ASP A 48 -11.26 16.46 11.51
C ASP A 48 -12.43 15.62 11.00
N GLY A 49 -12.12 14.48 10.41
CA GLY A 49 -13.16 13.61 9.88
C GLY A 49 -12.86 13.14 8.47
N LYS A 50 -12.06 13.91 7.75
CA LYS A 50 -11.70 13.57 6.38
C LYS A 50 -10.22 13.17 6.29
N LEU A 51 -9.91 12.33 5.31
CA LEU A 51 -8.53 11.87 5.11
C LEU A 51 -7.88 12.59 3.93
N GLN A 52 -6.66 13.06 4.13
CA GLN A 52 -5.93 13.76 3.08
C GLN A 52 -4.44 13.45 3.15
N TRP A 53 -3.96 12.62 2.23
CA TRP A 53 -2.55 12.25 2.19
C TRP A 53 -2.13 11.89 0.77
N GLU A 54 -1.33 12.77 0.17
CA GLU A 54 -0.85 12.55 -1.19
C GLU A 54 0.61 12.11 -1.19
N GLU A 55 0.84 10.81 -1.24
CA GLU A 55 2.18 10.26 -1.24
C GLU A 55 2.34 9.18 -2.31
N GLU A 56 3.57 8.99 -2.77
CA GLU A 56 3.85 8.00 -3.80
C GLU A 56 4.99 7.08 -3.38
N ALA A 57 4.82 5.78 -3.60
CA ALA A 57 5.84 4.80 -3.25
C ALA A 57 6.54 4.27 -4.48
N THR A 58 7.85 4.04 -4.35
CA THR A 58 8.65 3.54 -5.47
C THR A 58 8.15 2.17 -5.93
N VAL A 59 7.50 2.13 -7.08
CA VAL A 59 6.97 0.89 -7.63
C VAL A 59 8.01 0.18 -8.49
N ASN A 60 8.38 -1.03 -8.08
CA ASN A 60 9.38 -1.81 -8.81
C ASN A 60 8.71 -2.65 -9.90
N ARG A 61 8.76 -2.15 -11.14
CA ARG A 61 8.16 -2.85 -12.26
C ARG A 61 8.89 -4.17 -12.55
N LEU A 62 10.22 -4.09 -12.62
CA LEU A 62 11.03 -5.27 -12.88
C LEU A 62 10.52 -6.47 -12.10
N GLN A 63 10.22 -6.26 -10.82
CA GLN A 63 9.72 -7.32 -9.96
C GLN A 63 8.22 -7.52 -10.16
N SER A 64 7.49 -6.41 -10.27
CA SER A 64 6.04 -6.47 -10.46
C SER A 64 5.68 -7.41 -11.60
N ASN A 65 4.77 -8.34 -11.33
CA ASN A 65 4.34 -9.31 -12.33
C ASN A 65 2.82 -9.24 -12.51
N GLU A 66 2.33 -9.90 -13.56
CA GLU A 66 0.91 -9.93 -13.85
C GLU A 66 0.10 -10.25 -12.60
N VAL A 67 0.71 -11.00 -11.68
CA VAL A 67 0.05 -11.39 -10.44
C VAL A 67 0.94 -11.08 -9.24
N THR A 68 1.75 -10.03 -9.35
CA THR A 68 2.65 -9.64 -8.27
C THR A 68 2.97 -8.15 -8.34
N LEU A 69 3.11 -7.52 -7.18
CA LEU A 69 3.42 -6.10 -7.11
C LEU A 69 4.38 -5.81 -5.97
N THR A 70 5.63 -5.51 -6.32
CA THR A 70 6.65 -5.21 -5.32
C THR A 70 7.04 -3.74 -5.36
N LEU A 71 6.93 -3.08 -4.20
CA LEU A 71 7.26 -1.66 -4.09
C LEU A 71 7.88 -1.35 -2.73
N THR A 72 8.57 -0.22 -2.66
CA THR A 72 9.21 0.19 -1.41
C THR A 72 8.25 1.01 -0.55
N VAL A 73 7.83 0.41 0.57
CA VAL A 73 6.92 1.08 1.50
C VAL A 73 7.26 2.57 1.64
N PRO A 74 6.25 3.42 1.46
CA PRO A 74 6.42 4.87 1.56
C PRO A 74 6.69 5.32 3.00
N GLU A 75 7.15 6.56 3.15
CA GLU A 75 7.44 7.11 4.47
C GLU A 75 6.24 7.90 5.01
N TYR A 76 5.73 7.48 6.16
CA TYR A 76 4.60 8.15 6.78
C TYR A 76 4.90 9.62 7.05
N SER A 77 3.85 10.40 7.26
CA SER A 77 4.00 11.84 7.53
C SER A 77 4.40 12.07 8.97
N ASN A 78 3.51 11.72 9.90
CA ASN A 78 3.77 11.90 11.32
C ASN A 78 4.45 10.67 11.91
N LYS A 79 5.76 10.77 12.14
CA LYS A 79 6.51 9.66 12.71
C LYS A 79 6.76 9.87 14.20
N ARG A 80 6.88 11.13 14.60
CA ARG A 80 7.12 11.46 16.00
C ARG A 80 6.23 10.62 16.91
N VAL A 81 5.02 10.34 16.46
CA VAL A 81 4.07 9.53 17.24
C VAL A 81 4.80 8.48 18.06
N SER A 82 4.29 8.21 19.26
CA SER A 82 4.90 7.22 20.15
C SER A 82 4.17 5.88 20.02
N ARG A 83 3.09 5.86 19.26
CA ARG A 83 2.30 4.65 19.06
C ARG A 83 2.12 4.36 17.58
N PRO A 84 1.83 3.09 17.25
CA PRO A 84 1.63 2.65 15.86
C PRO A 84 0.33 3.19 15.28
N VAL A 85 0.42 3.81 14.10
CA VAL A 85 -0.75 4.37 13.44
C VAL A 85 -1.36 3.36 12.47
N GLN A 86 -2.67 3.46 12.28
CA GLN A 86 -3.38 2.55 11.38
C GLN A 86 -3.79 3.28 10.10
N VAL A 87 -3.10 2.95 9.01
CA VAL A 87 -3.41 3.58 7.72
C VAL A 87 -3.94 2.54 6.73
N TYR A 88 -4.29 3.01 5.54
CA TYR A 88 -4.82 2.13 4.50
C TYR A 88 -4.26 2.50 3.14
N PHE A 89 -4.26 1.55 2.22
CA PHE A 89 -3.75 1.77 0.87
C PHE A 89 -4.53 0.94 -0.15
N TYR A 90 -4.43 1.33 -1.42
CA TYR A 90 -5.13 0.63 -2.49
C TYR A 90 -4.35 0.71 -3.80
N VAL A 91 -4.73 -0.11 -4.76
CA VAL A 91 -4.06 -0.14 -6.06
C VAL A 91 -4.86 0.64 -7.10
N SER A 92 -4.19 1.53 -7.81
CA SER A 92 -4.84 2.34 -8.84
C SER A 92 -4.61 1.74 -10.22
N ASN A 93 -5.68 1.28 -10.85
CA ASN A 93 -5.61 0.68 -12.17
C ASN A 93 -6.57 1.37 -13.14
N GLY A 94 -6.02 2.24 -13.99
CA GLY A 94 -6.84 2.95 -14.94
C GLY A 94 -7.32 4.29 -14.42
N ARG A 95 -8.63 4.53 -14.49
CA ARG A 95 -9.22 5.77 -14.02
C ARG A 95 -10.41 5.50 -13.10
N ARG A 96 -11.25 4.55 -13.49
CA ARG A 96 -12.41 4.20 -12.69
C ARG A 96 -12.20 2.88 -11.96
N LYS A 97 -11.48 1.96 -12.60
CA LYS A 97 -11.20 0.66 -12.01
C LYS A 97 -10.20 0.78 -10.87
N ARG A 98 -10.63 0.42 -9.67
CA ARG A 98 -9.77 0.49 -8.50
C ARG A 98 -9.98 -0.72 -7.59
N SER A 99 -9.13 -0.85 -6.58
CA SER A 99 -9.23 -1.97 -5.64
C SER A 99 -9.60 -1.48 -4.24
N PRO A 100 -10.19 -2.37 -3.44
CA PRO A 100 -10.59 -2.06 -2.07
C PRO A 100 -9.40 -1.85 -1.13
N THR A 101 -9.39 -0.73 -0.44
CA THR A 101 -8.31 -0.40 0.49
C THR A 101 -8.00 -1.58 1.40
N GLN A 102 -6.83 -1.57 2.02
CA GLN A 102 -6.42 -2.63 2.92
C GLN A 102 -6.05 -2.07 4.30
N SER A 103 -6.13 -2.93 5.31
CA SER A 103 -5.81 -2.52 6.67
C SER A 103 -4.31 -2.67 6.96
N PHE A 104 -3.65 -1.55 7.23
CA PHE A 104 -2.22 -1.57 7.52
C PHE A 104 -1.92 -0.80 8.80
N ARG A 105 -0.71 -0.98 9.33
CA ARG A 105 -0.30 -0.31 10.55
C ARG A 105 1.22 -0.09 10.56
N PHE A 106 1.63 1.12 10.93
CA PHE A 106 3.04 1.47 10.99
C PHE A 106 3.56 1.40 12.42
N LEU A 107 4.71 0.75 12.59
CA LEU A 107 5.31 0.61 13.92
C LEU A 107 6.29 1.75 14.18
N PRO A 108 6.29 2.25 15.43
CA PRO A 108 7.17 3.34 15.84
C PRO A 108 8.64 2.91 15.91
N VAL A 109 9.53 3.74 15.35
CA VAL A 109 10.95 3.44 15.36
C VAL A 109 11.64 4.05 16.57
N ILE A 110 10.84 4.40 17.58
CA ILE A 110 11.38 4.99 18.80
C ILE A 110 11.62 3.92 19.86
N CYS A 111 12.85 3.90 20.38
CA CYS A 111 13.21 2.93 21.41
C CYS A 111 14.11 3.57 22.46
N LYS A 112 13.95 3.15 23.71
CA LYS A 112 14.74 3.68 24.82
C LYS A 112 16.22 3.42 24.59
N GLU A 113 17.01 4.49 24.51
CA GLU A 113 18.44 4.38 24.30
C GLU A 113 19.20 4.48 25.62
N GLU A 114 18.56 5.09 26.61
CA GLU A 114 19.18 5.25 27.93
C GLU A 114 18.65 4.20 28.90
N GLY A 1 -8.62 -21.29 -11.60
CA GLY A 1 -9.05 -20.02 -11.04
C GLY A 1 -8.82 -18.87 -12.01
N SER A 2 -9.90 -18.22 -12.42
CA SER A 2 -9.82 -17.10 -13.35
C SER A 2 -9.13 -15.90 -12.68
N SER A 3 -7.81 -15.85 -12.79
CA SER A 3 -7.03 -14.76 -12.22
C SER A 3 -7.37 -13.43 -12.88
N GLY A 4 -8.50 -12.86 -12.51
CA GLY A 4 -8.92 -11.59 -13.08
C GLY A 4 -10.38 -11.29 -12.84
N SER A 5 -10.66 -10.21 -12.12
CA SER A 5 -12.03 -9.82 -11.81
C SER A 5 -12.57 -8.86 -12.87
N SER A 6 -12.86 -9.41 -14.05
CA SER A 6 -13.39 -8.60 -15.14
C SER A 6 -12.58 -7.32 -15.32
N GLY A 7 -11.27 -7.47 -15.46
CA GLY A 7 -10.40 -6.32 -15.62
C GLY A 7 -9.99 -5.70 -14.30
N LEU A 8 -10.94 -5.62 -13.37
CA LEU A 8 -10.67 -5.05 -12.06
C LEU A 8 -9.55 -5.81 -11.35
N PRO A 9 -8.70 -5.07 -10.61
CA PRO A 9 -7.59 -5.66 -9.87
C PRO A 9 -8.06 -6.48 -8.67
N GLN A 10 -7.15 -7.28 -8.11
CA GLN A 10 -7.48 -8.13 -6.97
C GLN A 10 -6.29 -8.23 -6.02
N VAL A 11 -6.56 -8.16 -4.72
CA VAL A 11 -5.52 -8.25 -3.71
C VAL A 11 -5.77 -9.42 -2.76
N GLU A 12 -5.18 -10.56 -3.07
CA GLU A 12 -5.34 -11.75 -2.23
C GLU A 12 -4.76 -11.52 -0.84
N ALA A 13 -3.45 -11.31 -0.78
CA ALA A 13 -2.76 -11.08 0.49
C ALA A 13 -1.64 -10.05 0.33
N TYR A 14 -1.06 -9.64 1.45
CA TYR A 14 0.03 -8.67 1.42
C TYR A 14 0.99 -8.90 2.60
N SER A 15 2.27 -8.74 2.33
CA SER A 15 3.29 -8.94 3.35
C SER A 15 4.48 -7.99 3.13
N PRO A 16 5.14 -7.62 4.23
CA PRO A 16 4.78 -8.09 5.57
C PRO A 16 3.46 -7.50 6.06
N SER A 17 2.74 -8.27 6.86
CA SER A 17 1.46 -7.81 7.39
C SER A 17 1.52 -6.35 7.81
N ALA A 18 2.68 -5.94 8.30
CA ALA A 18 2.88 -4.56 8.74
C ALA A 18 4.28 -4.08 8.39
N CYS A 19 4.52 -2.78 8.60
CA CYS A 19 5.82 -2.18 8.31
C CYS A 19 6.12 -1.04 9.26
N SER A 20 7.33 -0.50 9.18
CA SER A 20 7.74 0.61 10.03
C SER A 20 7.38 1.95 9.41
N VAL A 21 7.00 2.91 10.24
CA VAL A 21 6.63 4.24 9.77
C VAL A 21 7.71 4.82 8.85
N ARG A 22 8.96 4.63 9.23
CA ARG A 22 10.08 5.13 8.44
C ARG A 22 10.02 4.60 7.02
N GLY A 23 9.32 3.49 6.83
CA GLY A 23 9.19 2.90 5.51
C GLY A 23 10.52 2.45 4.94
N GLY A 24 10.59 2.33 3.62
CA GLY A 24 11.81 1.91 2.98
C GLY A 24 12.03 0.40 3.06
N GLU A 25 10.94 -0.34 3.15
CA GLU A 25 11.02 -1.79 3.25
C GLU A 25 10.46 -2.45 1.98
N GLU A 26 10.62 -3.77 1.88
CA GLU A 26 10.14 -4.51 0.73
C GLU A 26 8.71 -5.00 0.95
N LEU A 27 7.79 -4.53 0.12
CA LEU A 27 6.39 -4.91 0.22
C LEU A 27 5.92 -5.62 -1.04
N VAL A 28 5.52 -6.88 -0.90
CA VAL A 28 5.04 -7.67 -2.03
C VAL A 28 3.54 -7.92 -1.93
N LEU A 29 2.78 -7.26 -2.80
CA LEU A 29 1.34 -7.41 -2.82
C LEU A 29 0.92 -8.63 -3.64
N THR A 30 0.18 -9.53 -3.01
CA THR A 30 -0.28 -10.74 -3.69
C THR A 30 -1.69 -10.55 -4.24
N GLY A 31 -1.89 -10.99 -5.48
CA GLY A 31 -3.19 -10.86 -6.11
C GLY A 31 -3.18 -11.28 -7.56
N SER A 32 -3.94 -10.56 -8.39
CA SER A 32 -4.02 -10.86 -9.81
C SER A 32 -4.43 -9.63 -10.61
N ASN A 33 -4.41 -9.76 -11.94
CA ASN A 33 -4.78 -8.65 -12.82
C ASN A 33 -4.04 -7.38 -12.42
N PHE A 34 -2.73 -7.47 -12.31
CA PHE A 34 -1.90 -6.32 -11.94
C PHE A 34 -1.27 -5.68 -13.18
N LEU A 35 -0.63 -4.54 -12.98
CA LEU A 35 0.02 -3.83 -14.07
C LEU A 35 1.45 -3.47 -13.72
N PRO A 36 2.29 -3.28 -14.75
CA PRO A 36 3.70 -2.93 -14.57
C PRO A 36 3.88 -1.50 -14.04
N ASP A 37 3.03 -0.60 -14.51
CA ASP A 37 3.09 0.80 -14.09
C ASP A 37 1.98 1.11 -13.09
N SER A 38 1.46 0.07 -12.44
CA SER A 38 0.38 0.23 -11.47
C SER A 38 0.69 1.39 -10.52
N LYS A 39 -0.34 1.88 -9.84
CA LYS A 39 -0.19 2.97 -8.89
C LYS A 39 -0.62 2.56 -7.49
N VAL A 40 0.27 2.73 -6.53
CA VAL A 40 -0.03 2.38 -5.14
C VAL A 40 0.02 3.60 -4.23
N VAL A 41 -1.16 4.13 -3.91
CA VAL A 41 -1.26 5.30 -3.05
C VAL A 41 -1.82 4.94 -1.68
N PHE A 42 -1.41 5.67 -0.65
CA PHE A 42 -1.87 5.43 0.71
C PHE A 42 -2.84 6.52 1.15
N ILE A 43 -3.53 6.27 2.26
CA ILE A 43 -4.49 7.22 2.80
C ILE A 43 -4.40 7.29 4.32
N GLU A 44 -4.82 8.43 4.88
CA GLU A 44 -4.80 8.62 6.32
C GLU A 44 -6.00 9.44 6.78
N ARG A 45 -6.69 8.95 7.81
CA ARG A 45 -7.86 9.63 8.34
C ARG A 45 -7.45 10.66 9.39
N GLY A 46 -8.08 11.82 9.33
CA GLY A 46 -7.77 12.88 10.28
C GLY A 46 -8.84 13.03 11.35
N PRO A 47 -8.53 13.82 12.39
CA PRO A 47 -9.47 14.07 13.50
C PRO A 47 -10.66 14.91 13.07
N ASP A 48 -10.68 15.32 11.81
CA ASP A 48 -11.76 16.14 11.29
C ASP A 48 -12.91 15.25 10.79
N GLY A 49 -12.55 14.16 10.12
CA GLY A 49 -13.55 13.25 9.60
C GLY A 49 -13.19 12.72 8.22
N LYS A 50 -12.51 13.55 7.43
CA LYS A 50 -12.11 13.16 6.09
C LYS A 50 -10.62 12.81 6.05
N LEU A 51 -10.26 11.94 5.11
CA LEU A 51 -8.86 11.52 4.96
C LEU A 51 -8.20 12.25 3.80
N GLN A 52 -6.95 12.67 4.01
CA GLN A 52 -6.20 13.38 2.98
C GLN A 52 -4.71 13.14 3.13
N TRP A 53 -4.14 12.33 2.24
CA TRP A 53 -2.72 12.02 2.27
C TRP A 53 -2.20 11.69 0.88
N GLU A 54 -1.40 12.60 0.32
CA GLU A 54 -0.84 12.40 -1.01
C GLU A 54 0.61 11.92 -0.93
N GLU A 55 0.80 10.62 -1.06
CA GLU A 55 2.13 10.04 -1.00
C GLU A 55 2.27 8.88 -1.99
N GLU A 56 3.27 8.99 -2.87
CA GLU A 56 3.51 7.96 -3.88
C GLU A 56 4.76 7.16 -3.54
N ALA A 57 4.66 5.83 -3.64
CA ALA A 57 5.78 4.95 -3.35
C ALA A 57 6.42 4.45 -4.63
N THR A 58 7.74 4.25 -4.58
CA THR A 58 8.48 3.76 -5.74
C THR A 58 8.05 2.35 -6.13
N VAL A 59 7.90 2.11 -7.42
CA VAL A 59 7.49 0.81 -7.92
C VAL A 59 8.58 0.18 -8.78
N ASN A 60 8.74 -1.13 -8.67
CA ASN A 60 9.75 -1.85 -9.43
C ASN A 60 9.10 -2.72 -10.50
N ARG A 61 8.90 -2.15 -11.68
CA ARG A 61 8.29 -2.88 -12.79
C ARG A 61 9.16 -4.06 -13.21
N LEU A 62 10.42 -4.04 -12.79
CA LEU A 62 11.35 -5.11 -13.13
C LEU A 62 11.01 -6.39 -12.37
N GLN A 63 10.42 -6.24 -11.19
CA GLN A 63 10.04 -7.38 -10.37
C GLN A 63 8.53 -7.63 -10.46
N SER A 64 7.76 -6.56 -10.30
CA SER A 64 6.30 -6.67 -10.35
C SER A 64 5.86 -7.55 -11.51
N ASN A 65 4.96 -8.48 -11.22
CA ASN A 65 4.45 -9.40 -12.23
C ASN A 65 2.96 -9.20 -12.45
N GLU A 66 2.40 -9.91 -13.42
CA GLU A 66 0.98 -9.81 -13.73
C GLU A 66 0.14 -10.08 -12.49
N VAL A 67 0.68 -10.88 -11.57
CA VAL A 67 -0.03 -11.22 -10.33
C VAL A 67 0.84 -10.91 -9.12
N THR A 68 1.75 -9.95 -9.27
CA THR A 68 2.64 -9.57 -8.18
C THR A 68 3.05 -8.10 -8.30
N LEU A 69 3.05 -7.39 -7.18
CA LEU A 69 3.42 -5.99 -7.16
C LEU A 69 4.48 -5.71 -6.09
N THR A 70 5.72 -5.52 -6.53
CA THR A 70 6.82 -5.26 -5.61
C THR A 70 7.13 -3.77 -5.54
N LEU A 71 6.97 -3.20 -4.35
CA LEU A 71 7.24 -1.78 -4.14
C LEU A 71 7.83 -1.52 -2.76
N THR A 72 8.29 -0.30 -2.53
CA THR A 72 8.89 0.07 -1.25
C THR A 72 7.95 0.98 -0.46
N VAL A 73 7.35 0.44 0.59
CA VAL A 73 6.43 1.21 1.43
C VAL A 73 6.89 2.65 1.54
N PRO A 74 5.93 3.58 1.43
CA PRO A 74 6.20 5.02 1.52
C PRO A 74 6.58 5.45 2.93
N GLU A 75 7.07 6.69 3.05
CA GLU A 75 7.47 7.21 4.35
C GLU A 75 6.32 7.98 5.00
N TYR A 76 5.83 7.48 6.14
CA TYR A 76 4.74 8.11 6.84
C TYR A 76 5.07 9.56 7.19
N SER A 77 4.13 10.46 6.93
CA SER A 77 4.32 11.87 7.20
C SER A 77 4.77 12.10 8.65
N ASN A 78 3.93 11.67 9.58
CA ASN A 78 4.23 11.83 11.00
C ASN A 78 5.11 10.68 11.50
N LYS A 79 6.42 10.87 11.45
CA LYS A 79 7.36 9.86 11.89
C LYS A 79 7.70 10.04 13.37
N ARG A 80 8.06 11.26 13.75
CA ARG A 80 8.40 11.56 15.13
C ARG A 80 7.54 10.74 16.10
N VAL A 81 6.28 10.54 15.73
CA VAL A 81 5.35 9.78 16.55
C VAL A 81 6.05 8.61 17.23
N SER A 82 5.64 8.31 18.46
CA SER A 82 6.23 7.22 19.22
C SER A 82 5.24 6.07 19.39
N ARG A 83 4.15 6.12 18.61
CA ARG A 83 3.13 5.09 18.67
C ARG A 83 2.74 4.61 17.27
N PRO A 84 2.28 3.36 17.17
CA PRO A 84 1.87 2.77 15.90
C PRO A 84 0.58 3.38 15.37
N VAL A 85 0.62 3.81 14.10
CA VAL A 85 -0.55 4.42 13.47
C VAL A 85 -1.19 3.46 12.47
N GLN A 86 -2.51 3.56 12.34
CA GLN A 86 -3.25 2.70 11.42
C GLN A 86 -3.56 3.45 10.11
N VAL A 87 -3.11 2.89 9.00
CA VAL A 87 -3.35 3.49 7.69
C VAL A 87 -3.95 2.49 6.72
N TYR A 88 -4.25 2.95 5.51
CA TYR A 88 -4.83 2.09 4.49
C TYR A 88 -4.30 2.45 3.11
N PHE A 89 -4.14 1.44 2.26
CA PHE A 89 -3.64 1.65 0.91
C PHE A 89 -4.42 0.83 -0.11
N TYR A 90 -4.22 1.11 -1.39
CA TYR A 90 -4.92 0.40 -2.45
C TYR A 90 -4.21 0.59 -3.78
N VAL A 91 -4.63 -0.18 -4.79
CA VAL A 91 -4.04 -0.08 -6.12
C VAL A 91 -4.97 0.64 -7.08
N SER A 92 -4.48 1.70 -7.71
CA SER A 92 -5.26 2.47 -8.66
C SER A 92 -4.80 2.21 -10.09
N ASN A 93 -5.66 1.57 -10.88
CA ASN A 93 -5.34 1.26 -12.26
C ASN A 93 -6.40 1.83 -13.20
N GLY A 94 -6.09 2.96 -13.83
CA GLY A 94 -7.02 3.58 -14.75
C GLY A 94 -7.73 4.77 -14.14
N ARG A 95 -9.07 4.74 -14.16
CA ARG A 95 -9.87 5.82 -13.60
C ARG A 95 -10.76 5.32 -12.47
N ARG A 96 -11.60 4.34 -12.78
CA ARG A 96 -12.51 3.77 -11.79
C ARG A 96 -12.06 2.38 -11.39
N LYS A 97 -11.26 1.75 -12.24
CA LYS A 97 -10.76 0.40 -11.97
C LYS A 97 -9.64 0.43 -10.93
N ARG A 98 -9.98 0.07 -9.70
CA ARG A 98 -9.00 0.05 -8.61
C ARG A 98 -9.34 -1.04 -7.60
N SER A 99 -8.47 -1.20 -6.61
CA SER A 99 -8.66 -2.21 -5.57
C SER A 99 -9.12 -1.57 -4.27
N PRO A 100 -9.85 -2.35 -3.45
CA PRO A 100 -10.36 -1.89 -2.16
C PRO A 100 -9.25 -1.68 -1.14
N THR A 101 -9.41 -0.67 -0.29
CA THR A 101 -8.43 -0.36 0.74
C THR A 101 -8.14 -1.57 1.62
N GLN A 102 -6.94 -1.64 2.16
CA GLN A 102 -6.54 -2.74 3.03
C GLN A 102 -6.10 -2.24 4.38
N SER A 103 -6.47 -2.96 5.44
CA SER A 103 -6.11 -2.58 6.80
C SER A 103 -4.61 -2.71 7.02
N PHE A 104 -3.97 -1.59 7.34
CA PHE A 104 -2.53 -1.59 7.58
C PHE A 104 -2.19 -0.78 8.83
N ARG A 105 -0.98 -0.98 9.34
CA ARG A 105 -0.53 -0.28 10.54
C ARG A 105 0.99 -0.14 10.55
N PHE A 106 1.46 1.07 10.81
CA PHE A 106 2.89 1.34 10.84
C PHE A 106 3.42 1.25 12.27
N LEU A 107 4.48 0.47 12.46
CA LEU A 107 5.08 0.29 13.77
C LEU A 107 6.28 1.22 13.95
N PRO A 108 6.44 1.75 15.17
CA PRO A 108 7.55 2.65 15.49
C PRO A 108 8.90 1.93 15.53
N VAL A 109 9.90 2.55 14.89
CA VAL A 109 11.24 1.96 14.85
C VAL A 109 12.03 2.32 16.11
N ILE A 110 11.75 3.49 16.66
CA ILE A 110 12.44 3.95 17.86
C ILE A 110 12.79 2.78 18.78
N CYS A 111 14.07 2.67 19.12
CA CYS A 111 14.53 1.59 19.99
C CYS A 111 14.27 0.24 19.36
N LYS A 112 14.62 0.10 18.08
CA LYS A 112 14.42 -1.15 17.36
C LYS A 112 14.92 -2.33 18.17
N GLU A 113 14.02 -3.26 18.48
CA GLU A 113 14.37 -4.44 19.26
C GLU A 113 14.20 -5.71 18.42
N GLU A 114 13.14 -5.75 17.63
CA GLU A 114 12.86 -6.91 16.79
C GLU A 114 12.55 -6.47 15.36
N GLY A 1 -9.30 -20.57 -18.38
CA GLY A 1 -10.30 -19.55 -18.14
C GLY A 1 -9.85 -18.51 -17.14
N SER A 2 -10.77 -18.07 -16.28
CA SER A 2 -10.45 -17.06 -15.27
C SER A 2 -11.52 -17.04 -14.18
N SER A 3 -11.09 -16.81 -12.94
CA SER A 3 -12.01 -16.77 -11.82
C SER A 3 -13.30 -16.05 -12.19
N GLY A 4 -13.16 -14.88 -12.81
CA GLY A 4 -14.32 -14.11 -13.21
C GLY A 4 -14.30 -12.70 -12.67
N SER A 5 -14.01 -11.74 -13.54
CA SER A 5 -13.95 -10.34 -13.14
C SER A 5 -13.94 -9.43 -14.37
N SER A 6 -14.08 -8.12 -14.13
CA SER A 6 -14.09 -7.15 -15.21
C SER A 6 -12.78 -6.37 -15.26
N GLY A 7 -11.67 -7.09 -15.13
CA GLY A 7 -10.37 -6.46 -15.15
C GLY A 7 -10.09 -5.66 -13.90
N LEU A 8 -10.80 -5.96 -12.83
CA LEU A 8 -10.63 -5.27 -11.57
C LEU A 8 -9.44 -5.82 -10.79
N PRO A 9 -8.73 -4.94 -10.09
CA PRO A 9 -7.55 -5.31 -9.29
C PRO A 9 -7.92 -6.14 -8.07
N GLN A 10 -7.19 -7.24 -7.85
CA GLN A 10 -7.45 -8.11 -6.71
C GLN A 10 -6.19 -8.28 -5.87
N VAL A 11 -6.36 -8.31 -4.56
CA VAL A 11 -5.24 -8.47 -3.64
C VAL A 11 -5.48 -9.63 -2.68
N GLU A 12 -4.92 -10.80 -3.01
CA GLU A 12 -5.08 -11.98 -2.17
C GLU A 12 -4.48 -11.75 -0.79
N ALA A 13 -3.20 -11.38 -0.75
CA ALA A 13 -2.52 -11.13 0.51
C ALA A 13 -1.35 -10.16 0.32
N TYR A 14 -0.67 -9.85 1.42
CA TYR A 14 0.46 -8.92 1.36
C TYR A 14 1.38 -9.13 2.56
N SER A 15 2.68 -8.91 2.35
CA SER A 15 3.67 -9.08 3.41
C SER A 15 4.87 -8.17 3.17
N PRO A 16 5.47 -7.69 4.27
CA PRO A 16 5.00 -7.99 5.62
C PRO A 16 3.66 -7.33 5.94
N SER A 17 2.95 -7.90 6.91
CA SER A 17 1.65 -7.37 7.31
C SER A 17 1.79 -5.96 7.90
N ALA A 18 2.94 -5.71 8.52
CA ALA A 18 3.20 -4.42 9.13
C ALA A 18 4.66 -4.00 8.95
N CYS A 19 4.93 -2.71 9.09
CA CYS A 19 6.29 -2.19 8.93
C CYS A 19 6.48 -0.93 9.76
N SER A 20 7.70 -0.39 9.73
CA SER A 20 8.02 0.82 10.48
C SER A 20 7.38 2.05 9.83
N VAL A 21 7.15 3.08 10.63
CA VAL A 21 6.57 4.32 10.14
C VAL A 21 7.42 4.95 9.04
N ARG A 22 8.69 4.56 9.01
CA ARG A 22 9.63 5.09 8.02
C ARG A 22 9.48 4.35 6.69
N GLY A 23 9.24 3.04 6.77
CA GLY A 23 9.08 2.24 5.58
C GLY A 23 10.39 2.03 4.85
N GLY A 24 10.34 2.04 3.52
CA GLY A 24 11.54 1.85 2.73
C GLY A 24 11.96 0.40 2.65
N GLU A 25 10.97 -0.49 2.53
CA GLU A 25 11.24 -1.92 2.44
C GLU A 25 10.57 -2.53 1.21
N GLU A 26 10.91 -3.78 0.92
CA GLU A 26 10.34 -4.47 -0.24
C GLU A 26 8.99 -5.10 0.12
N LEU A 27 7.91 -4.47 -0.35
CA LEU A 27 6.56 -4.96 -0.09
C LEU A 27 6.03 -5.75 -1.29
N VAL A 28 5.85 -7.05 -1.11
CA VAL A 28 5.34 -7.91 -2.16
C VAL A 28 3.83 -8.10 -2.03
N LEU A 29 3.10 -7.59 -3.02
CA LEU A 29 1.64 -7.72 -3.01
C LEU A 29 1.19 -8.91 -3.85
N THR A 30 0.30 -9.73 -3.29
CA THR A 30 -0.21 -10.90 -3.98
C THR A 30 -1.59 -10.62 -4.58
N GLY A 31 -1.78 -11.07 -5.82
CA GLY A 31 -3.06 -10.86 -6.48
C GLY A 31 -2.98 -11.14 -7.97
N SER A 32 -3.94 -10.58 -8.72
CA SER A 32 -3.99 -10.77 -10.16
C SER A 32 -4.62 -9.57 -10.85
N ASN A 33 -4.66 -9.60 -12.18
CA ASN A 33 -5.24 -8.52 -12.95
C ASN A 33 -4.55 -7.19 -12.63
N PHE A 34 -3.23 -7.22 -12.59
CA PHE A 34 -2.45 -6.02 -12.30
C PHE A 34 -1.95 -5.37 -13.59
N LEU A 35 -1.56 -4.10 -13.49
CA LEU A 35 -1.06 -3.36 -14.64
C LEU A 35 0.45 -3.18 -14.57
N PRO A 36 1.08 -3.01 -15.73
CA PRO A 36 2.54 -2.82 -15.82
C PRO A 36 2.98 -1.47 -15.27
N ASP A 37 2.07 -0.51 -15.27
CA ASP A 37 2.36 0.83 -14.76
C ASP A 37 1.39 1.22 -13.65
N SER A 38 0.88 0.21 -12.95
CA SER A 38 -0.06 0.44 -11.85
C SER A 38 0.42 1.59 -10.97
N LYS A 39 -0.49 2.10 -10.14
CA LYS A 39 -0.16 3.20 -9.24
C LYS A 39 -0.62 2.89 -7.82
N VAL A 40 0.31 2.94 -6.87
CA VAL A 40 -0.02 2.67 -5.47
C VAL A 40 0.14 3.93 -4.61
N VAL A 41 -0.91 4.29 -3.89
CA VAL A 41 -0.89 5.47 -3.04
C VAL A 41 -1.50 5.16 -1.67
N PHE A 42 -1.03 5.89 -0.66
CA PHE A 42 -1.52 5.69 0.71
C PHE A 42 -2.43 6.84 1.12
N ILE A 43 -3.10 6.67 2.26
CA ILE A 43 -4.01 7.69 2.77
C ILE A 43 -3.97 7.75 4.30
N GLU A 44 -4.39 8.88 4.86
CA GLU A 44 -4.41 9.06 6.30
C GLU A 44 -5.66 9.81 6.75
N ARG A 45 -6.43 9.20 7.64
CA ARG A 45 -7.65 9.81 8.13
C ARG A 45 -7.36 10.73 9.31
N GLY A 46 -7.98 11.91 9.31
CA GLY A 46 -7.77 12.86 10.38
C GLY A 46 -8.95 12.97 11.31
N PRO A 47 -8.75 13.58 12.48
CA PRO A 47 -9.81 13.76 13.49
C PRO A 47 -10.87 14.76 13.04
N ASP A 48 -10.68 15.30 11.85
CA ASP A 48 -11.64 16.28 11.31
C ASP A 48 -12.81 15.57 10.63
N GLY A 49 -12.51 14.48 9.93
CA GLY A 49 -13.55 13.73 9.25
C GLY A 49 -13.16 13.35 7.84
N LYS A 50 -12.20 14.09 7.27
CA LYS A 50 -11.73 13.82 5.91
C LYS A 50 -10.27 13.41 5.92
N LEU A 51 -9.90 12.55 4.98
CA LEU A 51 -8.52 12.07 4.87
C LEU A 51 -7.76 12.84 3.78
N GLN A 52 -6.50 13.17 4.07
CA GLN A 52 -5.67 13.90 3.12
C GLN A 52 -4.20 13.58 3.32
N TRP A 53 -3.64 12.78 2.42
CA TRP A 53 -2.24 12.39 2.50
C TRP A 53 -1.68 12.09 1.11
N GLU A 54 -0.80 12.97 0.63
CA GLU A 54 -0.19 12.80 -0.68
C GLU A 54 1.18 12.14 -0.56
N GLU A 55 1.24 10.85 -0.85
CA GLU A 55 2.49 10.10 -0.77
C GLU A 55 2.54 9.00 -1.82
N GLU A 56 3.61 8.99 -2.61
CA GLU A 56 3.77 7.98 -3.65
C GLU A 56 4.88 7.00 -3.29
N ALA A 57 4.73 5.75 -3.74
CA ALA A 57 5.71 4.71 -3.47
C ALA A 57 6.32 4.19 -4.76
N THR A 58 7.65 4.09 -4.78
CA THR A 58 8.36 3.59 -5.96
C THR A 58 7.91 2.18 -6.32
N VAL A 59 7.71 1.95 -7.62
CA VAL A 59 7.29 0.64 -8.09
C VAL A 59 8.40 -0.04 -8.89
N ASN A 60 8.69 -1.29 -8.55
CA ASN A 60 9.73 -2.05 -9.24
C ASN A 60 9.12 -2.97 -10.29
N ARG A 61 9.38 -2.66 -11.55
CA ARG A 61 8.86 -3.47 -12.66
C ARG A 61 9.60 -4.79 -12.76
N LEU A 62 10.91 -4.76 -12.56
CA LEU A 62 11.74 -5.95 -12.64
C LEU A 62 11.13 -7.08 -11.80
N GLN A 63 10.63 -6.73 -10.63
CA GLN A 63 10.03 -7.72 -9.74
C GLN A 63 8.52 -7.77 -9.94
N SER A 64 7.90 -6.61 -10.08
CA SER A 64 6.45 -6.51 -10.28
C SER A 64 6.02 -7.28 -11.52
N ASN A 65 4.99 -8.11 -11.38
CA ASN A 65 4.48 -8.91 -12.48
C ASN A 65 2.98 -8.69 -12.66
N GLU A 66 2.39 -9.45 -13.59
CA GLU A 66 0.96 -9.35 -13.85
C GLU A 66 0.15 -9.82 -12.64
N VAL A 67 0.74 -10.73 -11.86
CA VAL A 67 0.07 -11.27 -10.69
C VAL A 67 0.74 -10.78 -9.41
N THR A 68 1.95 -10.25 -9.55
CA THR A 68 2.69 -9.75 -8.40
C THR A 68 2.98 -8.26 -8.54
N LEU A 69 3.20 -7.59 -7.41
CA LEU A 69 3.48 -6.17 -7.41
C LEU A 69 4.52 -5.82 -6.33
N THR A 70 5.72 -5.47 -6.77
CA THR A 70 6.80 -5.12 -5.85
C THR A 70 7.03 -3.62 -5.84
N LEU A 71 6.94 -3.01 -4.66
CA LEU A 71 7.15 -1.59 -4.51
C LEU A 71 7.82 -1.26 -3.18
N THR A 72 8.25 -0.01 -3.02
CA THR A 72 8.89 0.43 -1.79
C THR A 72 7.94 1.22 -0.91
N VAL A 73 7.56 0.62 0.22
CA VAL A 73 6.65 1.26 1.16
C VAL A 73 7.12 2.66 1.51
N PRO A 74 6.19 3.63 1.52
CA PRO A 74 6.50 5.02 1.85
C PRO A 74 6.85 5.21 3.32
N GLU A 75 7.01 6.46 3.73
CA GLU A 75 7.35 6.77 5.11
C GLU A 75 6.34 7.75 5.71
N TYR A 76 5.61 7.30 6.74
CA TYR A 76 4.61 8.13 7.39
C TYR A 76 5.17 9.52 7.68
N SER A 77 4.27 10.49 7.79
CA SER A 77 4.67 11.87 8.06
C SER A 77 5.03 12.06 9.53
N ASN A 78 4.02 11.97 10.39
CA ASN A 78 4.23 12.13 11.83
C ASN A 78 4.88 10.89 12.43
N LYS A 79 6.18 10.98 12.68
CA LYS A 79 6.93 9.87 13.26
C LYS A 79 7.04 10.02 14.77
N ARG A 80 7.28 11.23 15.23
CA ARG A 80 7.41 11.50 16.65
C ARG A 80 6.46 10.60 17.46
N VAL A 81 5.26 10.40 16.95
CA VAL A 81 4.27 9.57 17.62
C VAL A 81 4.93 8.37 18.31
N SER A 82 4.51 8.10 19.54
CA SER A 82 5.07 6.99 20.31
C SER A 82 4.14 5.79 20.27
N ARG A 83 3.29 5.74 19.26
CA ARG A 83 2.34 4.63 19.11
C ARG A 83 2.17 4.26 17.64
N PRO A 84 1.74 3.01 17.39
CA PRO A 84 1.53 2.51 16.04
C PRO A 84 0.32 3.15 15.36
N VAL A 85 0.52 3.64 14.14
CA VAL A 85 -0.56 4.28 13.39
C VAL A 85 -1.24 3.29 12.45
N GLN A 86 -2.51 3.52 12.17
CA GLN A 86 -3.27 2.65 11.28
C GLN A 86 -3.67 3.39 10.00
N VAL A 87 -3.07 2.98 8.88
CA VAL A 87 -3.36 3.60 7.59
C VAL A 87 -3.85 2.57 6.59
N TYR A 88 -4.33 3.05 5.44
CA TYR A 88 -4.82 2.17 4.39
C TYR A 88 -4.31 2.61 3.02
N PHE A 89 -4.27 1.67 2.09
CA PHE A 89 -3.80 1.96 0.73
C PHE A 89 -4.62 1.21 -0.30
N TYR A 90 -4.72 1.76 -1.50
CA TYR A 90 -5.48 1.16 -2.58
C TYR A 90 -4.66 1.09 -3.86
N VAL A 91 -5.11 0.26 -4.80
CA VAL A 91 -4.41 0.11 -6.08
C VAL A 91 -5.30 0.55 -7.24
N SER A 92 -4.89 1.63 -7.91
CA SER A 92 -5.63 2.16 -9.04
C SER A 92 -5.24 1.46 -10.33
N ASN A 93 -6.20 0.76 -10.94
CA ASN A 93 -5.96 0.04 -12.18
C ASN A 93 -7.04 0.34 -13.20
N GLY A 94 -6.72 1.22 -14.15
CA GLY A 94 -7.67 1.58 -15.19
C GLY A 94 -8.13 3.02 -15.06
N ARG A 95 -9.40 3.26 -15.37
CA ARG A 95 -9.97 4.60 -15.30
C ARG A 95 -10.92 4.72 -14.11
N ARG A 96 -12.05 4.04 -14.19
CA ARG A 96 -13.04 4.07 -13.12
C ARG A 96 -13.01 2.78 -12.31
N LYS A 97 -11.82 2.19 -12.20
CA LYS A 97 -11.65 0.95 -11.44
C LYS A 97 -10.67 1.14 -10.30
N ARG A 98 -11.06 0.69 -9.10
CA ARG A 98 -10.20 0.81 -7.93
C ARG A 98 -10.13 -0.52 -7.18
N SER A 99 -9.14 -0.64 -6.30
CA SER A 99 -8.96 -1.86 -5.52
C SER A 99 -9.36 -1.62 -4.07
N PRO A 100 -9.74 -2.71 -3.38
CA PRO A 100 -10.17 -2.66 -1.98
C PRO A 100 -9.01 -2.36 -1.03
N THR A 101 -9.13 -1.27 -0.27
CA THR A 101 -8.10 -0.87 0.67
C THR A 101 -7.60 -2.07 1.47
N GLN A 102 -6.43 -1.91 2.10
CA GLN A 102 -5.85 -2.97 2.90
C GLN A 102 -5.46 -2.46 4.29
N SER A 103 -6.05 -3.07 5.31
CA SER A 103 -5.78 -2.67 6.69
C SER A 103 -4.29 -2.79 7.00
N PHE A 104 -3.64 -1.65 7.20
CA PHE A 104 -2.21 -1.62 7.50
C PHE A 104 -1.95 -0.91 8.83
N ARG A 105 -0.75 -1.11 9.38
CA ARG A 105 -0.39 -0.49 10.64
C ARG A 105 1.13 -0.33 10.74
N PHE A 106 1.58 0.91 10.98
CA PHE A 106 2.99 1.19 11.10
C PHE A 106 3.45 1.13 12.56
N LEU A 107 4.58 0.49 12.79
CA LEU A 107 5.12 0.37 14.15
C LEU A 107 6.19 1.43 14.41
N PRO A 108 6.23 1.93 15.65
CA PRO A 108 7.20 2.96 16.06
C PRO A 108 8.62 2.40 16.13
N VAL A 109 9.55 3.09 15.49
CA VAL A 109 10.94 2.68 15.48
C VAL A 109 11.55 2.76 16.88
N ILE A 110 11.10 3.75 17.64
CA ILE A 110 11.61 3.94 19.00
C ILE A 110 11.92 2.61 19.67
N CYS A 111 11.01 1.65 19.52
CA CYS A 111 11.20 0.32 20.10
C CYS A 111 10.32 -0.71 19.41
N LYS A 112 10.92 -1.84 19.06
CA LYS A 112 10.19 -2.91 18.38
C LYS A 112 9.74 -3.97 19.38
N GLU A 113 8.47 -4.38 19.27
CA GLU A 113 7.93 -5.39 20.16
C GLU A 113 8.40 -6.78 19.76
N GLU A 114 8.42 -7.04 18.46
CA GLU A 114 8.85 -8.33 17.95
C GLU A 114 10.35 -8.53 18.16
N GLY A 1 -17.77 -11.88 -21.95
CA GLY A 1 -17.44 -11.54 -20.58
C GLY A 1 -16.96 -12.75 -19.79
N SER A 2 -15.87 -12.57 -19.05
CA SER A 2 -15.30 -13.65 -18.26
C SER A 2 -15.94 -13.70 -16.88
N SER A 3 -16.23 -14.91 -16.41
CA SER A 3 -16.85 -15.09 -15.10
C SER A 3 -15.81 -14.94 -13.99
N GLY A 4 -15.62 -13.71 -13.53
CA GLY A 4 -14.66 -13.46 -12.48
C GLY A 4 -14.10 -12.05 -12.52
N SER A 5 -12.79 -11.93 -12.58
CA SER A 5 -12.14 -10.63 -12.62
C SER A 5 -12.30 -9.98 -13.99
N SER A 6 -12.88 -8.77 -14.00
CA SER A 6 -13.10 -8.05 -15.24
C SER A 6 -12.18 -6.83 -15.33
N GLY A 7 -10.89 -7.08 -15.41
CA GLY A 7 -9.92 -6.00 -15.51
C GLY A 7 -9.58 -5.41 -14.15
N LEU A 8 -10.53 -5.48 -13.22
CA LEU A 8 -10.33 -4.95 -11.88
C LEU A 8 -9.21 -5.69 -11.16
N PRO A 9 -8.38 -4.95 -10.42
CA PRO A 9 -7.26 -5.52 -9.67
C PRO A 9 -7.73 -6.36 -8.49
N GLN A 10 -6.98 -7.43 -8.20
CA GLN A 10 -7.32 -8.31 -7.09
C GLN A 10 -6.21 -8.32 -6.05
N VAL A 11 -6.61 -8.32 -4.78
CA VAL A 11 -5.65 -8.32 -3.68
C VAL A 11 -5.94 -9.46 -2.70
N GLU A 12 -5.24 -10.58 -2.89
CA GLU A 12 -5.42 -11.74 -2.03
C GLU A 12 -4.83 -11.49 -0.65
N ALA A 13 -3.53 -11.22 -0.61
CA ALA A 13 -2.85 -10.95 0.65
C ALA A 13 -1.73 -9.92 0.47
N TYR A 14 -1.11 -9.52 1.57
CA TYR A 14 -0.04 -8.55 1.53
C TYR A 14 0.89 -8.70 2.74
N SER A 15 2.19 -8.68 2.49
CA SER A 15 3.18 -8.82 3.56
C SER A 15 4.38 -7.92 3.29
N PRO A 16 5.07 -7.51 4.38
CA PRO A 16 4.67 -7.90 5.74
C PRO A 16 3.38 -7.24 6.18
N SER A 17 2.62 -7.93 7.02
CA SER A 17 1.35 -7.41 7.52
C SER A 17 1.51 -5.98 8.02
N ALA A 18 2.68 -5.69 8.59
CA ALA A 18 2.96 -4.36 9.11
C ALA A 18 4.42 -3.99 8.90
N CYS A 19 4.70 -2.69 8.86
CA CYS A 19 6.05 -2.19 8.66
C CYS A 19 6.33 -0.97 9.53
N SER A 20 7.53 -0.42 9.41
CA SER A 20 7.92 0.74 10.20
C SER A 20 7.43 2.02 9.54
N VAL A 21 7.50 3.13 10.28
CA VAL A 21 7.06 4.42 9.78
C VAL A 21 8.10 5.04 8.86
N ARG A 22 9.35 4.61 9.04
CA ARG A 22 10.46 5.13 8.23
C ARG A 22 10.34 4.63 6.78
N GLY A 23 9.97 3.36 6.63
CA GLY A 23 9.83 2.80 5.30
C GLY A 23 11.14 2.22 4.78
N GLY A 24 11.23 2.06 3.46
CA GLY A 24 12.43 1.50 2.86
C GLY A 24 12.47 -0.01 2.91
N GLU A 25 11.29 -0.63 3.08
CA GLU A 25 11.21 -2.08 3.15
C GLU A 25 10.53 -2.64 1.90
N GLU A 26 10.62 -3.96 1.73
CA GLU A 26 10.02 -4.62 0.58
C GLU A 26 8.59 -5.05 0.89
N LEU A 27 7.67 -4.71 -0.01
CA LEU A 27 6.27 -5.06 0.17
C LEU A 27 5.75 -5.83 -1.04
N VAL A 28 5.44 -7.11 -0.84
CA VAL A 28 4.93 -7.95 -1.92
C VAL A 28 3.41 -8.12 -1.80
N LEU A 29 2.68 -7.49 -2.73
CA LEU A 29 1.23 -7.58 -2.74
C LEU A 29 0.75 -8.77 -3.57
N THR A 30 0.23 -9.78 -2.89
CA THR A 30 -0.25 -10.98 -3.56
C THR A 30 -1.66 -10.77 -4.10
N GLY A 31 -1.87 -11.17 -5.35
CA GLY A 31 -3.17 -11.02 -5.98
C GLY A 31 -3.17 -11.43 -7.43
N SER A 32 -3.89 -10.67 -8.25
CA SER A 32 -3.98 -10.96 -9.69
C SER A 32 -4.59 -9.78 -10.45
N ASN A 33 -4.36 -9.75 -11.75
CA ASN A 33 -4.88 -8.67 -12.59
C ASN A 33 -4.12 -7.37 -12.36
N PHE A 34 -2.80 -7.47 -12.28
CA PHE A 34 -1.96 -6.30 -12.05
C PHE A 34 -1.32 -5.84 -13.35
N LEU A 35 -1.00 -4.55 -13.41
CA LEU A 35 -0.37 -3.98 -14.61
C LEU A 35 0.95 -3.32 -14.26
N PRO A 36 1.88 -3.33 -15.23
CA PRO A 36 3.22 -2.75 -15.05
C PRO A 36 3.17 -1.23 -14.98
N ASP A 37 1.99 -0.66 -15.19
CA ASP A 37 1.81 0.79 -15.14
C ASP A 37 0.93 1.19 -13.96
N SER A 38 0.46 0.20 -13.22
CA SER A 38 -0.39 0.45 -12.06
C SER A 38 0.32 1.33 -11.04
N LYS A 39 -0.46 2.01 -10.20
CA LYS A 39 0.09 2.88 -9.18
C LYS A 39 -0.44 2.52 -7.80
N VAL A 40 0.38 2.72 -6.77
CA VAL A 40 -0.02 2.42 -5.40
C VAL A 40 0.17 3.62 -4.49
N VAL A 41 -0.93 4.11 -3.92
CA VAL A 41 -0.87 5.26 -3.02
C VAL A 41 -1.53 4.95 -1.69
N PHE A 42 -0.99 5.53 -0.62
CA PHE A 42 -1.52 5.31 0.71
C PHE A 42 -2.41 6.47 1.15
N ILE A 43 -3.17 6.27 2.22
CA ILE A 43 -4.06 7.30 2.74
C ILE A 43 -4.01 7.35 4.26
N GLU A 44 -4.54 8.43 4.83
CA GLU A 44 -4.57 8.59 6.27
C GLU A 44 -5.84 9.31 6.73
N ARG A 45 -6.47 8.77 7.76
CA ARG A 45 -7.70 9.36 8.29
C ARG A 45 -7.40 10.35 9.41
N GLY A 46 -8.07 11.49 9.37
CA GLY A 46 -7.86 12.50 10.39
C GLY A 46 -9.01 12.59 11.38
N PRO A 47 -8.77 13.25 12.52
CA PRO A 47 -9.78 13.41 13.57
C PRO A 47 -10.90 14.35 13.14
N ASP A 48 -10.83 14.84 11.91
CA ASP A 48 -11.84 15.76 11.38
C ASP A 48 -12.99 14.98 10.75
N GLY A 49 -12.68 13.84 10.13
CA GLY A 49 -13.70 13.03 9.50
C GLY A 49 -13.34 12.64 8.08
N LYS A 50 -12.46 13.43 7.45
CA LYS A 50 -12.04 13.17 6.08
C LYS A 50 -10.56 12.79 6.04
N LEU A 51 -10.21 11.93 5.09
CA LEU A 51 -8.83 11.49 4.94
C LEU A 51 -8.14 12.23 3.80
N GLN A 52 -6.90 12.66 4.04
CA GLN A 52 -6.13 13.39 3.04
C GLN A 52 -4.63 13.18 3.23
N TRP A 53 -4.04 12.37 2.36
CA TRP A 53 -2.60 12.09 2.45
C TRP A 53 -2.03 11.76 1.07
N GLU A 54 -1.09 12.57 0.62
CA GLU A 54 -0.46 12.37 -0.68
C GLU A 54 0.96 11.83 -0.52
N GLU A 55 1.12 10.52 -0.71
CA GLU A 55 2.42 9.88 -0.59
C GLU A 55 2.62 8.84 -1.69
N GLU A 56 3.50 9.14 -2.63
CA GLU A 56 3.78 8.22 -3.72
C GLU A 56 4.74 7.11 -3.28
N ALA A 57 4.46 5.90 -3.74
CA ALA A 57 5.29 4.74 -3.40
C ALA A 57 6.01 4.20 -4.63
N THR A 58 7.30 3.95 -4.49
CA THR A 58 8.12 3.43 -5.58
C THR A 58 7.62 2.05 -6.01
N VAL A 59 7.45 1.87 -7.32
CA VAL A 59 6.98 0.60 -7.86
C VAL A 59 7.93 0.08 -8.94
N ASN A 60 8.55 -1.07 -8.66
CA ASN A 60 9.48 -1.66 -9.61
C ASN A 60 8.74 -2.49 -10.65
N ARG A 61 8.90 -2.12 -11.92
CA ARG A 61 8.24 -2.82 -13.01
C ARG A 61 9.02 -4.08 -13.40
N LEU A 62 10.34 -4.02 -13.23
CA LEU A 62 11.20 -5.16 -13.56
C LEU A 62 11.01 -6.29 -12.55
N GLN A 63 10.66 -5.93 -11.32
CA GLN A 63 10.45 -6.92 -10.27
C GLN A 63 8.98 -7.33 -10.20
N SER A 64 8.09 -6.36 -10.31
CA SER A 64 6.66 -6.61 -10.25
C SER A 64 6.24 -7.56 -11.37
N ASN A 65 5.21 -8.37 -11.09
CA ASN A 65 4.71 -9.32 -12.07
C ASN A 65 3.25 -9.02 -12.43
N GLU A 66 2.66 -9.88 -13.25
CA GLU A 66 1.28 -9.72 -13.67
C GLU A 66 0.32 -10.14 -12.56
N VAL A 67 0.85 -10.83 -11.55
CA VAL A 67 0.04 -11.29 -10.43
C VAL A 67 0.62 -10.82 -9.11
N THR A 68 1.71 -10.06 -9.17
CA THR A 68 2.37 -9.56 -7.98
C THR A 68 2.84 -8.12 -8.18
N LEU A 69 2.66 -7.30 -7.15
CA LEU A 69 3.08 -5.90 -7.21
C LEU A 69 4.20 -5.62 -6.23
N THR A 70 5.42 -5.49 -6.74
CA THR A 70 6.58 -5.21 -5.90
C THR A 70 6.80 -3.71 -5.74
N LEU A 71 6.62 -3.21 -4.53
CA LEU A 71 6.81 -1.79 -4.25
C LEU A 71 7.49 -1.58 -2.90
N THR A 72 7.90 -0.35 -2.64
CA THR A 72 8.57 -0.03 -1.38
C THR A 72 7.68 0.85 -0.50
N VAL A 73 7.53 0.45 0.76
CA VAL A 73 6.71 1.19 1.71
C VAL A 73 7.08 2.67 1.72
N PRO A 74 6.07 3.54 1.60
CA PRO A 74 6.27 4.99 1.60
C PRO A 74 6.70 5.52 2.97
N GLU A 75 7.11 6.79 3.00
CA GLU A 75 7.55 7.41 4.24
C GLU A 75 6.39 8.15 4.91
N TYR A 76 6.11 7.76 6.16
CA TYR A 76 5.02 8.37 6.91
C TYR A 76 5.30 9.86 7.16
N SER A 77 4.29 10.57 7.64
CA SER A 77 4.43 12.00 7.93
C SER A 77 4.99 12.23 9.32
N ASN A 78 4.54 11.42 10.27
CA ASN A 78 4.99 11.54 11.66
C ASN A 78 5.88 10.35 12.04
N LYS A 79 7.19 10.56 11.99
CA LYS A 79 8.14 9.52 12.34
C LYS A 79 8.47 9.54 13.83
N ARG A 80 8.55 10.74 14.40
CA ARG A 80 8.85 10.89 15.82
C ARG A 80 7.60 10.64 16.66
N VAL A 81 6.94 9.52 16.42
CA VAL A 81 5.74 9.15 17.16
C VAL A 81 6.03 8.07 18.18
N SER A 82 5.41 8.17 19.35
CA SER A 82 5.60 7.20 20.42
C SER A 82 4.51 6.14 20.38
N ARG A 83 3.81 6.05 19.26
CA ARG A 83 2.74 5.08 19.09
C ARG A 83 2.49 4.78 17.62
N PRO A 84 2.02 3.56 17.33
CA PRO A 84 1.73 3.12 15.96
C PRO A 84 0.51 3.83 15.37
N VAL A 85 0.35 3.73 14.06
CA VAL A 85 -0.77 4.36 13.38
C VAL A 85 -1.36 3.44 12.32
N GLN A 86 -2.69 3.39 12.25
CA GLN A 86 -3.38 2.55 11.28
C GLN A 86 -3.66 3.32 10.00
N VAL A 87 -3.15 2.83 8.88
CA VAL A 87 -3.36 3.47 7.59
C VAL A 87 -3.86 2.47 6.55
N TYR A 88 -4.23 2.97 5.38
CA TYR A 88 -4.74 2.12 4.31
C TYR A 88 -4.07 2.48 2.98
N PHE A 89 -4.23 1.60 1.99
CA PHE A 89 -3.64 1.83 0.67
C PHE A 89 -4.43 1.09 -0.40
N TYR A 90 -4.39 1.61 -1.62
CA TYR A 90 -5.11 1.01 -2.74
C TYR A 90 -4.27 1.07 -4.01
N VAL A 91 -4.74 0.37 -5.05
CA VAL A 91 -4.04 0.34 -6.33
C VAL A 91 -4.90 0.96 -7.43
N SER A 92 -4.29 1.86 -8.20
CA SER A 92 -5.00 2.53 -9.29
C SER A 92 -4.65 1.89 -10.63
N ASN A 93 -5.66 1.36 -11.31
CA ASN A 93 -5.46 0.72 -12.61
C ASN A 93 -6.50 1.20 -13.62
N GLY A 94 -6.09 2.11 -14.49
CA GLY A 94 -7.00 2.64 -15.50
C GLY A 94 -7.41 4.06 -15.21
N ARG A 95 -8.71 4.30 -15.14
CA ARG A 95 -9.24 5.64 -14.88
C ARG A 95 -10.32 5.60 -13.81
N ARG A 96 -11.25 4.66 -13.94
CA ARG A 96 -12.33 4.51 -12.97
C ARG A 96 -12.36 3.11 -12.40
N LYS A 97 -11.18 2.54 -12.15
CA LYS A 97 -11.07 1.20 -11.60
C LYS A 97 -9.99 1.15 -10.52
N ARG A 98 -10.40 0.79 -9.30
CA ARG A 98 -9.47 0.70 -8.18
C ARG A 98 -9.72 -0.56 -7.36
N SER A 99 -8.87 -0.80 -6.36
CA SER A 99 -9.00 -1.96 -5.51
C SER A 99 -9.44 -1.56 -4.10
N PRO A 100 -9.96 -2.53 -3.34
CA PRO A 100 -10.42 -2.31 -1.97
C PRO A 100 -9.26 -2.04 -1.00
N THR A 101 -9.34 -0.91 -0.31
CA THR A 101 -8.30 -0.54 0.65
C THR A 101 -7.97 -1.70 1.58
N GLN A 102 -6.70 -1.81 1.96
CA GLN A 102 -6.25 -2.87 2.85
C GLN A 102 -5.84 -2.31 4.21
N SER A 103 -6.22 -3.02 5.27
CA SER A 103 -5.90 -2.59 6.63
C SER A 103 -4.40 -2.70 6.88
N PHE A 104 -3.77 -1.57 7.22
CA PHE A 104 -2.34 -1.54 7.49
C PHE A 104 -2.05 -0.67 8.71
N ARG A 105 -0.86 -0.83 9.27
CA ARG A 105 -0.44 -0.07 10.44
C ARG A 105 1.07 0.07 10.49
N PHE A 106 1.54 1.26 10.85
CA PHE A 106 2.97 1.54 10.94
C PHE A 106 3.45 1.45 12.39
N LEU A 107 4.54 0.72 12.59
CA LEU A 107 5.11 0.55 13.92
C LEU A 107 6.27 1.52 14.16
N PRO A 108 6.34 2.08 15.37
CA PRO A 108 7.39 3.03 15.75
C PRO A 108 8.76 2.37 15.86
N VAL A 109 9.78 3.03 15.32
CA VAL A 109 11.13 2.50 15.36
C VAL A 109 11.88 2.99 16.60
N ILE A 110 11.56 4.20 17.04
CA ILE A 110 12.19 4.78 18.22
C ILE A 110 12.49 3.71 19.26
N CYS A 111 11.57 2.77 19.43
CA CYS A 111 11.74 1.69 20.39
C CYS A 111 11.24 0.37 19.83
N LYS A 112 12.00 -0.70 20.05
CA LYS A 112 11.64 -2.02 19.56
C LYS A 112 11.25 -2.94 20.71
N GLU A 113 9.97 -3.29 20.80
CA GLU A 113 9.48 -4.16 21.86
C GLU A 113 9.62 -5.63 21.45
N GLU A 114 10.75 -5.97 20.84
CA GLU A 114 11.00 -7.33 20.40
C GLU A 114 11.13 -8.27 21.59
N GLY A 1 -9.91 -15.09 -13.17
CA GLY A 1 -11.04 -15.84 -12.65
C GLY A 1 -11.72 -16.67 -13.71
N SER A 2 -12.83 -16.16 -14.24
CA SER A 2 -13.58 -16.87 -15.27
C SER A 2 -13.25 -16.34 -16.66
N SER A 3 -13.38 -17.19 -17.67
CA SER A 3 -13.08 -16.80 -19.05
C SER A 3 -14.17 -15.88 -19.59
N GLY A 4 -14.01 -14.58 -19.37
CA GLY A 4 -14.99 -13.63 -19.85
C GLY A 4 -14.39 -12.24 -20.06
N SER A 5 -15.18 -11.21 -19.77
CA SER A 5 -14.72 -9.84 -19.93
C SER A 5 -14.59 -9.14 -18.58
N SER A 6 -13.36 -9.01 -18.10
CA SER A 6 -13.10 -8.36 -16.83
C SER A 6 -11.61 -8.05 -16.67
N GLY A 7 -11.32 -6.92 -16.03
CA GLY A 7 -9.94 -6.53 -15.83
C GLY A 7 -9.75 -5.67 -14.58
N LEU A 8 -10.22 -6.18 -13.45
CA LEU A 8 -10.11 -5.47 -12.18
C LEU A 8 -9.00 -6.04 -11.32
N PRO A 9 -8.25 -5.17 -10.64
CA PRO A 9 -7.15 -5.57 -9.76
C PRO A 9 -7.64 -6.28 -8.50
N GLN A 10 -6.95 -7.36 -8.13
CA GLN A 10 -7.32 -8.13 -6.95
C GLN A 10 -6.12 -8.27 -6.00
N VAL A 11 -6.40 -8.25 -4.70
CA VAL A 11 -5.35 -8.38 -3.70
C VAL A 11 -5.68 -9.50 -2.72
N GLU A 12 -5.08 -10.67 -2.95
CA GLU A 12 -5.30 -11.83 -2.09
C GLU A 12 -4.67 -11.62 -0.72
N ALA A 13 -3.39 -11.26 -0.72
CA ALA A 13 -2.66 -11.02 0.53
C ALA A 13 -1.52 -10.04 0.31
N TYR A 14 -0.81 -9.70 1.39
CA TYR A 14 0.31 -8.78 1.32
C TYR A 14 1.28 -8.99 2.48
N SER A 15 2.56 -8.86 2.20
CA SER A 15 3.59 -9.05 3.22
C SER A 15 4.76 -8.10 2.99
N PRO A 16 5.39 -7.65 4.09
CA PRO A 16 4.99 -8.05 5.44
C PRO A 16 3.63 -7.45 5.84
N SER A 17 2.83 -8.24 6.54
CA SER A 17 1.52 -7.78 6.99
C SER A 17 1.59 -6.36 7.54
N ALA A 18 2.78 -5.96 7.97
CA ALA A 18 2.98 -4.63 8.52
C ALA A 18 4.45 -4.21 8.44
N CYS A 19 4.71 -2.93 8.65
CA CYS A 19 6.07 -2.41 8.59
C CYS A 19 6.22 -1.20 9.51
N SER A 20 7.42 -0.60 9.49
CA SER A 20 7.70 0.56 10.32
C SER A 20 7.37 1.85 9.57
N VAL A 21 7.30 2.96 10.31
CA VAL A 21 7.00 4.25 9.72
C VAL A 21 8.02 4.61 8.64
N ARG A 22 9.23 4.10 8.78
CA ARG A 22 10.29 4.36 7.82
C ARG A 22 10.18 3.44 6.61
N GLY A 23 9.26 2.48 6.68
CA GLY A 23 9.06 1.54 5.59
C GLY A 23 10.37 1.15 4.93
N GLY A 24 10.62 1.72 3.75
CA GLY A 24 11.84 1.41 3.03
C GLY A 24 12.17 -0.06 3.03
N GLU A 25 11.13 -0.90 2.98
CA GLU A 25 11.31 -2.34 2.99
C GLU A 25 10.69 -2.97 1.74
N GLU A 26 10.94 -4.26 1.55
CA GLU A 26 10.41 -4.98 0.39
C GLU A 26 8.96 -5.41 0.64
N LEU A 27 8.02 -4.66 0.06
CA LEU A 27 6.61 -4.97 0.21
C LEU A 27 6.04 -5.60 -1.05
N VAL A 28 5.74 -6.89 -0.98
CA VAL A 28 5.20 -7.61 -2.12
C VAL A 28 3.70 -7.83 -1.97
N LEU A 29 2.94 -7.47 -3.00
CA LEU A 29 1.49 -7.63 -2.97
C LEU A 29 1.06 -8.88 -3.73
N THR A 30 0.16 -9.65 -3.14
CA THR A 30 -0.33 -10.87 -3.76
C THR A 30 -1.72 -10.68 -4.34
N GLY A 31 -1.96 -11.24 -5.52
CA GLY A 31 -3.25 -11.12 -6.16
C GLY A 31 -3.20 -11.45 -7.64
N SER A 32 -3.91 -10.68 -8.45
CA SER A 32 -3.94 -10.89 -9.89
C SER A 32 -4.57 -9.71 -10.61
N ASN A 33 -4.52 -9.73 -11.93
CA ASN A 33 -5.08 -8.65 -12.73
C ASN A 33 -4.38 -7.33 -12.45
N PHE A 34 -3.05 -7.34 -12.52
CA PHE A 34 -2.26 -6.15 -12.25
C PHE A 34 -1.73 -5.55 -13.56
N LEU A 35 -1.44 -4.25 -13.54
CA LEU A 35 -0.93 -3.56 -14.72
C LEU A 35 0.55 -3.22 -14.55
N PRO A 36 1.27 -3.20 -15.68
CA PRO A 36 2.70 -2.88 -15.69
C PRO A 36 2.98 -1.42 -15.35
N ASP A 37 1.92 -0.65 -15.16
CA ASP A 37 2.05 0.76 -14.83
C ASP A 37 1.12 1.14 -13.68
N SER A 38 0.63 0.14 -12.97
CA SER A 38 -0.27 0.36 -11.85
C SER A 38 0.31 1.37 -10.87
N LYS A 39 -0.53 1.91 -10.00
CA LYS A 39 -0.09 2.90 -9.02
C LYS A 39 -0.59 2.52 -7.62
N VAL A 40 0.19 2.87 -6.61
CA VAL A 40 -0.17 2.58 -5.23
C VAL A 40 -0.07 3.82 -4.35
N VAL A 41 -1.17 4.22 -3.75
CA VAL A 41 -1.21 5.39 -2.89
C VAL A 41 -1.84 5.07 -1.53
N PHE A 42 -1.39 5.76 -0.49
CA PHE A 42 -1.91 5.55 0.85
C PHE A 42 -2.90 6.66 1.24
N ILE A 43 -3.63 6.43 2.32
CA ILE A 43 -4.61 7.40 2.80
C ILE A 43 -4.59 7.50 4.32
N GLU A 44 -4.97 8.66 4.84
CA GLU A 44 -5.00 8.88 6.28
C GLU A 44 -6.23 9.70 6.69
N ARG A 45 -6.87 9.28 7.77
CA ARG A 45 -8.05 9.97 8.26
C ARG A 45 -7.69 10.96 9.37
N GLY A 46 -8.27 12.16 9.30
CA GLY A 46 -7.99 13.18 10.30
C GLY A 46 -9.15 13.36 11.26
N PRO A 47 -8.90 14.12 12.35
CA PRO A 47 -9.91 14.38 13.37
C PRO A 47 -11.02 15.30 12.87
N ASP A 48 -10.94 15.68 11.59
CA ASP A 48 -11.93 16.55 10.99
C ASP A 48 -13.06 15.74 10.37
N GLY A 49 -12.73 14.56 9.84
CA GLY A 49 -13.72 13.71 9.23
C GLY A 49 -13.30 13.22 7.86
N LYS A 50 -12.62 14.07 7.11
CA LYS A 50 -12.15 13.72 5.77
C LYS A 50 -10.69 13.32 5.80
N LEU A 51 -10.30 12.44 4.87
CA LEU A 51 -8.92 11.98 4.79
C LEU A 51 -8.18 12.69 3.66
N GLN A 52 -6.95 13.09 3.93
CA GLN A 52 -6.13 13.77 2.93
C GLN A 52 -4.65 13.53 3.17
N TRP A 53 -4.05 12.68 2.35
CA TRP A 53 -2.63 12.36 2.48
C TRP A 53 -2.03 11.98 1.12
N GLU A 54 -1.18 12.85 0.59
CA GLU A 54 -0.54 12.60 -0.70
C GLU A 54 0.86 12.04 -0.51
N GLU A 55 0.99 10.73 -0.70
CA GLU A 55 2.28 10.06 -0.54
C GLU A 55 2.44 8.94 -1.57
N GLU A 56 3.31 9.15 -2.54
CA GLU A 56 3.55 8.16 -3.58
C GLU A 56 4.60 7.15 -3.13
N ALA A 57 4.37 5.88 -3.44
CA ALA A 57 5.30 4.81 -3.07
C ALA A 57 6.09 4.34 -4.29
N THR A 58 7.40 4.19 -4.10
CA THR A 58 8.28 3.76 -5.18
C THR A 58 8.00 2.31 -5.56
N VAL A 59 7.48 2.11 -6.77
CA VAL A 59 7.17 0.77 -7.26
C VAL A 59 8.35 0.18 -8.04
N ASN A 60 8.50 -1.14 -7.95
CA ASN A 60 9.59 -1.82 -8.64
C ASN A 60 9.04 -2.74 -9.73
N ARG A 61 8.97 -2.23 -10.95
CA ARG A 61 8.47 -3.00 -12.08
C ARG A 61 9.43 -4.13 -12.44
N LEU A 62 10.70 -3.94 -12.12
CA LEU A 62 11.72 -4.94 -12.42
C LEU A 62 11.37 -6.27 -11.78
N GLN A 63 10.87 -6.23 -10.55
CA GLN A 63 10.50 -7.43 -9.83
C GLN A 63 8.98 -7.53 -9.68
N SER A 64 8.25 -7.02 -10.67
CA SER A 64 6.79 -7.04 -10.64
C SER A 64 6.24 -7.92 -11.76
N ASN A 65 5.21 -8.69 -11.43
CA ASN A 65 4.59 -9.58 -12.40
C ASN A 65 3.11 -9.27 -12.55
N GLU A 66 2.43 -10.03 -13.42
CA GLU A 66 1.00 -9.84 -13.65
C GLU A 66 0.18 -10.33 -12.46
N VAL A 67 0.85 -10.98 -11.52
CA VAL A 67 0.18 -11.51 -10.33
C VAL A 67 0.89 -11.07 -9.06
N THR A 68 1.99 -10.33 -9.22
CA THR A 68 2.76 -9.84 -8.09
C THR A 68 3.15 -8.38 -8.28
N LEU A 69 3.19 -7.64 -7.18
CA LEU A 69 3.56 -6.22 -7.23
C LEU A 69 4.54 -5.87 -6.11
N THR A 70 5.79 -5.62 -6.48
CA THR A 70 6.82 -5.27 -5.50
C THR A 70 7.02 -3.76 -5.43
N LEU A 71 6.73 -3.18 -4.27
CA LEU A 71 6.88 -1.74 -4.08
C LEU A 71 7.60 -1.44 -2.77
N THR A 72 7.96 -0.18 -2.57
CA THR A 72 8.65 0.24 -1.36
C THR A 72 7.74 1.08 -0.47
N VAL A 73 7.50 0.61 0.74
CA VAL A 73 6.65 1.33 1.69
C VAL A 73 7.10 2.77 1.84
N PRO A 74 6.18 3.71 1.58
CA PRO A 74 6.46 5.15 1.69
C PRO A 74 6.64 5.60 3.13
N GLU A 75 7.28 6.75 3.31
CA GLU A 75 7.52 7.29 4.64
C GLU A 75 6.28 8.00 5.17
N TYR A 76 5.98 7.78 6.45
CA TYR A 76 4.81 8.39 7.07
C TYR A 76 5.09 9.85 7.43
N SER A 77 4.03 10.62 7.65
CA SER A 77 4.16 12.02 8.00
C SER A 77 4.89 12.18 9.33
N ASN A 78 4.56 11.33 10.29
CA ASN A 78 5.18 11.38 11.60
C ASN A 78 5.94 10.09 11.90
N LYS A 79 7.26 10.19 12.01
CA LYS A 79 8.10 9.03 12.30
C LYS A 79 8.42 8.95 13.78
N ARG A 80 8.61 10.11 14.41
CA ARG A 80 8.93 10.15 15.83
C ARG A 80 7.68 9.94 16.68
N VAL A 81 6.96 8.85 16.39
CA VAL A 81 5.75 8.53 17.13
C VAL A 81 6.00 7.43 18.15
N SER A 82 5.43 7.59 19.34
CA SER A 82 5.61 6.61 20.41
C SER A 82 4.68 5.42 20.19
N ARG A 83 3.61 5.63 19.43
CA ARG A 83 2.66 4.56 19.14
C ARG A 83 2.49 4.36 17.65
N PRO A 84 2.14 3.12 17.25
CA PRO A 84 1.94 2.78 15.83
C PRO A 84 0.70 3.43 15.25
N VAL A 85 0.70 3.61 13.94
CA VAL A 85 -0.44 4.22 13.25
C VAL A 85 -1.04 3.26 12.24
N GLN A 86 -2.36 3.37 12.04
CA GLN A 86 -3.06 2.51 11.09
C GLN A 86 -3.48 3.29 9.86
N VAL A 87 -2.96 2.88 8.70
CA VAL A 87 -3.28 3.54 7.43
C VAL A 87 -3.83 2.54 6.42
N TYR A 88 -4.34 3.05 5.32
CA TYR A 88 -4.90 2.21 4.27
C TYR A 88 -4.34 2.59 2.90
N PHE A 89 -4.26 1.62 2.01
CA PHE A 89 -3.74 1.85 0.66
C PHE A 89 -4.49 1.02 -0.36
N TYR A 90 -4.59 1.54 -1.58
CA TYR A 90 -5.28 0.84 -2.66
C TYR A 90 -4.51 0.95 -3.97
N VAL A 91 -4.90 0.13 -4.95
CA VAL A 91 -4.24 0.13 -6.25
C VAL A 91 -5.09 0.85 -7.28
N SER A 92 -4.52 1.89 -7.89
CA SER A 92 -5.23 2.67 -8.91
C SER A 92 -5.05 2.05 -10.28
N ASN A 93 -6.14 1.59 -10.87
CA ASN A 93 -6.11 0.97 -12.19
C ASN A 93 -7.17 1.58 -13.11
N GLY A 94 -6.73 2.47 -13.99
CA GLY A 94 -7.65 3.11 -14.92
C GLY A 94 -8.17 4.43 -14.38
N ARG A 95 -9.49 4.58 -14.34
CA ARG A 95 -10.11 5.80 -13.87
C ARG A 95 -11.11 5.50 -12.76
N ARG A 96 -11.89 4.44 -12.93
CA ARG A 96 -12.89 4.04 -11.95
C ARG A 96 -12.52 2.71 -11.30
N LYS A 97 -11.87 1.85 -12.07
CA LYS A 97 -11.46 0.54 -11.57
C LYS A 97 -10.36 0.68 -10.52
N ARG A 98 -10.64 0.18 -9.32
CA ARG A 98 -9.67 0.26 -8.22
C ARG A 98 -9.71 -1.02 -7.39
N SER A 99 -8.86 -1.08 -6.37
CA SER A 99 -8.78 -2.25 -5.50
C SER A 99 -9.31 -1.92 -4.10
N PRO A 100 -9.65 -2.97 -3.34
CA PRO A 100 -10.17 -2.82 -1.98
C PRO A 100 -9.10 -2.34 -1.00
N THR A 101 -9.40 -1.27 -0.27
CA THR A 101 -8.48 -0.71 0.70
C THR A 101 -7.88 -1.80 1.59
N GLN A 102 -6.56 -1.78 1.74
CA GLN A 102 -5.88 -2.78 2.56
C GLN A 102 -5.55 -2.21 3.94
N SER A 103 -5.90 -2.95 4.98
CA SER A 103 -5.64 -2.52 6.35
C SER A 103 -4.16 -2.64 6.70
N PHE A 104 -3.47 -1.51 6.71
CA PHE A 104 -2.04 -1.50 7.02
C PHE A 104 -1.78 -0.65 8.26
N ARG A 105 -0.60 -0.84 8.85
CA ARG A 105 -0.21 -0.10 10.05
C ARG A 105 1.30 0.05 10.14
N PHE A 106 1.75 1.24 10.50
CA PHE A 106 3.18 1.52 10.62
C PHE A 106 3.62 1.50 12.08
N LEU A 107 4.68 0.76 12.37
CA LEU A 107 5.20 0.66 13.73
C LEU A 107 6.30 1.69 13.97
N PRO A 108 6.41 2.16 15.21
CA PRO A 108 7.43 3.15 15.60
C PRO A 108 8.84 2.57 15.59
N VAL A 109 9.83 3.44 15.37
CA VAL A 109 11.22 3.00 15.34
C VAL A 109 11.89 3.23 16.69
N ILE A 110 11.09 3.42 17.73
CA ILE A 110 11.60 3.64 19.06
C ILE A 110 11.79 2.32 19.81
N CYS A 111 13.00 2.10 20.31
CA CYS A 111 13.31 0.89 21.04
C CYS A 111 12.70 0.92 22.44
N LYS A 112 12.60 -0.26 23.06
CA LYS A 112 12.04 -0.36 24.40
C LYS A 112 13.06 -0.91 25.39
N GLU A 113 13.06 -0.38 26.61
CA GLU A 113 13.98 -0.83 27.64
C GLU A 113 13.61 -0.24 29.00
N GLU A 114 14.28 -0.72 30.04
CA GLU A 114 14.01 -0.25 31.40
C GLU A 114 14.73 1.08 31.66
N GLY A 1 -15.69 -21.84 -6.38
CA GLY A 1 -16.77 -22.26 -7.25
C GLY A 1 -16.73 -21.58 -8.61
N SER A 2 -16.57 -20.26 -8.60
CA SER A 2 -16.51 -19.50 -9.84
C SER A 2 -15.72 -18.21 -9.65
N SER A 3 -14.82 -17.93 -10.58
CA SER A 3 -13.99 -16.73 -10.52
C SER A 3 -14.18 -15.87 -11.76
N GLY A 4 -15.09 -14.90 -11.67
CA GLY A 4 -15.36 -14.03 -12.79
C GLY A 4 -15.24 -12.56 -12.42
N SER A 5 -14.02 -12.05 -12.40
CA SER A 5 -13.77 -10.65 -12.05
C SER A 5 -14.12 -9.73 -13.21
N SER A 6 -14.27 -8.44 -12.92
CA SER A 6 -14.59 -7.46 -13.94
C SER A 6 -13.35 -6.68 -14.37
N GLY A 7 -12.27 -7.40 -14.63
CA GLY A 7 -11.03 -6.76 -15.04
C GLY A 7 -10.55 -5.74 -14.04
N LEU A 8 -10.69 -6.05 -12.76
CA LEU A 8 -10.26 -5.14 -11.69
C LEU A 8 -9.12 -5.76 -10.89
N PRO A 9 -8.28 -4.88 -10.32
CA PRO A 9 -7.13 -5.31 -9.51
C PRO A 9 -7.55 -5.93 -8.18
N GLN A 10 -6.96 -7.06 -7.84
CA GLN A 10 -7.27 -7.76 -6.60
C GLN A 10 -6.02 -7.97 -5.76
N VAL A 11 -6.20 -8.12 -4.44
CA VAL A 11 -5.08 -8.33 -3.54
C VAL A 11 -5.35 -9.52 -2.61
N GLU A 12 -4.73 -10.65 -2.92
CA GLU A 12 -4.89 -11.86 -2.11
C GLU A 12 -4.25 -11.69 -0.74
N ALA A 13 -2.95 -11.38 -0.73
CA ALA A 13 -2.23 -11.19 0.51
C ALA A 13 -0.96 -10.37 0.28
N TYR A 14 -0.57 -9.59 1.28
CA TYR A 14 0.62 -8.76 1.19
C TYR A 14 1.69 -9.22 2.19
N SER A 15 2.90 -8.70 2.03
CA SER A 15 4.00 -9.06 2.92
C SER A 15 5.15 -8.04 2.80
N PRO A 16 5.68 -7.63 3.95
CA PRO A 16 5.23 -8.11 5.26
C PRO A 16 3.84 -7.59 5.62
N SER A 17 3.17 -8.28 6.53
CA SER A 17 1.83 -7.88 6.96
C SER A 17 1.83 -6.46 7.51
N ALA A 18 2.95 -6.06 8.10
CA ALA A 18 3.08 -4.72 8.66
C ALA A 18 4.46 -4.15 8.41
N CYS A 19 4.67 -2.89 8.81
CA CYS A 19 5.96 -2.24 8.61
C CYS A 19 6.07 -1.00 9.49
N SER A 20 7.22 -0.34 9.43
CA SER A 20 7.44 0.88 10.23
C SER A 20 7.07 2.12 9.44
N VAL A 21 6.53 3.12 10.13
CA VAL A 21 6.14 4.37 9.50
C VAL A 21 7.19 4.83 8.49
N ARG A 22 8.46 4.53 8.79
CA ARG A 22 9.56 4.92 7.92
C ARG A 22 9.56 4.08 6.64
N GLY A 23 9.20 2.81 6.77
CA GLY A 23 9.18 1.92 5.63
C GLY A 23 10.56 1.60 5.11
N GLY A 24 10.73 1.68 3.80
CA GLY A 24 12.03 1.39 3.19
C GLY A 24 12.33 -0.10 3.17
N GLU A 25 11.31 -0.91 2.93
CA GLU A 25 11.47 -2.36 2.88
C GLU A 25 10.79 -2.94 1.64
N GLU A 26 11.01 -4.23 1.42
CA GLU A 26 10.42 -4.91 0.27
C GLU A 26 9.01 -5.36 0.57
N LEU A 27 8.03 -4.66 0.00
CA LEU A 27 6.62 -5.00 0.22
C LEU A 27 6.04 -5.70 -1.01
N VAL A 28 5.85 -7.02 -0.90
CA VAL A 28 5.30 -7.80 -1.99
C VAL A 28 3.78 -7.90 -1.88
N LEU A 29 3.10 -7.58 -2.98
CA LEU A 29 1.64 -7.64 -3.01
C LEU A 29 1.15 -8.80 -3.86
N THR A 30 0.47 -9.75 -3.23
CA THR A 30 -0.05 -10.92 -3.94
C THR A 30 -1.46 -10.66 -4.47
N GLY A 31 -1.73 -11.17 -5.66
CA GLY A 31 -3.05 -10.98 -6.25
C GLY A 31 -3.09 -11.42 -7.71
N SER A 32 -4.02 -10.83 -8.47
CA SER A 32 -4.15 -11.16 -9.88
C SER A 32 -4.67 -9.97 -10.68
N ASN A 33 -4.67 -10.09 -11.99
CA ASN A 33 -5.14 -9.02 -12.87
C ASN A 33 -4.46 -7.70 -12.52
N PHE A 34 -3.13 -7.72 -12.44
CA PHE A 34 -2.36 -6.53 -12.11
C PHE A 34 -1.85 -5.85 -13.38
N LEU A 35 -1.34 -4.63 -13.22
CA LEU A 35 -0.81 -3.88 -14.35
C LEU A 35 0.70 -3.64 -14.18
N PRO A 36 1.39 -3.49 -15.32
CA PRO A 36 2.84 -3.24 -15.33
C PRO A 36 3.20 -1.85 -14.81
N ASP A 37 2.25 -0.93 -14.91
CA ASP A 37 2.47 0.44 -14.45
C ASP A 37 1.46 0.81 -13.37
N SER A 38 1.08 -0.17 -12.56
CA SER A 38 0.12 0.05 -11.48
C SER A 38 0.63 1.11 -10.51
N LYS A 39 -0.29 1.78 -9.83
CA LYS A 39 0.06 2.81 -8.86
C LYS A 39 -0.38 2.42 -7.46
N VAL A 40 0.33 2.92 -6.45
CA VAL A 40 0.01 2.61 -5.06
C VAL A 40 0.14 3.86 -4.18
N VAL A 41 -0.96 4.24 -3.55
CA VAL A 41 -0.96 5.42 -2.68
C VAL A 41 -1.57 5.09 -1.32
N PHE A 42 -1.12 5.81 -0.29
CA PHE A 42 -1.61 5.59 1.06
C PHE A 42 -2.57 6.70 1.47
N ILE A 43 -3.35 6.45 2.52
CA ILE A 43 -4.31 7.42 3.02
C ILE A 43 -4.22 7.56 4.53
N GLU A 44 -4.66 8.71 5.04
CA GLU A 44 -4.64 8.96 6.48
C GLU A 44 -5.90 9.71 6.92
N ARG A 45 -6.62 9.14 7.88
CA ARG A 45 -7.84 9.76 8.39
C ARG A 45 -7.53 10.71 9.54
N GLY A 46 -8.09 11.91 9.47
CA GLY A 46 -7.86 12.89 10.51
C GLY A 46 -9.06 13.06 11.43
N PRO A 47 -8.86 13.76 12.54
CA PRO A 47 -9.92 14.01 13.53
C PRO A 47 -10.99 14.98 13.00
N ASP A 48 -10.75 15.51 11.80
CA ASP A 48 -11.70 16.43 11.19
C ASP A 48 -12.91 15.69 10.63
N GLY A 49 -12.66 14.58 9.94
CA GLY A 49 -13.73 13.80 9.36
C GLY A 49 -13.37 13.22 8.01
N LYS A 50 -12.54 13.93 7.26
CA LYS A 50 -12.12 13.48 5.95
C LYS A 50 -10.63 13.14 5.94
N LEU A 51 -10.24 12.22 5.05
CA LEU A 51 -8.84 11.82 4.94
C LEU A 51 -8.16 12.52 3.78
N GLN A 52 -6.91 12.95 3.98
CA GLN A 52 -6.15 13.62 2.95
C GLN A 52 -4.65 13.41 3.14
N TRP A 53 -4.07 12.56 2.31
CA TRP A 53 -2.64 12.26 2.38
C TRP A 53 -2.09 11.86 1.02
N GLU A 54 -1.24 12.71 0.46
CA GLU A 54 -0.66 12.43 -0.85
C GLU A 54 0.78 11.95 -0.71
N GLU A 55 0.99 10.66 -0.92
CA GLU A 55 2.33 10.08 -0.81
C GLU A 55 2.51 8.95 -1.81
N GLU A 56 3.47 9.12 -2.73
CA GLU A 56 3.74 8.12 -3.74
C GLU A 56 4.85 7.17 -3.28
N ALA A 57 4.66 5.89 -3.57
CA ALA A 57 5.65 4.87 -3.19
C ALA A 57 6.32 4.27 -4.42
N THR A 58 7.64 4.10 -4.34
CA THR A 58 8.39 3.53 -5.45
C THR A 58 7.88 2.14 -5.82
N VAL A 59 7.91 1.82 -7.10
CA VAL A 59 7.46 0.52 -7.58
C VAL A 59 8.50 -0.15 -8.46
N ASN A 60 8.74 -1.43 -8.23
CA ASN A 60 9.72 -2.18 -9.00
C ASN A 60 9.05 -3.00 -10.10
N ARG A 61 9.11 -2.50 -11.32
CA ARG A 61 8.50 -3.18 -12.45
C ARG A 61 9.26 -4.46 -12.79
N LEU A 62 10.57 -4.44 -12.57
CA LEU A 62 11.41 -5.60 -12.85
C LEU A 62 10.81 -6.87 -12.26
N GLN A 63 10.41 -6.80 -11.00
CA GLN A 63 9.82 -7.94 -10.32
C GLN A 63 8.31 -8.00 -10.57
N SER A 64 7.66 -6.85 -10.51
CA SER A 64 6.22 -6.77 -10.73
C SER A 64 5.80 -7.66 -11.91
N ASN A 65 4.70 -8.37 -11.73
CA ASN A 65 4.20 -9.26 -12.78
C ASN A 65 2.68 -9.13 -12.92
N GLU A 66 2.13 -9.76 -13.95
CA GLU A 66 0.70 -9.71 -14.20
C GLU A 66 -0.09 -10.10 -12.95
N VAL A 67 0.58 -10.80 -12.05
CA VAL A 67 -0.06 -11.24 -10.80
C VAL A 67 0.85 -10.98 -9.60
N THR A 68 1.65 -9.91 -9.70
CA THR A 68 2.57 -9.55 -8.62
C THR A 68 2.90 -8.06 -8.67
N LEU A 69 2.99 -7.44 -7.50
CA LEU A 69 3.31 -6.02 -7.40
C LEU A 69 4.33 -5.77 -6.31
N THR A 70 5.57 -5.50 -6.72
CA THR A 70 6.64 -5.24 -5.77
C THR A 70 6.89 -3.74 -5.60
N LEU A 71 6.67 -3.24 -4.40
CA LEU A 71 6.86 -1.82 -4.11
C LEU A 71 7.58 -1.61 -2.78
N THR A 72 7.94 -0.38 -2.48
CA THR A 72 8.63 -0.05 -1.24
C THR A 72 7.74 0.79 -0.33
N VAL A 73 7.67 0.40 0.94
CA VAL A 73 6.86 1.11 1.92
C VAL A 73 7.27 2.58 1.99
N PRO A 74 6.29 3.47 1.76
CA PRO A 74 6.53 4.92 1.79
C PRO A 74 6.77 5.43 3.20
N GLU A 75 7.22 6.68 3.31
CA GLU A 75 7.50 7.28 4.60
C GLU A 75 6.27 8.02 5.15
N TYR A 76 6.06 7.93 6.45
CA TYR A 76 4.92 8.58 7.09
C TYR A 76 5.15 10.08 7.22
N SER A 77 4.09 10.81 7.53
CA SER A 77 4.17 12.26 7.68
C SER A 77 4.69 12.64 9.07
N ASN A 78 4.11 12.02 10.10
CA ASN A 78 4.50 12.29 11.48
C ASN A 78 5.38 11.16 12.01
N LYS A 79 6.45 10.85 11.29
CA LYS A 79 7.36 9.79 11.71
C LYS A 79 7.79 9.97 13.15
N ARG A 80 7.65 11.19 13.66
CA ARG A 80 8.03 11.50 15.04
C ARG A 80 6.91 11.13 16.00
N VAL A 81 6.43 9.89 15.90
CA VAL A 81 5.36 9.41 16.76
C VAL A 81 5.79 8.16 17.53
N SER A 82 5.51 8.14 18.82
CA SER A 82 5.87 7.00 19.67
C SER A 82 4.82 5.91 19.58
N ARG A 83 3.67 6.26 19.03
CA ARG A 83 2.57 5.30 18.89
C ARG A 83 2.33 4.97 17.42
N PRO A 84 1.85 3.74 17.16
CA PRO A 84 1.57 3.27 15.81
C PRO A 84 0.36 3.97 15.20
N VAL A 85 0.15 3.78 13.89
CA VAL A 85 -0.97 4.38 13.20
C VAL A 85 -1.63 3.39 12.25
N GLN A 86 -2.95 3.43 12.19
CA GLN A 86 -3.70 2.53 11.32
C GLN A 86 -4.06 3.21 10.00
N VAL A 87 -3.34 2.85 8.94
CA VAL A 87 -3.58 3.43 7.63
C VAL A 87 -4.00 2.35 6.62
N TYR A 88 -4.33 2.79 5.41
CA TYR A 88 -4.75 1.87 4.36
C TYR A 88 -4.17 2.28 3.01
N PHE A 89 -3.97 1.30 2.13
CA PHE A 89 -3.43 1.56 0.80
C PHE A 89 -4.17 0.75 -0.25
N TYR A 90 -4.20 1.28 -1.47
CA TYR A 90 -4.88 0.61 -2.57
C TYR A 90 -4.10 0.77 -3.87
N VAL A 91 -4.58 0.12 -4.93
CA VAL A 91 -3.92 0.19 -6.24
C VAL A 91 -4.77 0.98 -7.23
N SER A 92 -4.31 2.18 -7.57
CA SER A 92 -5.01 3.03 -8.50
C SER A 92 -4.62 2.72 -9.95
N ASN A 93 -5.57 2.18 -10.71
CA ASN A 93 -5.32 1.84 -12.10
C ASN A 93 -6.42 2.37 -13.01
N GLY A 94 -6.15 3.48 -13.69
CA GLY A 94 -7.12 4.07 -14.58
C GLY A 94 -7.85 5.23 -13.94
N ARG A 95 -9.18 5.17 -13.94
CA ARG A 95 -10.00 6.22 -13.36
C ARG A 95 -11.01 5.65 -12.37
N ARG A 96 -11.84 4.73 -12.86
CA ARG A 96 -12.85 4.10 -12.02
C ARG A 96 -12.39 2.73 -11.53
N LYS A 97 -11.45 2.14 -12.26
CA LYS A 97 -10.92 0.83 -11.90
C LYS A 97 -9.94 0.93 -10.74
N ARG A 98 -10.31 0.32 -9.61
CA ARG A 98 -9.46 0.35 -8.42
C ARG A 98 -9.62 -0.92 -7.61
N SER A 99 -8.84 -1.05 -6.55
CA SER A 99 -8.90 -2.23 -5.68
C SER A 99 -9.32 -1.85 -4.27
N PRO A 100 -9.82 -2.83 -3.52
CA PRO A 100 -10.27 -2.62 -2.14
C PRO A 100 -9.11 -2.38 -1.19
N THR A 101 -9.20 -1.32 -0.40
CA THR A 101 -8.16 -0.96 0.55
C THR A 101 -7.83 -2.14 1.47
N GLN A 102 -6.62 -2.17 1.99
CA GLN A 102 -6.19 -3.23 2.88
C GLN A 102 -5.78 -2.68 4.24
N SER A 103 -6.33 -3.25 5.31
CA SER A 103 -6.02 -2.82 6.66
C SER A 103 -4.53 -2.95 6.94
N PHE A 104 -3.89 -1.82 7.25
CA PHE A 104 -2.46 -1.81 7.55
C PHE A 104 -2.17 -1.00 8.81
N ARG A 105 -0.96 -1.12 9.32
CA ARG A 105 -0.56 -0.39 10.52
C ARG A 105 0.96 -0.19 10.55
N PHE A 106 1.37 1.05 10.79
CA PHE A 106 2.79 1.39 10.83
C PHE A 106 3.30 1.38 12.27
N LEU A 107 4.32 0.58 12.54
CA LEU A 107 4.90 0.47 13.88
C LEU A 107 6.05 1.45 14.04
N PRO A 108 6.14 2.08 15.22
CA PRO A 108 7.19 3.04 15.54
C PRO A 108 8.57 2.38 15.67
N VAL A 109 9.61 3.14 15.37
CA VAL A 109 10.97 2.63 15.45
C VAL A 109 11.84 3.51 16.36
N ILE A 110 11.48 4.79 16.45
CA ILE A 110 12.22 5.72 17.29
C ILE A 110 12.71 5.06 18.57
N CYS A 111 14.01 5.12 18.81
CA CYS A 111 14.60 4.54 20.00
C CYS A 111 14.44 5.45 21.21
N LYS A 112 13.24 5.99 21.36
CA LYS A 112 12.94 6.89 22.47
C LYS A 112 12.24 6.14 23.60
N GLU A 113 12.90 6.07 24.75
CA GLU A 113 12.34 5.38 25.91
C GLU A 113 11.78 4.01 25.52
N GLU A 114 12.50 3.30 24.65
CA GLU A 114 12.06 1.99 24.19
C GLU A 114 11.68 1.10 25.37
N GLY A 1 -26.07 -9.93 -22.11
CA GLY A 1 -24.82 -10.26 -22.75
C GLY A 1 -23.66 -9.43 -22.21
N SER A 2 -22.78 -10.07 -21.46
CA SER A 2 -21.63 -9.39 -20.88
C SER A 2 -20.97 -8.48 -21.90
N SER A 3 -20.90 -7.19 -21.57
CA SER A 3 -20.29 -6.20 -22.47
C SER A 3 -18.93 -5.76 -21.95
N GLY A 4 -17.89 -6.50 -22.31
CA GLY A 4 -16.55 -6.17 -21.87
C GLY A 4 -16.08 -7.05 -20.73
N SER A 5 -14.78 -7.33 -20.71
CA SER A 5 -14.20 -8.17 -19.67
C SER A 5 -13.72 -7.34 -18.49
N SER A 6 -14.40 -7.49 -17.36
CA SER A 6 -14.06 -6.75 -16.15
C SER A 6 -12.58 -6.92 -15.82
N GLY A 7 -11.79 -5.91 -16.18
CA GLY A 7 -10.36 -5.96 -15.92
C GLY A 7 -9.98 -5.21 -14.65
N LEU A 8 -10.58 -5.60 -13.53
CA LEU A 8 -10.30 -4.96 -12.25
C LEU A 8 -9.24 -5.74 -11.47
N PRO A 9 -8.38 -5.01 -10.75
CA PRO A 9 -7.31 -5.61 -9.95
C PRO A 9 -7.85 -6.35 -8.73
N GLN A 10 -7.03 -7.25 -8.18
CA GLN A 10 -7.42 -8.02 -7.01
C GLN A 10 -6.29 -8.11 -6.01
N VAL A 11 -6.63 -8.18 -4.73
CA VAL A 11 -5.63 -8.27 -3.67
C VAL A 11 -5.96 -9.40 -2.70
N GLU A 12 -5.25 -10.51 -2.84
CA GLU A 12 -5.46 -11.66 -1.98
C GLU A 12 -4.86 -11.43 -0.59
N ALA A 13 -3.54 -11.30 -0.55
CA ALA A 13 -2.83 -11.06 0.70
C ALA A 13 -1.65 -10.13 0.51
N TYR A 14 -1.22 -9.49 1.60
CA TYR A 14 -0.09 -8.57 1.53
C TYR A 14 0.87 -8.82 2.69
N SER A 15 2.16 -8.61 2.43
CA SER A 15 3.18 -8.82 3.45
C SER A 15 4.41 -7.94 3.18
N PRO A 16 5.09 -7.53 4.26
CA PRO A 16 4.71 -7.90 5.62
C PRO A 16 3.43 -7.22 6.07
N SER A 17 2.62 -7.93 6.85
CA SER A 17 1.36 -7.39 7.34
C SER A 17 1.52 -5.95 7.79
N ALA A 18 2.68 -5.63 8.34
CA ALA A 18 2.97 -4.28 8.81
C ALA A 18 4.45 -3.95 8.68
N CYS A 19 4.79 -2.68 8.82
CA CYS A 19 6.17 -2.23 8.72
C CYS A 19 6.42 -1.01 9.60
N SER A 20 7.66 -0.55 9.61
CA SER A 20 8.03 0.62 10.42
C SER A 20 7.64 1.91 9.70
N VAL A 21 7.29 2.93 10.49
CA VAL A 21 6.90 4.22 9.94
C VAL A 21 7.89 4.70 8.89
N ARG A 22 9.16 4.34 9.08
CA ARG A 22 10.21 4.74 8.15
C ARG A 22 9.94 4.19 6.76
N GLY A 23 9.47 2.95 6.70
CA GLY A 23 9.17 2.32 5.43
C GLY A 23 10.42 1.87 4.70
N GLY A 24 10.65 2.44 3.52
CA GLY A 24 11.82 2.09 2.74
C GLY A 24 12.13 0.60 2.80
N GLU A 25 11.08 -0.22 2.85
CA GLU A 25 11.25 -1.67 2.91
C GLU A 25 10.62 -2.34 1.69
N GLU A 26 10.89 -3.63 1.53
CA GLU A 26 10.35 -4.38 0.41
C GLU A 26 8.96 -4.93 0.73
N LEU A 27 7.95 -4.39 0.05
CA LEU A 27 6.57 -4.82 0.26
C LEU A 27 6.02 -5.54 -0.97
N VAL A 28 5.68 -6.81 -0.80
CA VAL A 28 5.14 -7.61 -1.89
C VAL A 28 3.64 -7.82 -1.74
N LEU A 29 2.89 -7.50 -2.79
CA LEU A 29 1.44 -7.66 -2.76
C LEU A 29 1.01 -8.90 -3.53
N THR A 30 0.13 -9.70 -2.93
CA THR A 30 -0.36 -10.92 -3.56
C THR A 30 -1.73 -10.69 -4.20
N GLY A 31 -1.90 -11.22 -5.41
CA GLY A 31 -3.17 -11.07 -6.10
C GLY A 31 -3.06 -11.39 -7.58
N SER A 32 -3.94 -10.80 -8.38
CA SER A 32 -3.95 -11.03 -9.82
C SER A 32 -4.57 -9.85 -10.56
N ASN A 33 -4.34 -9.80 -11.86
CA ASN A 33 -4.88 -8.72 -12.69
C ASN A 33 -4.16 -7.41 -12.40
N PHE A 34 -2.84 -7.44 -12.40
CA PHE A 34 -2.03 -6.26 -12.13
C PHE A 34 -1.51 -5.65 -13.43
N LEU A 35 -0.84 -4.51 -13.32
CA LEU A 35 -0.29 -3.83 -14.49
C LEU A 35 1.17 -3.48 -14.26
N PRO A 36 1.93 -3.38 -15.36
CA PRO A 36 3.35 -3.04 -15.32
C PRO A 36 3.60 -1.59 -14.90
N ASP A 37 2.55 -0.79 -14.96
CA ASP A 37 2.64 0.62 -14.58
C ASP A 37 1.54 1.00 -13.59
N SER A 38 1.18 0.05 -12.74
CA SER A 38 0.13 0.28 -11.75
C SER A 38 0.51 1.43 -10.81
N LYS A 39 -0.44 1.84 -9.98
CA LYS A 39 -0.21 2.93 -9.04
C LYS A 39 -0.56 2.49 -7.62
N VAL A 40 0.16 3.04 -6.64
CA VAL A 40 -0.09 2.71 -5.24
C VAL A 40 -0.04 3.95 -4.37
N VAL A 41 -1.21 4.42 -3.94
CA VAL A 41 -1.30 5.60 -3.09
C VAL A 41 -1.78 5.24 -1.69
N PHE A 42 -1.34 6.03 -0.70
CA PHE A 42 -1.73 5.79 0.68
C PHE A 42 -2.66 6.88 1.18
N ILE A 43 -3.36 6.60 2.28
CA ILE A 43 -4.29 7.56 2.86
C ILE A 43 -4.16 7.61 4.38
N GLU A 44 -4.72 8.66 4.98
CA GLU A 44 -4.66 8.81 6.43
C GLU A 44 -5.91 9.53 6.94
N ARG A 45 -6.51 8.97 7.99
CA ARG A 45 -7.72 9.54 8.58
C ARG A 45 -7.36 10.56 9.65
N GLY A 46 -8.03 11.71 9.60
CA GLY A 46 -7.77 12.77 10.57
C GLY A 46 -8.86 12.85 11.63
N PRO A 47 -8.56 13.57 12.72
CA PRO A 47 -9.50 13.75 13.83
C PRO A 47 -10.69 14.63 13.45
N ASP A 48 -10.71 15.06 12.19
CA ASP A 48 -11.79 15.92 11.69
C ASP A 48 -12.93 15.08 11.13
N GLY A 49 -12.58 14.01 10.42
CA GLY A 49 -13.59 13.14 9.84
C GLY A 49 -13.21 12.68 8.45
N LYS A 50 -12.53 13.55 7.70
CA LYS A 50 -12.11 13.21 6.34
C LYS A 50 -10.62 12.88 6.30
N LEU A 51 -10.24 12.04 5.34
CA LEU A 51 -8.85 11.64 5.19
C LEU A 51 -8.20 12.36 4.01
N GLN A 52 -7.00 12.88 4.24
CA GLN A 52 -6.27 13.61 3.20
C GLN A 52 -4.77 13.38 3.34
N TRP A 53 -4.22 12.55 2.45
CA TRP A 53 -2.79 12.26 2.47
C TRP A 53 -2.29 11.90 1.08
N GLU A 54 -1.41 12.73 0.53
CA GLU A 54 -0.86 12.49 -0.80
C GLU A 54 0.58 12.00 -0.70
N GLU A 55 0.77 10.70 -0.92
CA GLU A 55 2.10 10.10 -0.87
C GLU A 55 2.23 8.95 -1.86
N GLU A 56 3.09 9.13 -2.85
CA GLU A 56 3.30 8.11 -3.87
C GLU A 56 4.44 7.17 -3.47
N ALA A 57 4.27 5.89 -3.79
CA ALA A 57 5.28 4.89 -3.46
C ALA A 57 5.97 4.38 -4.72
N THR A 58 7.26 4.12 -4.61
CA THR A 58 8.05 3.63 -5.74
C THR A 58 7.57 2.25 -6.18
N VAL A 59 7.68 1.98 -7.48
CA VAL A 59 7.26 0.69 -8.03
C VAL A 59 8.30 0.15 -8.98
N ASN A 60 8.60 -1.16 -8.85
CA ASN A 60 9.58 -1.81 -9.71
C ASN A 60 8.91 -2.84 -10.61
N ARG A 61 8.39 -2.38 -11.75
CA ARG A 61 7.73 -3.27 -12.69
C ARG A 61 8.63 -4.44 -13.06
N LEU A 62 9.91 -4.16 -13.25
CA LEU A 62 10.88 -5.20 -13.61
C LEU A 62 10.68 -6.44 -12.74
N GLN A 63 10.74 -6.26 -11.43
CA GLN A 63 10.58 -7.37 -10.50
C GLN A 63 9.11 -7.79 -10.40
N SER A 64 8.22 -6.80 -10.30
CA SER A 64 6.79 -7.07 -10.20
C SER A 64 6.35 -8.03 -11.30
N ASN A 65 5.26 -8.75 -11.04
CA ASN A 65 4.72 -9.71 -11.99
C ASN A 65 3.26 -9.41 -12.31
N GLU A 66 2.68 -10.19 -13.21
CA GLU A 66 1.28 -10.02 -13.59
C GLU A 66 0.35 -10.36 -12.43
N VAL A 67 0.83 -11.18 -11.52
CA VAL A 67 0.04 -11.59 -10.36
C VAL A 67 0.65 -11.05 -9.07
N THR A 68 1.92 -10.69 -9.12
CA THR A 68 2.62 -10.15 -7.96
C THR A 68 3.04 -8.71 -8.18
N LEU A 69 3.20 -7.95 -7.09
CA LEU A 69 3.59 -6.56 -7.17
C LEU A 69 4.70 -6.26 -6.15
N THR A 70 5.72 -5.53 -6.60
CA THR A 70 6.83 -5.16 -5.73
C THR A 70 6.99 -3.66 -5.65
N LEU A 71 6.89 -3.12 -4.43
CA LEU A 71 7.02 -1.69 -4.22
C LEU A 71 7.78 -1.40 -2.92
N THR A 72 8.09 -0.12 -2.70
CA THR A 72 8.81 0.28 -1.50
C THR A 72 7.93 1.11 -0.59
N VAL A 73 7.54 0.54 0.55
CA VAL A 73 6.69 1.24 1.50
C VAL A 73 7.07 2.71 1.60
N PRO A 74 6.06 3.60 1.51
CA PRO A 74 6.28 5.05 1.60
C PRO A 74 6.67 5.49 3.00
N GLU A 75 6.96 6.78 3.14
CA GLU A 75 7.35 7.34 4.43
C GLU A 75 6.20 8.11 5.07
N TYR A 76 5.77 7.66 6.24
CA TYR A 76 4.67 8.32 6.95
C TYR A 76 5.03 9.75 7.32
N SER A 77 4.02 10.57 7.56
CA SER A 77 4.23 11.96 7.91
C SER A 77 4.80 12.08 9.32
N ASN A 78 4.19 11.38 10.26
CA ASN A 78 4.63 11.41 11.66
C ASN A 78 5.43 10.15 11.99
N LYS A 79 6.73 10.19 11.71
CA LYS A 79 7.60 9.06 11.99
C LYS A 79 7.98 9.01 13.46
N ARG A 80 8.22 10.19 14.05
CA ARG A 80 8.58 10.27 15.46
C ARG A 80 7.37 10.08 16.35
N VAL A 81 6.65 8.99 16.13
CA VAL A 81 5.46 8.69 16.92
C VAL A 81 5.74 7.57 17.93
N SER A 82 5.27 7.76 19.16
CA SER A 82 5.47 6.77 20.22
C SER A 82 4.55 5.57 20.01
N ARG A 83 3.46 5.79 19.29
CA ARG A 83 2.50 4.72 19.03
C ARG A 83 2.34 4.48 17.52
N PRO A 84 1.96 3.25 17.15
CA PRO A 84 1.76 2.87 15.75
C PRO A 84 0.54 3.55 15.13
N VAL A 85 0.69 4.01 13.89
CA VAL A 85 -0.39 4.67 13.18
C VAL A 85 -1.07 3.73 12.20
N GLN A 86 -2.40 3.82 12.13
CA GLN A 86 -3.16 2.96 11.23
C GLN A 86 -3.44 3.67 9.90
N VAL A 87 -2.86 3.15 8.83
CA VAL A 87 -3.03 3.74 7.51
C VAL A 87 -3.68 2.74 6.55
N TYR A 88 -3.92 3.18 5.32
CA TYR A 88 -4.53 2.32 4.31
C TYR A 88 -3.98 2.64 2.93
N PHE A 89 -3.85 1.60 2.09
CA PHE A 89 -3.34 1.76 0.75
C PHE A 89 -4.11 0.88 -0.24
N TYR A 90 -4.04 1.23 -1.52
CA TYR A 90 -4.74 0.48 -2.56
C TYR A 90 -4.07 0.69 -3.91
N VAL A 91 -4.53 -0.06 -4.91
CA VAL A 91 -3.99 0.03 -6.26
C VAL A 91 -5.03 0.56 -7.24
N SER A 92 -4.62 1.51 -8.07
CA SER A 92 -5.52 2.11 -9.06
C SER A 92 -5.07 1.77 -10.48
N ASN A 93 -5.94 1.09 -11.22
CA ASN A 93 -5.64 0.71 -12.59
C ASN A 93 -6.70 1.23 -13.56
N GLY A 94 -6.37 2.32 -14.24
CA GLY A 94 -7.30 2.91 -15.19
C GLY A 94 -7.86 4.23 -14.71
N ARG A 95 -9.00 4.64 -15.27
CA ARG A 95 -9.62 5.90 -14.90
C ARG A 95 -10.64 5.68 -13.77
N ARG A 96 -11.44 4.63 -13.89
CA ARG A 96 -12.45 4.32 -12.89
C ARG A 96 -12.39 2.84 -12.50
N LYS A 97 -11.18 2.32 -12.38
CA LYS A 97 -11.00 0.92 -12.02
C LYS A 97 -9.83 0.75 -11.05
N ARG A 98 -10.14 0.52 -9.78
CA ARG A 98 -9.12 0.35 -8.76
C ARG A 98 -9.54 -0.71 -7.73
N SER A 99 -8.66 -0.98 -6.78
CA SER A 99 -8.94 -1.98 -5.75
C SER A 99 -9.26 -1.30 -4.42
N PRO A 100 -9.90 -2.06 -3.51
CA PRO A 100 -10.27 -1.56 -2.18
C PRO A 100 -9.06 -1.32 -1.29
N THR A 101 -9.25 -0.52 -0.24
CA THR A 101 -8.17 -0.23 0.69
C THR A 101 -7.91 -1.40 1.63
N GLN A 102 -6.64 -1.66 1.90
CA GLN A 102 -6.27 -2.76 2.79
C GLN A 102 -5.80 -2.23 4.14
N SER A 103 -6.27 -2.86 5.22
CA SER A 103 -5.91 -2.44 6.57
C SER A 103 -4.39 -2.56 6.78
N PHE A 104 -3.76 -1.44 7.11
CA PHE A 104 -2.32 -1.41 7.34
C PHE A 104 -1.99 -0.55 8.55
N ARG A 105 -0.80 -0.77 9.12
CA ARG A 105 -0.36 -0.01 10.28
C ARG A 105 1.16 0.07 10.33
N PHE A 106 1.67 1.19 10.83
CA PHE A 106 3.11 1.40 10.92
C PHE A 106 3.57 1.33 12.38
N LEU A 107 4.59 0.52 12.64
CA LEU A 107 5.12 0.36 13.98
C LEU A 107 6.22 1.39 14.25
N PRO A 108 6.25 1.91 15.50
CA PRO A 108 7.24 2.90 15.91
C PRO A 108 8.64 2.32 16.00
N VAL A 109 9.63 3.07 15.50
CA VAL A 109 11.02 2.63 15.53
C VAL A 109 11.63 2.85 16.91
N ILE A 110 11.18 3.88 17.60
CA ILE A 110 11.68 4.20 18.93
C ILE A 110 12.00 2.93 19.71
N CYS A 111 11.11 1.95 19.61
CA CYS A 111 11.29 0.69 20.31
C CYS A 111 11.41 -0.46 19.33
N LYS A 112 10.32 -0.78 18.64
CA LYS A 112 10.30 -1.87 17.66
C LYS A 112 11.24 -1.56 16.50
N GLU A 113 12.33 -2.34 16.40
CA GLU A 113 13.30 -2.16 15.34
C GLU A 113 13.66 -3.50 14.70
N GLU A 114 14.26 -3.43 13.51
CA GLU A 114 14.66 -4.63 12.79
C GLU A 114 15.78 -4.33 11.81
N GLY A 1 -15.17 -19.13 -14.50
CA GLY A 1 -16.48 -18.83 -15.06
C GLY A 1 -16.76 -17.34 -15.08
N SER A 2 -17.16 -16.83 -16.24
CA SER A 2 -17.47 -15.41 -16.38
C SER A 2 -18.12 -15.13 -17.74
N SER A 3 -18.71 -13.95 -17.87
CA SER A 3 -19.37 -13.56 -19.11
C SER A 3 -18.90 -12.18 -19.57
N GLY A 4 -18.13 -12.16 -20.65
CA GLY A 4 -17.62 -10.89 -21.17
C GLY A 4 -16.14 -10.72 -20.93
N SER A 5 -15.78 -9.65 -20.22
CA SER A 5 -14.38 -9.37 -19.92
C SER A 5 -14.26 -8.53 -18.66
N SER A 6 -13.11 -8.65 -17.98
CA SER A 6 -12.86 -7.90 -16.76
C SER A 6 -11.38 -7.89 -16.42
N GLY A 7 -10.80 -6.69 -16.38
CA GLY A 7 -9.39 -6.55 -16.08
C GLY A 7 -9.14 -5.64 -14.89
N LEU A 8 -9.75 -5.96 -13.76
CA LEU A 8 -9.59 -5.16 -12.54
C LEU A 8 -8.55 -5.78 -11.62
N PRO A 9 -7.78 -4.92 -10.94
CA PRO A 9 -6.74 -5.36 -10.01
C PRO A 9 -7.31 -5.99 -8.75
N GLN A 10 -6.76 -7.13 -8.36
CA GLN A 10 -7.21 -7.84 -7.16
C GLN A 10 -6.06 -8.05 -6.19
N VAL A 11 -6.34 -7.87 -4.91
CA VAL A 11 -5.33 -8.05 -3.87
C VAL A 11 -5.75 -9.11 -2.86
N GLU A 12 -5.18 -10.31 -3.00
CA GLU A 12 -5.50 -11.41 -2.10
C GLU A 12 -4.83 -11.22 -0.74
N ALA A 13 -3.52 -11.01 -0.76
CA ALA A 13 -2.76 -10.82 0.47
C ALA A 13 -1.60 -9.86 0.25
N TYR A 14 -0.89 -9.53 1.32
CA TYR A 14 0.24 -8.62 1.25
C TYR A 14 1.18 -8.81 2.44
N SER A 15 2.46 -8.54 2.23
CA SER A 15 3.46 -8.69 3.28
C SER A 15 4.64 -7.74 3.05
N PRO A 16 5.29 -7.34 4.15
CA PRO A 16 4.92 -7.78 5.49
C PRO A 16 3.59 -7.19 5.96
N SER A 17 2.87 -7.95 6.78
CA SER A 17 1.57 -7.50 7.29
C SER A 17 1.67 -6.07 7.83
N ALA A 18 2.85 -5.72 8.34
CA ALA A 18 3.07 -4.39 8.89
C ALA A 18 4.50 -3.92 8.63
N CYS A 19 4.75 -2.64 8.87
CA CYS A 19 6.07 -2.06 8.66
C CYS A 19 6.27 -0.83 9.53
N SER A 20 7.49 -0.31 9.53
CA SER A 20 7.82 0.88 10.32
C SER A 20 7.47 2.15 9.55
N VAL A 21 6.99 3.16 10.28
CA VAL A 21 6.61 4.43 9.67
C VAL A 21 7.66 4.87 8.64
N ARG A 22 8.89 4.42 8.83
CA ARG A 22 9.97 4.76 7.92
C ARG A 22 9.78 4.10 6.56
N GLY A 23 9.35 2.84 6.58
CA GLY A 23 9.13 2.11 5.35
C GLY A 23 10.43 1.63 4.72
N GLY A 24 10.63 1.95 3.45
CA GLY A 24 11.85 1.54 2.75
C GLY A 24 12.09 0.04 2.87
N GLU A 25 11.01 -0.74 2.76
CA GLU A 25 11.11 -2.19 2.85
C GLU A 25 10.48 -2.86 1.64
N GLU A 26 10.69 -4.16 1.51
CA GLU A 26 10.14 -4.92 0.39
C GLU A 26 8.69 -5.30 0.65
N LEU A 27 7.79 -4.71 -0.13
CA LEU A 27 6.36 -4.98 0.01
C LEU A 27 5.83 -5.81 -1.16
N VAL A 28 5.70 -7.11 -0.95
CA VAL A 28 5.20 -8.00 -1.99
C VAL A 28 3.70 -8.21 -1.87
N LEU A 29 2.97 -7.78 -2.89
CA LEU A 29 1.52 -7.92 -2.90
C LEU A 29 1.09 -9.11 -3.76
N THR A 30 0.17 -9.91 -3.23
CA THR A 30 -0.32 -11.08 -3.95
C THR A 30 -1.72 -10.83 -4.52
N GLY A 31 -1.94 -11.31 -5.74
CA GLY A 31 -3.23 -11.12 -6.38
C GLY A 31 -3.22 -11.52 -7.84
N SER A 32 -4.02 -10.82 -8.64
CA SER A 32 -4.10 -11.10 -10.07
C SER A 32 -4.60 -9.89 -10.84
N ASN A 33 -4.53 -9.96 -12.16
CA ASN A 33 -4.97 -8.86 -13.02
C ASN A 33 -4.23 -7.57 -12.68
N PHE A 34 -2.90 -7.66 -12.62
CA PHE A 34 -2.07 -6.50 -12.31
C PHE A 34 -1.59 -5.82 -13.58
N LEU A 35 -0.97 -4.65 -13.42
CA LEU A 35 -0.46 -3.90 -14.56
C LEU A 35 1.01 -3.54 -14.37
N PRO A 36 1.74 -3.40 -15.49
CA PRO A 36 3.16 -3.06 -15.46
C PRO A 36 3.40 -1.63 -15.01
N ASP A 37 2.36 -0.81 -15.04
CA ASP A 37 2.46 0.58 -14.62
C ASP A 37 1.42 0.91 -13.55
N SER A 38 1.06 -0.09 -12.76
CA SER A 38 0.07 0.09 -11.70
C SER A 38 0.47 1.21 -10.77
N LYS A 39 -0.49 1.73 -10.02
CA LYS A 39 -0.23 2.82 -9.07
C LYS A 39 -0.65 2.42 -7.66
N VAL A 40 0.08 2.91 -6.67
CA VAL A 40 -0.21 2.61 -5.28
C VAL A 40 -0.16 3.86 -4.41
N VAL A 41 -1.33 4.31 -3.96
CA VAL A 41 -1.42 5.51 -3.14
C VAL A 41 -1.87 5.15 -1.72
N PHE A 42 -1.43 5.96 -0.75
CA PHE A 42 -1.79 5.73 0.64
C PHE A 42 -2.69 6.84 1.16
N ILE A 43 -3.60 6.50 2.07
CA ILE A 43 -4.52 7.46 2.64
C ILE A 43 -4.43 7.48 4.17
N GLU A 44 -4.87 8.58 4.76
CA GLU A 44 -4.85 8.71 6.22
C GLU A 44 -6.11 9.40 6.72
N ARG A 45 -6.61 8.95 7.88
CA ARG A 45 -7.81 9.52 8.46
C ARG A 45 -7.46 10.43 9.63
N GLY A 46 -7.89 11.69 9.55
CA GLY A 46 -7.61 12.64 10.60
C GLY A 46 -8.61 12.56 11.74
N PRO A 47 -8.27 13.18 12.88
CA PRO A 47 -9.15 13.19 14.07
C PRO A 47 -10.39 14.04 13.86
N ASP A 48 -10.50 14.65 12.68
CA ASP A 48 -11.65 15.48 12.36
C ASP A 48 -12.75 14.68 11.67
N GLY A 49 -12.34 13.71 10.86
CA GLY A 49 -13.30 12.87 10.16
C GLY A 49 -12.97 12.74 8.69
N LYS A 50 -12.33 13.76 8.13
CA LYS A 50 -11.96 13.76 6.72
C LYS A 50 -10.52 13.27 6.54
N LEU A 51 -10.30 12.47 5.50
CA LEU A 51 -8.97 11.94 5.21
C LEU A 51 -8.34 12.67 4.03
N GLN A 52 -7.07 13.04 4.19
CA GLN A 52 -6.35 13.75 3.14
C GLN A 52 -4.85 13.47 3.23
N TRP A 53 -4.35 12.65 2.33
CA TRP A 53 -2.93 12.30 2.31
C TRP A 53 -2.47 11.95 0.89
N GLU A 54 -1.58 12.77 0.34
CA GLU A 54 -1.06 12.54 -1.01
C GLU A 54 0.38 12.03 -0.96
N GLU A 55 0.55 10.73 -1.14
CA GLU A 55 1.87 10.11 -1.12
C GLU A 55 1.98 9.00 -2.17
N GLU A 56 3.05 9.05 -2.96
CA GLU A 56 3.27 8.06 -4.00
C GLU A 56 4.38 7.10 -3.61
N ALA A 57 4.24 5.84 -4.02
CA ALA A 57 5.25 4.83 -3.72
C ALA A 57 5.90 4.30 -4.99
N THR A 58 7.18 3.94 -4.89
CA THR A 58 7.92 3.43 -6.03
C THR A 58 7.63 1.94 -6.24
N VAL A 59 7.13 1.60 -7.42
CA VAL A 59 6.82 0.21 -7.75
C VAL A 59 7.85 -0.37 -8.72
N ASN A 60 8.33 -1.57 -8.41
CA ASN A 60 9.31 -2.23 -9.25
C ASN A 60 8.63 -3.03 -10.37
N ARG A 61 8.96 -2.70 -11.61
CA ARG A 61 8.38 -3.39 -12.76
C ARG A 61 9.05 -4.74 -12.98
N LEU A 62 10.38 -4.76 -12.90
CA LEU A 62 11.13 -5.99 -13.09
C LEU A 62 10.68 -7.06 -12.10
N GLN A 63 10.57 -6.68 -10.83
CA GLN A 63 10.15 -7.62 -9.79
C GLN A 63 8.66 -7.93 -9.92
N SER A 64 7.85 -6.90 -10.06
CA SER A 64 6.40 -7.06 -10.19
C SER A 64 6.07 -7.93 -11.39
N ASN A 65 5.07 -8.80 -11.22
CA ASN A 65 4.65 -9.69 -12.31
C ASN A 65 3.14 -9.64 -12.48
N GLU A 66 2.65 -10.30 -13.54
CA GLU A 66 1.22 -10.32 -13.82
C GLU A 66 0.42 -10.62 -12.56
N VAL A 67 0.94 -11.51 -11.72
CA VAL A 67 0.28 -11.88 -10.48
C VAL A 67 1.14 -11.53 -9.27
N THR A 68 1.92 -10.47 -9.40
CA THR A 68 2.80 -10.03 -8.31
C THR A 68 3.11 -8.54 -8.42
N LEU A 69 3.24 -7.88 -7.27
CA LEU A 69 3.54 -6.46 -7.24
C LEU A 69 4.53 -6.14 -6.14
N THR A 70 5.77 -5.83 -6.52
CA THR A 70 6.82 -5.51 -5.57
C THR A 70 7.12 -4.01 -5.57
N LEU A 71 6.94 -3.38 -4.42
CA LEU A 71 7.18 -1.95 -4.28
C LEU A 71 7.76 -1.63 -2.91
N THR A 72 8.20 -0.38 -2.73
CA THR A 72 8.78 0.06 -1.47
C THR A 72 7.79 0.90 -0.68
N VAL A 73 7.60 0.56 0.59
CA VAL A 73 6.68 1.28 1.45
C VAL A 73 7.10 2.74 1.60
N PRO A 74 6.14 3.65 1.39
CA PRO A 74 6.38 5.09 1.50
C PRO A 74 6.62 5.54 2.93
N GLU A 75 6.96 6.81 3.11
CA GLU A 75 7.21 7.36 4.43
C GLU A 75 5.97 8.07 4.98
N TYR A 76 5.81 8.03 6.30
CA TYR A 76 4.66 8.66 6.95
C TYR A 76 4.96 10.13 7.25
N SER A 77 3.91 10.88 7.55
CA SER A 77 4.05 12.31 7.86
C SER A 77 4.45 12.51 9.32
N ASN A 78 3.72 11.85 10.23
CA ASN A 78 4.01 11.95 11.65
C ASN A 78 4.72 10.71 12.16
N LYS A 79 6.03 10.69 12.01
CA LYS A 79 6.84 9.55 12.46
C LYS A 79 7.20 9.69 13.93
N ARG A 80 7.66 10.87 14.31
CA ARG A 80 8.05 11.13 15.70
C ARG A 80 7.14 10.39 16.67
N VAL A 81 5.84 10.34 16.34
CA VAL A 81 4.88 9.66 17.18
C VAL A 81 5.47 8.40 17.80
N SER A 82 5.31 8.25 19.11
CA SER A 82 5.84 7.09 19.82
C SER A 82 4.97 5.86 19.57
N ARG A 83 3.70 6.09 19.24
CA ARG A 83 2.77 5.02 18.98
C ARG A 83 2.56 4.82 17.47
N PRO A 84 2.14 3.61 17.08
CA PRO A 84 1.90 3.27 15.67
C PRO A 84 0.69 3.99 15.11
N VAL A 85 0.54 3.95 13.79
CA VAL A 85 -0.59 4.59 13.12
C VAL A 85 -1.27 3.63 12.15
N GLN A 86 -2.60 3.58 12.22
CA GLN A 86 -3.37 2.70 11.35
C GLN A 86 -3.72 3.41 10.05
N VAL A 87 -3.01 3.06 8.98
CA VAL A 87 -3.24 3.67 7.68
C VAL A 87 -3.77 2.63 6.69
N TYR A 88 -4.20 3.10 5.52
CA TYR A 88 -4.72 2.22 4.49
C TYR A 88 -4.11 2.54 3.13
N PHE A 89 -4.15 1.57 2.22
CA PHE A 89 -3.59 1.75 0.89
C PHE A 89 -4.32 0.86 -0.12
N TYR A 90 -4.11 1.15 -1.40
CA TYR A 90 -4.74 0.38 -2.47
C TYR A 90 -4.06 0.64 -3.82
N VAL A 91 -4.36 -0.21 -4.80
CA VAL A 91 -3.78 -0.06 -6.13
C VAL A 91 -4.76 0.60 -7.09
N SER A 92 -4.37 1.74 -7.64
CA SER A 92 -5.21 2.47 -8.57
C SER A 92 -4.69 2.35 -10.00
N ASN A 93 -5.48 1.75 -10.87
CA ASN A 93 -5.10 1.57 -12.27
C ASN A 93 -6.13 2.21 -13.20
N GLY A 94 -5.80 3.39 -13.72
CA GLY A 94 -6.71 4.08 -14.61
C GLY A 94 -7.44 5.22 -13.94
N ARG A 95 -8.77 5.24 -14.07
CA ARG A 95 -9.57 6.28 -13.47
C ARG A 95 -10.50 5.71 -12.40
N ARG A 96 -11.24 4.66 -12.76
CA ARG A 96 -12.16 4.02 -11.83
C ARG A 96 -11.67 2.63 -11.45
N LYS A 97 -11.03 1.95 -12.39
CA LYS A 97 -10.52 0.61 -12.16
C LYS A 97 -9.41 0.63 -11.12
N ARG A 98 -9.73 0.21 -9.90
CA ARG A 98 -8.77 0.19 -8.81
C ARG A 98 -9.15 -0.86 -7.77
N SER A 99 -8.31 -1.01 -6.75
CA SER A 99 -8.56 -1.97 -5.68
C SER A 99 -9.00 -1.27 -4.41
N PRO A 100 -9.72 -2.00 -3.55
CA PRO A 100 -10.21 -1.47 -2.27
C PRO A 100 -9.10 -1.23 -1.27
N THR A 101 -9.39 -0.44 -0.24
CA THR A 101 -8.40 -0.13 0.79
C THR A 101 -8.10 -1.35 1.65
N GLN A 102 -6.88 -1.42 2.18
CA GLN A 102 -6.48 -2.53 3.02
C GLN A 102 -6.06 -2.05 4.41
N SER A 103 -6.26 -2.89 5.41
CA SER A 103 -5.91 -2.54 6.78
C SER A 103 -4.39 -2.63 6.99
N PHE A 104 -3.79 -1.50 7.36
CA PHE A 104 -2.36 -1.45 7.59
C PHE A 104 -2.03 -0.60 8.81
N ARG A 105 -0.82 -0.75 9.34
CA ARG A 105 -0.39 -0.01 10.51
C ARG A 105 1.13 0.14 10.53
N PHE A 106 1.59 1.35 10.84
CA PHE A 106 3.02 1.63 10.90
C PHE A 106 3.54 1.58 12.33
N LEU A 107 4.53 0.74 12.57
CA LEU A 107 5.11 0.59 13.90
C LEU A 107 6.24 1.60 14.11
N PRO A 108 6.33 2.14 15.33
CA PRO A 108 7.36 3.13 15.70
C PRO A 108 8.75 2.50 15.77
N VAL A 109 9.76 3.28 15.41
CA VAL A 109 11.14 2.79 15.45
C VAL A 109 11.74 2.93 16.84
N ILE A 110 11.33 3.98 17.55
CA ILE A 110 11.82 4.21 18.91
C ILE A 110 12.08 2.90 19.64
N CYS A 111 11.14 1.98 19.53
CA CYS A 111 11.26 0.67 20.17
C CYS A 111 11.42 -0.44 19.14
N LYS A 112 12.02 -1.54 19.56
CA LYS A 112 12.24 -2.68 18.67
C LYS A 112 11.78 -3.97 19.32
N GLU A 113 10.57 -4.42 18.97
CA GLU A 113 10.02 -5.64 19.52
C GLU A 113 10.73 -6.87 18.94
N GLU A 114 10.53 -8.02 19.60
CA GLU A 114 11.15 -9.25 19.15
C GLU A 114 10.31 -9.91 18.05
N GLY A 1 -24.29 -4.87 -17.13
CA GLY A 1 -22.92 -4.58 -16.75
C GLY A 1 -21.91 -5.34 -17.57
N SER A 2 -20.66 -5.32 -17.12
CA SER A 2 -19.58 -6.02 -17.83
C SER A 2 -19.97 -7.47 -18.11
N SER A 3 -19.72 -7.92 -19.33
CA SER A 3 -20.05 -9.28 -19.73
C SER A 3 -18.86 -9.93 -20.46
N GLY A 4 -18.01 -10.60 -19.70
CA GLY A 4 -16.86 -11.26 -20.29
C GLY A 4 -15.60 -11.10 -19.43
N SER A 5 -14.49 -11.63 -19.93
CA SER A 5 -13.23 -11.55 -19.20
C SER A 5 -12.95 -10.13 -18.74
N SER A 6 -12.94 -9.92 -17.44
CA SER A 6 -12.70 -8.61 -16.86
C SER A 6 -11.23 -8.45 -16.46
N GLY A 7 -10.72 -7.22 -16.55
CA GLY A 7 -9.34 -6.97 -16.19
C GLY A 7 -9.21 -6.01 -15.02
N LEU A 8 -9.66 -6.44 -13.85
CA LEU A 8 -9.59 -5.61 -12.65
C LEU A 8 -8.55 -6.14 -11.67
N PRO A 9 -7.93 -5.23 -10.92
CA PRO A 9 -6.90 -5.58 -9.93
C PRO A 9 -7.48 -6.33 -8.74
N GLN A 10 -6.65 -7.16 -8.10
CA GLN A 10 -7.09 -7.93 -6.95
C GLN A 10 -5.93 -8.14 -5.97
N VAL A 11 -6.27 -8.25 -4.68
CA VAL A 11 -5.27 -8.45 -3.65
C VAL A 11 -5.65 -9.58 -2.71
N GLU A 12 -5.11 -10.77 -2.96
CA GLU A 12 -5.41 -11.93 -2.14
C GLU A 12 -4.77 -11.80 -0.75
N ALA A 13 -3.47 -11.60 -0.72
CA ALA A 13 -2.74 -11.45 0.54
C ALA A 13 -1.59 -10.46 0.39
N TYR A 14 -1.08 -9.98 1.52
CA TYR A 14 0.02 -9.02 1.52
C TYR A 14 0.94 -9.26 2.72
N SER A 15 2.20 -8.85 2.57
CA SER A 15 3.18 -9.01 3.64
C SER A 15 4.39 -8.12 3.41
N PRO A 16 5.01 -7.66 4.50
CA PRO A 16 4.56 -7.99 5.85
C PRO A 16 3.23 -7.33 6.20
N SER A 17 2.43 -8.02 7.00
CA SER A 17 1.12 -7.51 7.41
C SER A 17 1.23 -6.04 7.84
N ALA A 18 2.37 -5.68 8.42
CA ALA A 18 2.61 -4.32 8.87
C ALA A 18 4.04 -3.89 8.62
N CYS A 19 4.34 -2.62 8.86
CA CYS A 19 5.67 -2.09 8.66
C CYS A 19 5.97 -0.96 9.65
N SER A 20 7.16 -0.38 9.53
CA SER A 20 7.57 0.71 10.42
C SER A 20 7.29 2.06 9.78
N VAL A 21 6.80 3.00 10.59
CA VAL A 21 6.50 4.34 10.09
C VAL A 21 7.57 4.83 9.12
N ARG A 22 8.82 4.48 9.40
CA ARG A 22 9.94 4.88 8.54
C ARG A 22 9.72 4.39 7.11
N GLY A 23 9.26 3.15 6.97
CA GLY A 23 9.03 2.59 5.65
C GLY A 23 10.29 2.05 5.02
N GLY A 24 10.57 2.50 3.80
CA GLY A 24 11.76 2.05 3.09
C GLY A 24 11.99 0.55 3.23
N GLU A 25 10.89 -0.21 3.22
CA GLU A 25 10.97 -1.66 3.33
C GLU A 25 10.34 -2.34 2.12
N GLU A 26 10.58 -3.65 2.00
CA GLU A 26 10.04 -4.42 0.88
C GLU A 26 8.63 -4.89 1.18
N LEU A 27 7.74 -4.76 0.19
CA LEU A 27 6.36 -5.17 0.34
C LEU A 27 5.88 -5.95 -0.87
N VAL A 28 5.72 -7.26 -0.71
CA VAL A 28 5.27 -8.12 -1.80
C VAL A 28 3.75 -8.27 -1.78
N LEU A 29 3.10 -7.74 -2.80
CA LEU A 29 1.64 -7.81 -2.91
C LEU A 29 1.22 -9.00 -3.77
N THR A 30 0.39 -9.87 -3.21
CA THR A 30 -0.09 -11.04 -3.93
C THR A 30 -1.50 -10.82 -4.47
N GLY A 31 -1.73 -11.22 -5.71
CA GLY A 31 -3.04 -11.05 -6.32
C GLY A 31 -3.05 -11.44 -7.79
N SER A 32 -3.78 -10.68 -8.59
CA SER A 32 -3.88 -10.95 -10.02
C SER A 32 -4.35 -9.72 -10.78
N ASN A 33 -4.32 -9.80 -12.11
CA ASN A 33 -4.74 -8.68 -12.94
C ASN A 33 -3.95 -7.43 -12.62
N PHE A 34 -2.64 -7.58 -12.48
CA PHE A 34 -1.77 -6.45 -12.15
C PHE A 34 -1.13 -5.88 -13.42
N LEU A 35 -1.08 -4.56 -13.50
CA LEU A 35 -0.50 -3.88 -14.67
C LEU A 35 0.84 -3.24 -14.30
N PRO A 36 1.74 -3.15 -15.29
CA PRO A 36 3.06 -2.55 -15.11
C PRO A 36 3.00 -1.04 -14.89
N ASP A 37 1.79 -0.49 -14.97
CA ASP A 37 1.60 0.95 -14.78
C ASP A 37 0.90 1.23 -13.45
N SER A 38 0.10 0.28 -12.99
CA SER A 38 -0.62 0.42 -11.73
C SER A 38 0.25 1.08 -10.68
N LYS A 39 -0.38 1.76 -9.73
CA LYS A 39 0.34 2.44 -8.66
C LYS A 39 -0.32 2.18 -7.30
N VAL A 40 0.45 2.33 -6.24
CA VAL A 40 -0.06 2.12 -4.89
C VAL A 40 0.08 3.38 -4.04
N VAL A 41 -1.05 3.89 -3.54
CA VAL A 41 -1.05 5.09 -2.72
C VAL A 41 -1.61 4.80 -1.34
N PHE A 42 -1.18 5.59 -0.35
CA PHE A 42 -1.65 5.42 1.02
C PHE A 42 -2.57 6.57 1.42
N ILE A 43 -3.33 6.37 2.50
CA ILE A 43 -4.24 7.39 2.99
C ILE A 43 -4.21 7.47 4.51
N GLU A 44 -4.68 8.59 5.05
CA GLU A 44 -4.71 8.79 6.49
C GLU A 44 -5.96 9.55 6.92
N ARG A 45 -6.56 9.11 8.01
CA ARG A 45 -7.77 9.75 8.52
C ARG A 45 -7.44 10.75 9.61
N GLY A 46 -8.06 11.93 9.54
CA GLY A 46 -7.82 12.97 10.53
C GLY A 46 -8.94 13.09 11.53
N PRO A 47 -8.66 13.78 12.65
CA PRO A 47 -9.64 13.98 13.72
C PRO A 47 -10.77 14.92 13.29
N ASP A 48 -10.73 15.37 12.05
CA ASP A 48 -11.75 16.27 11.52
C ASP A 48 -12.92 15.48 10.95
N GLY A 49 -12.60 14.41 10.22
CA GLY A 49 -13.64 13.59 9.62
C GLY A 49 -13.27 13.12 8.23
N LYS A 50 -12.50 13.94 7.51
CA LYS A 50 -12.08 13.61 6.16
C LYS A 50 -10.62 13.18 6.13
N LEU A 51 -10.28 12.30 5.20
CA LEU A 51 -8.91 11.81 5.06
C LEU A 51 -8.21 12.48 3.89
N GLN A 52 -6.95 12.86 4.10
CA GLN A 52 -6.16 13.52 3.06
C GLN A 52 -4.68 13.25 3.25
N TRP A 53 -4.12 12.38 2.41
CA TRP A 53 -2.71 12.04 2.50
C TRP A 53 -2.17 11.61 1.13
N GLU A 54 -1.21 12.39 0.63
CA GLU A 54 -0.61 12.09 -0.67
C GLU A 54 0.82 11.60 -0.51
N GLU A 55 1.03 10.31 -0.76
CA GLU A 55 2.36 9.71 -0.64
C GLU A 55 2.56 8.63 -1.70
N GLU A 56 3.47 8.90 -2.64
CA GLU A 56 3.75 7.94 -3.70
C GLU A 56 4.76 6.90 -3.24
N ALA A 57 4.53 5.66 -3.65
CA ALA A 57 5.42 4.56 -3.28
C ALA A 57 6.33 4.16 -4.45
N THR A 58 7.57 3.81 -4.13
CA THR A 58 8.53 3.42 -5.16
C THR A 58 8.16 2.07 -5.76
N VAL A 59 7.51 2.11 -6.91
CA VAL A 59 7.09 0.89 -7.60
C VAL A 59 8.19 0.39 -8.54
N ASN A 60 8.42 -0.92 -8.52
CA ASN A 60 9.45 -1.52 -9.38
C ASN A 60 8.81 -2.49 -10.37
N ARG A 61 8.36 -1.96 -11.50
CA ARG A 61 7.74 -2.78 -12.53
C ARG A 61 8.67 -3.91 -12.97
N LEU A 62 9.97 -3.67 -12.85
CA LEU A 62 10.96 -4.68 -13.23
C LEU A 62 10.64 -6.03 -12.60
N GLN A 63 10.42 -6.02 -11.28
CA GLN A 63 10.10 -7.25 -10.56
C GLN A 63 8.61 -7.58 -10.67
N SER A 64 7.78 -6.56 -10.48
CA SER A 64 6.33 -6.74 -10.57
C SER A 64 5.96 -7.65 -11.74
N ASN A 65 4.97 -8.50 -11.52
CA ASN A 65 4.51 -9.41 -12.57
C ASN A 65 3.01 -9.30 -12.77
N GLU A 66 2.50 -9.94 -13.82
CA GLU A 66 1.08 -9.90 -14.14
C GLU A 66 0.24 -10.17 -12.89
N VAL A 67 0.83 -10.90 -11.94
CA VAL A 67 0.14 -11.22 -10.70
C VAL A 67 1.03 -10.98 -9.49
N THR A 68 1.87 -9.95 -9.58
CA THR A 68 2.79 -9.62 -8.50
C THR A 68 3.14 -8.13 -8.52
N LEU A 69 3.10 -7.50 -7.35
CA LEU A 69 3.42 -6.08 -7.23
C LEU A 69 4.51 -5.85 -6.20
N THR A 70 5.71 -5.53 -6.66
CA THR A 70 6.85 -5.28 -5.77
C THR A 70 7.14 -3.79 -5.66
N LEU A 71 6.98 -3.25 -4.46
CA LEU A 71 7.23 -1.83 -4.21
C LEU A 71 7.82 -1.62 -2.82
N THR A 72 8.26 -0.39 -2.55
CA THR A 72 8.85 -0.05 -1.26
C THR A 72 7.92 0.85 -0.46
N VAL A 73 7.44 0.33 0.67
CA VAL A 73 6.54 1.09 1.53
C VAL A 73 7.05 2.52 1.73
N PRO A 74 6.13 3.50 1.63
CA PRO A 74 6.47 4.92 1.79
C PRO A 74 6.81 5.26 3.25
N GLU A 75 7.38 6.44 3.44
CA GLU A 75 7.77 6.90 4.78
C GLU A 75 6.73 7.87 5.33
N TYR A 76 6.18 7.54 6.49
CA TYR A 76 5.18 8.39 7.13
C TYR A 76 5.63 9.84 7.17
N SER A 77 4.67 10.75 7.22
CA SER A 77 4.98 12.18 7.25
C SER A 77 5.33 12.62 8.66
N ASN A 78 4.44 12.36 9.62
CA ASN A 78 4.66 12.72 11.00
C ASN A 78 5.49 11.67 11.72
N LYS A 79 6.54 11.20 11.05
CA LYS A 79 7.41 10.18 11.64
C LYS A 79 7.67 10.46 13.11
N ARG A 80 7.82 11.74 13.45
CA ARG A 80 8.07 12.13 14.83
C ARG A 80 7.31 11.24 15.80
N VAL A 81 6.08 10.89 15.43
CA VAL A 81 5.24 10.04 16.27
C VAL A 81 6.05 8.88 16.84
N SER A 82 5.77 8.54 18.10
CA SER A 82 6.46 7.45 18.78
C SER A 82 5.54 6.27 19.01
N ARG A 83 4.36 6.32 18.39
CA ARG A 83 3.38 5.25 18.53
C ARG A 83 2.91 4.76 17.15
N PRO A 84 2.37 3.53 17.12
CA PRO A 84 1.87 2.93 15.87
C PRO A 84 0.61 3.61 15.37
N VAL A 85 0.55 3.82 14.06
CA VAL A 85 -0.61 4.46 13.43
C VAL A 85 -1.27 3.54 12.41
N GLN A 86 -2.59 3.60 12.33
CA GLN A 86 -3.34 2.78 11.40
C GLN A 86 -3.59 3.52 10.09
N VAL A 87 -3.25 2.88 8.97
CA VAL A 87 -3.44 3.49 7.65
C VAL A 87 -3.96 2.47 6.66
N TYR A 88 -4.28 2.94 5.45
CA TYR A 88 -4.79 2.08 4.40
C TYR A 88 -4.21 2.46 3.04
N PHE A 89 -4.11 1.47 2.15
CA PHE A 89 -3.57 1.71 0.82
C PHE A 89 -4.36 0.93 -0.23
N TYR A 90 -4.23 1.34 -1.48
CA TYR A 90 -4.93 0.70 -2.58
C TYR A 90 -4.19 0.88 -3.90
N VAL A 91 -4.59 0.12 -4.91
CA VAL A 91 -3.96 0.21 -6.22
C VAL A 91 -4.84 1.00 -7.20
N SER A 92 -4.19 1.72 -8.11
CA SER A 92 -4.90 2.52 -9.10
C SER A 92 -4.71 1.94 -10.50
N ASN A 93 -5.82 1.55 -11.12
CA ASN A 93 -5.79 0.97 -12.46
C ASN A 93 -6.82 1.64 -13.37
N GLY A 94 -6.35 2.55 -14.22
CA GLY A 94 -7.24 3.25 -15.12
C GLY A 94 -7.85 4.48 -14.50
N ARG A 95 -9.15 4.64 -14.66
CA ARG A 95 -9.87 5.80 -14.10
C ARG A 95 -10.84 5.36 -13.01
N ARG A 96 -11.84 4.59 -13.41
CA ARG A 96 -12.85 4.11 -12.46
C ARG A 96 -12.42 2.79 -11.83
N LYS A 97 -11.88 1.88 -12.66
CA LYS A 97 -11.43 0.58 -12.18
C LYS A 97 -10.41 0.75 -11.06
N ARG A 98 -10.80 0.32 -9.86
CA ARG A 98 -9.91 0.41 -8.70
C ARG A 98 -10.07 -0.80 -7.80
N SER A 99 -9.17 -0.93 -6.83
CA SER A 99 -9.21 -2.06 -5.90
C SER A 99 -9.48 -1.58 -4.48
N PRO A 100 -10.03 -2.49 -3.65
CA PRO A 100 -10.36 -2.17 -2.26
C PRO A 100 -9.12 -1.99 -1.39
N THR A 101 -9.18 -1.03 -0.47
CA THR A 101 -8.06 -0.75 0.41
C THR A 101 -7.72 -1.97 1.27
N GLN A 102 -6.60 -1.90 1.98
CA GLN A 102 -6.16 -2.99 2.84
C GLN A 102 -5.78 -2.48 4.22
N SER A 103 -6.28 -3.13 5.26
CA SER A 103 -6.00 -2.73 6.63
C SER A 103 -4.49 -2.82 6.91
N PHE A 104 -3.89 -1.68 7.23
CA PHE A 104 -2.47 -1.62 7.52
C PHE A 104 -2.19 -0.72 8.73
N ARG A 105 -1.03 -0.91 9.34
CA ARG A 105 -0.66 -0.12 10.51
C ARG A 105 0.87 -0.05 10.64
N PHE A 106 1.38 1.15 10.86
CA PHE A 106 2.82 1.37 11.01
C PHE A 106 3.24 1.23 12.46
N LEU A 107 4.46 0.74 12.68
CA LEU A 107 4.98 0.57 14.03
C LEU A 107 6.22 1.42 14.24
N PRO A 108 6.36 1.98 15.46
CA PRO A 108 7.50 2.82 15.82
C PRO A 108 8.80 2.03 15.94
N VAL A 109 9.87 2.55 15.36
CA VAL A 109 11.17 1.89 15.40
C VAL A 109 11.93 2.25 16.68
N ILE A 110 11.92 3.53 17.03
CA ILE A 110 12.59 4.00 18.23
C ILE A 110 13.84 3.16 18.51
N CYS A 111 14.67 2.98 17.49
CA CYS A 111 15.90 2.21 17.64
C CYS A 111 16.86 2.89 18.60
N LYS A 112 17.81 2.12 19.12
CA LYS A 112 18.80 2.64 20.06
C LYS A 112 20.18 2.71 19.41
N GLU A 113 20.74 3.91 19.34
CA GLU A 113 22.06 4.10 18.75
C GLU A 113 23.15 3.48 19.62
N GLU A 114 22.99 3.61 20.94
CA GLU A 114 23.96 3.05 21.88
C GLU A 114 24.07 1.54 21.72
N GLY A 1 -25.38 -10.37 -12.14
CA GLY A 1 -25.34 -10.33 -13.59
C GLY A 1 -24.01 -10.79 -14.15
N SER A 2 -24.05 -11.79 -15.01
CA SER A 2 -22.84 -12.34 -15.61
C SER A 2 -22.74 -11.94 -17.08
N SER A 3 -21.70 -11.17 -17.42
CA SER A 3 -21.51 -10.72 -18.79
C SER A 3 -20.28 -11.39 -19.41
N GLY A 4 -19.13 -11.21 -18.77
CA GLY A 4 -17.90 -11.80 -19.27
C GLY A 4 -16.83 -11.91 -18.20
N SER A 5 -16.12 -10.81 -17.98
CA SER A 5 -15.06 -10.78 -16.97
C SER A 5 -14.59 -9.35 -16.71
N SER A 6 -14.67 -8.93 -15.46
CA SER A 6 -14.26 -7.58 -15.07
C SER A 6 -12.75 -7.49 -14.92
N GLY A 7 -12.19 -6.35 -15.30
CA GLY A 7 -10.75 -6.15 -15.20
C GLY A 7 -10.34 -5.45 -13.93
N LEU A 8 -10.99 -5.81 -12.82
CA LEU A 8 -10.69 -5.20 -11.53
C LEU A 8 -9.51 -5.89 -10.86
N PRO A 9 -8.65 -5.09 -10.22
CA PRO A 9 -7.46 -5.61 -9.52
C PRO A 9 -7.83 -6.39 -8.27
N GLN A 10 -7.17 -7.53 -8.08
CA GLN A 10 -7.43 -8.38 -6.91
C GLN A 10 -6.21 -8.43 -6.00
N VAL A 11 -6.45 -8.56 -4.71
CA VAL A 11 -5.36 -8.63 -3.73
C VAL A 11 -5.54 -9.83 -2.80
N GLU A 12 -4.97 -10.96 -3.20
CA GLU A 12 -5.07 -12.17 -2.39
C GLU A 12 -4.54 -11.94 -0.98
N ALA A 13 -3.25 -11.63 -0.89
CA ALA A 13 -2.61 -11.38 0.41
C ALA A 13 -1.45 -10.41 0.26
N TYR A 14 -1.09 -9.75 1.36
CA TYR A 14 0.00 -8.79 1.36
C TYR A 14 0.87 -8.95 2.61
N SER A 15 2.18 -8.98 2.40
CA SER A 15 3.13 -9.12 3.52
C SER A 15 4.51 -8.61 3.13
N PRO A 16 5.20 -8.00 4.10
CA PRO A 16 4.68 -7.83 5.45
C PRO A 16 3.53 -6.83 5.51
N SER A 17 2.56 -7.09 6.39
CA SER A 17 1.41 -6.21 6.54
C SER A 17 1.68 -5.14 7.59
N ALA A 18 2.95 -4.82 7.80
CA ALA A 18 3.34 -3.81 8.78
C ALA A 18 4.81 -3.46 8.65
N CYS A 19 5.11 -2.17 8.57
CA CYS A 19 6.48 -1.71 8.43
C CYS A 19 6.72 -0.48 9.31
N SER A 20 7.99 -0.13 9.48
CA SER A 20 8.36 1.02 10.29
C SER A 20 8.07 2.33 9.56
N VAL A 21 7.50 3.29 10.28
CA VAL A 21 7.18 4.59 9.70
C VAL A 21 8.25 5.04 8.72
N ARG A 22 9.51 4.77 9.06
CA ARG A 22 10.64 5.15 8.22
C ARG A 22 10.50 4.54 6.83
N GLY A 23 10.13 3.26 6.79
CA GLY A 23 9.97 2.58 5.52
C GLY A 23 11.30 2.16 4.92
N GLY A 24 11.35 2.05 3.60
CA GLY A 24 12.56 1.65 2.92
C GLY A 24 12.76 0.14 2.93
N GLU A 25 11.66 -0.59 2.81
CA GLU A 25 11.72 -2.06 2.81
C GLU A 25 11.07 -2.62 1.54
N GLU A 26 11.23 -3.93 1.35
CA GLU A 26 10.67 -4.59 0.18
C GLU A 26 9.30 -5.19 0.49
N LEU A 27 8.26 -4.60 -0.07
CA LEU A 27 6.89 -5.08 0.15
C LEU A 27 6.32 -5.73 -1.10
N VAL A 28 5.74 -6.90 -0.95
CA VAL A 28 5.15 -7.62 -2.08
C VAL A 28 3.64 -7.73 -1.93
N LEU A 29 2.92 -7.59 -3.04
CA LEU A 29 1.46 -7.67 -3.04
C LEU A 29 0.98 -8.82 -3.93
N THR A 30 0.33 -9.80 -3.32
CA THR A 30 -0.19 -10.94 -4.06
C THR A 30 -1.60 -10.68 -4.57
N GLY A 31 -1.85 -11.07 -5.82
CA GLY A 31 -3.17 -10.87 -6.40
C GLY A 31 -3.22 -11.23 -7.87
N SER A 32 -4.11 -10.59 -8.62
CA SER A 32 -4.26 -10.86 -10.04
C SER A 32 -4.86 -9.66 -10.76
N ASN A 33 -4.90 -9.74 -12.08
CA ASN A 33 -5.46 -8.66 -12.90
C ASN A 33 -4.74 -7.34 -12.61
N PHE A 34 -3.42 -7.38 -12.59
CA PHE A 34 -2.61 -6.19 -12.31
C PHE A 34 -2.12 -5.57 -13.61
N LEU A 35 -1.47 -4.41 -13.49
CA LEU A 35 -0.94 -3.72 -14.66
C LEU A 35 0.58 -3.62 -14.59
N PRO A 36 1.22 -3.56 -15.77
CA PRO A 36 2.67 -3.47 -15.87
C PRO A 36 3.20 -2.12 -15.41
N ASP A 37 2.30 -1.15 -15.27
CA ASP A 37 2.68 0.19 -14.84
C ASP A 37 1.72 0.69 -13.76
N SER A 38 1.02 -0.24 -13.11
CA SER A 38 0.07 0.12 -12.06
C SER A 38 0.70 1.10 -11.06
N LYS A 39 -0.12 1.61 -10.15
CA LYS A 39 0.35 2.55 -9.15
C LYS A 39 -0.23 2.22 -7.78
N VAL A 40 0.48 2.61 -6.72
CA VAL A 40 0.04 2.35 -5.35
C VAL A 40 0.20 3.59 -4.49
N VAL A 41 -0.92 4.14 -4.03
CA VAL A 41 -0.90 5.33 -3.18
C VAL A 41 -1.49 5.03 -1.80
N PHE A 42 -0.97 5.72 -0.79
CA PHE A 42 -1.44 5.53 0.58
C PHE A 42 -2.41 6.64 0.99
N ILE A 43 -3.05 6.47 2.13
CA ILE A 43 -4.00 7.45 2.63
C ILE A 43 -4.00 7.49 4.16
N GLU A 44 -4.45 8.61 4.71
CA GLU A 44 -4.50 8.78 6.16
C GLU A 44 -5.77 9.50 6.59
N ARG A 45 -6.47 8.94 7.57
CA ARG A 45 -7.71 9.53 8.07
C ARG A 45 -7.43 10.46 9.24
N GLY A 46 -8.11 11.60 9.26
CA GLY A 46 -7.93 12.56 10.33
C GLY A 46 -9.13 12.64 11.25
N PRO A 47 -8.95 13.24 12.43
CA PRO A 47 -10.01 13.40 13.42
C PRO A 47 -11.09 14.38 12.97
N ASP A 48 -10.87 15.01 11.82
CA ASP A 48 -11.82 15.97 11.28
C ASP A 48 -13.02 15.25 10.65
N GLY A 49 -12.74 14.19 9.91
CA GLY A 49 -13.79 13.44 9.25
C GLY A 49 -13.44 13.04 7.84
N LYS A 50 -12.49 13.76 7.24
CA LYS A 50 -12.06 13.47 5.89
C LYS A 50 -10.58 13.12 5.84
N LEU A 51 -10.22 12.20 4.95
CA LEU A 51 -8.83 11.77 4.81
C LEU A 51 -8.13 12.53 3.69
N GLN A 52 -6.88 12.90 3.93
CA GLN A 52 -6.10 13.63 2.93
C GLN A 52 -4.61 13.35 3.09
N TRP A 53 -4.06 12.55 2.19
CA TRP A 53 -2.63 12.21 2.24
C TRP A 53 -2.10 11.90 0.85
N GLU A 54 -1.21 12.73 0.35
CA GLU A 54 -0.62 12.54 -0.97
C GLU A 54 0.82 12.05 -0.85
N GLU A 55 1.01 10.74 -0.99
CA GLU A 55 2.33 10.14 -0.91
C GLU A 55 2.52 9.08 -1.98
N GLU A 56 3.74 8.98 -2.51
CA GLU A 56 4.05 8.00 -3.55
C GLU A 56 5.03 6.95 -3.03
N ALA A 57 4.89 5.72 -3.51
CA ALA A 57 5.76 4.63 -3.11
C ALA A 57 6.52 4.06 -4.30
N THR A 58 7.82 3.86 -4.12
CA THR A 58 8.66 3.32 -5.18
C THR A 58 8.21 1.91 -5.58
N VAL A 59 7.62 1.79 -6.76
CA VAL A 59 7.15 0.51 -7.25
C VAL A 59 8.16 -0.12 -8.20
N ASN A 60 8.64 -1.31 -7.84
CA ASN A 60 9.62 -2.02 -8.66
C ASN A 60 8.93 -2.77 -9.80
N ARG A 61 8.83 -2.11 -10.95
CA ARG A 61 8.19 -2.71 -12.12
C ARG A 61 8.88 -4.02 -12.50
N LEU A 62 10.21 -4.05 -12.38
CA LEU A 62 10.98 -5.23 -12.70
C LEU A 62 10.36 -6.48 -12.09
N GLN A 63 10.14 -6.45 -10.78
CA GLN A 63 9.54 -7.57 -10.08
C GLN A 63 8.04 -7.64 -10.33
N SER A 64 7.38 -6.50 -10.23
CA SER A 64 5.93 -6.43 -10.43
C SER A 64 5.52 -7.22 -11.68
N ASN A 65 4.60 -8.15 -11.50
CA ASN A 65 4.13 -8.98 -12.61
C ASN A 65 2.60 -8.97 -12.67
N GLU A 66 2.06 -9.62 -13.69
CA GLU A 66 0.61 -9.68 -13.87
C GLU A 66 -0.07 -10.09 -12.57
N VAL A 67 0.57 -10.96 -11.82
CA VAL A 67 0.02 -11.43 -10.54
C VAL A 67 0.96 -11.10 -9.39
N THR A 68 1.68 -9.99 -9.52
CA THR A 68 2.61 -9.57 -8.48
C THR A 68 2.86 -8.07 -8.54
N LEU A 69 2.97 -7.44 -7.38
CA LEU A 69 3.20 -6.00 -7.30
C LEU A 69 4.15 -5.66 -6.16
N THR A 70 5.38 -5.33 -6.50
CA THR A 70 6.39 -4.99 -5.50
C THR A 70 6.50 -3.47 -5.34
N LEU A 71 6.56 -3.01 -4.10
CA LEU A 71 6.67 -1.59 -3.80
C LEU A 71 7.52 -1.35 -2.56
N THR A 72 7.85 -0.08 -2.31
CA THR A 72 8.66 0.28 -1.15
C THR A 72 7.86 1.10 -0.15
N VAL A 73 7.60 0.53 1.01
CA VAL A 73 6.84 1.21 2.06
C VAL A 73 7.22 2.68 2.13
N PRO A 74 6.22 3.56 1.99
CA PRO A 74 6.41 5.01 2.04
C PRO A 74 6.78 5.50 3.43
N GLU A 75 6.82 6.82 3.61
CA GLU A 75 7.15 7.41 4.90
C GLU A 75 5.97 8.19 5.46
N TYR A 76 5.46 7.75 6.61
CA TYR A 76 4.34 8.41 7.25
C TYR A 76 4.64 9.88 7.52
N SER A 77 3.58 10.66 7.74
CA SER A 77 3.74 12.09 8.00
C SER A 77 3.86 12.35 9.50
N ASN A 78 4.49 11.41 10.21
CA ASN A 78 4.69 11.54 11.64
C ASN A 78 5.63 10.46 12.17
N LYS A 79 6.68 10.87 12.85
CA LYS A 79 7.66 9.93 13.40
C LYS A 79 7.92 10.23 14.87
N ARG A 80 6.91 10.75 15.56
CA ARG A 80 7.04 11.09 16.98
C ARG A 80 6.18 10.17 17.83
N VAL A 81 5.03 9.76 17.29
CA VAL A 81 4.12 8.87 18.01
C VAL A 81 4.83 7.62 18.49
N SER A 82 4.61 7.26 19.75
CA SER A 82 5.24 6.08 20.33
C SER A 82 4.44 4.82 20.00
N ARG A 83 3.23 5.01 19.50
CA ARG A 83 2.37 3.89 19.14
C ARG A 83 2.25 3.77 17.62
N PRO A 84 1.98 2.54 17.15
CA PRO A 84 1.83 2.26 15.72
C PRO A 84 0.56 2.86 15.14
N VAL A 85 0.71 3.59 14.04
CA VAL A 85 -0.42 4.23 13.37
C VAL A 85 -1.05 3.30 12.34
N GLN A 86 -2.38 3.35 12.24
CA GLN A 86 -3.09 2.51 11.29
C GLN A 86 -3.49 3.30 10.05
N VAL A 87 -2.81 3.05 8.94
CA VAL A 87 -3.08 3.74 7.69
C VAL A 87 -3.70 2.79 6.67
N TYR A 88 -4.11 3.35 5.53
CA TYR A 88 -4.72 2.55 4.48
C TYR A 88 -4.14 2.93 3.11
N PHE A 89 -4.26 2.02 2.16
CA PHE A 89 -3.76 2.26 0.81
C PHE A 89 -4.52 1.41 -0.21
N TYR A 90 -4.34 1.73 -1.49
CA TYR A 90 -4.99 1.00 -2.57
C TYR A 90 -4.15 1.01 -3.83
N VAL A 91 -4.61 0.29 -4.85
CA VAL A 91 -3.90 0.21 -6.12
C VAL A 91 -4.72 0.80 -7.25
N SER A 92 -4.14 1.77 -7.96
CA SER A 92 -4.83 2.41 -9.07
C SER A 92 -4.73 1.58 -10.34
N ASN A 93 -5.88 1.14 -10.85
CA ASN A 93 -5.92 0.33 -12.05
C ASN A 93 -6.80 0.98 -13.12
N GLY A 94 -6.17 1.62 -14.09
CA GLY A 94 -6.90 2.28 -15.16
C GLY A 94 -7.34 3.68 -14.78
N ARG A 95 -8.64 3.94 -14.87
CA ARG A 95 -9.19 5.25 -14.54
C ARG A 95 -10.21 5.14 -13.42
N ARG A 96 -11.28 4.38 -13.66
CA ARG A 96 -12.32 4.20 -12.67
C ARG A 96 -12.09 2.94 -11.84
N LYS A 97 -11.69 1.87 -12.51
CA LYS A 97 -11.42 0.59 -11.85
C LYS A 97 -10.40 0.78 -10.73
N ARG A 98 -10.77 0.37 -9.52
CA ARG A 98 -9.90 0.49 -8.37
C ARG A 98 -10.13 -0.65 -7.38
N SER A 99 -9.17 -0.88 -6.50
CA SER A 99 -9.27 -1.94 -5.50
C SER A 99 -9.57 -1.37 -4.12
N PRO A 100 -10.05 -2.24 -3.21
CA PRO A 100 -10.39 -1.84 -1.85
C PRO A 100 -9.15 -1.50 -1.02
N THR A 101 -9.32 -0.65 -0.01
CA THR A 101 -8.22 -0.26 0.85
C THR A 101 -7.79 -1.40 1.76
N GLN A 102 -6.49 -1.67 1.80
CA GLN A 102 -5.95 -2.74 2.63
C GLN A 102 -5.55 -2.21 4.00
N SER A 103 -5.94 -2.94 5.05
CA SER A 103 -5.62 -2.55 6.42
C SER A 103 -4.12 -2.61 6.67
N PHE A 104 -3.53 -1.45 6.96
CA PHE A 104 -2.09 -1.38 7.21
C PHE A 104 -1.82 -0.60 8.50
N ARG A 105 -0.64 -0.80 9.06
CA ARG A 105 -0.24 -0.12 10.29
C ARG A 105 1.27 -0.02 10.40
N PHE A 106 1.77 1.19 10.61
CA PHE A 106 3.20 1.43 10.73
C PHE A 106 3.65 1.30 12.18
N LEU A 107 4.83 0.73 12.39
CA LEU A 107 5.38 0.54 13.73
C LEU A 107 6.41 1.62 14.05
N PRO A 108 6.41 2.08 15.31
CA PRO A 108 7.34 3.11 15.78
C PRO A 108 8.78 2.61 15.85
N VAL A 109 9.73 3.51 15.63
CA VAL A 109 11.14 3.16 15.68
C VAL A 109 11.76 3.54 17.02
N ILE A 110 10.93 3.60 18.05
CA ILE A 110 11.40 3.95 19.38
C ILE A 110 11.50 2.72 20.28
N CYS A 111 12.66 2.52 20.88
CA CYS A 111 12.88 1.37 21.77
C CYS A 111 13.44 1.83 23.10
N LYS A 112 12.76 2.77 23.74
CA LYS A 112 13.19 3.29 25.04
C LYS A 112 12.20 2.92 26.13
N GLU A 113 12.70 2.69 27.33
CA GLU A 113 11.86 2.34 28.47
C GLU A 113 12.07 3.30 29.64
N GLU A 114 11.11 3.33 30.55
CA GLU A 114 11.19 4.21 31.71
C GLU A 114 11.39 3.40 32.99
N GLY A 1 -17.68 -21.18 -13.63
CA GLY A 1 -16.85 -21.05 -14.81
C GLY A 1 -16.36 -19.63 -15.01
N SER A 2 -16.57 -19.10 -16.21
CA SER A 2 -16.13 -17.74 -16.54
C SER A 2 -17.31 -16.90 -17.02
N SER A 3 -17.93 -16.18 -16.09
CA SER A 3 -19.08 -15.34 -16.42
C SER A 3 -18.92 -13.95 -15.81
N GLY A 4 -18.50 -12.99 -16.64
CA GLY A 4 -18.31 -11.64 -16.18
C GLY A 4 -16.87 -11.35 -15.77
N SER A 5 -15.94 -11.72 -16.63
CA SER A 5 -14.52 -11.51 -16.35
C SER A 5 -14.25 -10.06 -15.92
N SER A 6 -14.11 -9.86 -14.62
CA SER A 6 -13.85 -8.53 -14.09
C SER A 6 -12.36 -8.23 -14.06
N GLY A 7 -11.96 -7.17 -14.76
CA GLY A 7 -10.56 -6.79 -14.81
C GLY A 7 -10.18 -5.83 -13.70
N LEU A 8 -10.43 -6.23 -12.46
CA LEU A 8 -10.11 -5.40 -11.30
C LEU A 8 -8.94 -5.98 -10.52
N PRO A 9 -8.12 -5.09 -9.93
CA PRO A 9 -6.96 -5.50 -9.14
C PRO A 9 -7.34 -6.16 -7.83
N GLN A 10 -6.82 -7.36 -7.59
CA GLN A 10 -7.10 -8.09 -6.36
C GLN A 10 -5.85 -8.26 -5.51
N VAL A 11 -6.03 -8.40 -4.21
CA VAL A 11 -4.92 -8.57 -3.29
C VAL A 11 -5.15 -9.74 -2.35
N GLU A 12 -4.68 -10.93 -2.75
CA GLU A 12 -4.85 -12.13 -1.94
C GLU A 12 -4.24 -11.93 -0.55
N ALA A 13 -3.03 -11.39 -0.52
CA ALA A 13 -2.34 -11.14 0.74
C ALA A 13 -1.18 -10.18 0.56
N TYR A 14 -0.51 -9.84 1.65
CA TYR A 14 0.63 -8.92 1.61
C TYR A 14 1.56 -9.16 2.78
N SER A 15 2.86 -8.97 2.55
CA SER A 15 3.87 -9.16 3.58
C SER A 15 5.06 -8.24 3.37
N PRO A 16 5.68 -7.80 4.47
CA PRO A 16 5.25 -8.18 5.82
C PRO A 16 3.91 -7.55 6.20
N SER A 17 3.10 -8.30 6.94
CA SER A 17 1.80 -7.81 7.38
C SER A 17 1.88 -6.36 7.83
N ALA A 18 3.01 -6.00 8.44
CA ALA A 18 3.21 -4.64 8.92
C ALA A 18 4.63 -4.17 8.65
N CYS A 19 4.90 -2.91 8.94
CA CYS A 19 6.22 -2.33 8.73
C CYS A 19 6.47 -1.15 9.66
N SER A 20 7.68 -0.61 9.63
CA SER A 20 8.05 0.52 10.48
C SER A 20 7.53 1.83 9.88
N VAL A 21 7.13 2.74 10.75
CA VAL A 21 6.62 4.04 10.32
C VAL A 21 7.59 4.72 9.35
N ARG A 22 8.85 4.29 9.38
CA ARG A 22 9.87 4.85 8.51
C ARG A 22 9.71 4.32 7.09
N GLY A 23 9.38 3.04 6.97
CA GLY A 23 9.22 2.44 5.65
C GLY A 23 10.54 2.02 5.04
N GLY A 24 10.81 2.53 3.84
CA GLY A 24 12.04 2.18 3.15
C GLY A 24 12.32 0.70 3.15
N GLU A 25 11.25 -0.09 2.98
CA GLU A 25 11.39 -1.54 2.96
C GLU A 25 10.76 -2.13 1.69
N GLU A 26 10.98 -3.42 1.48
CA GLU A 26 10.44 -4.10 0.31
C GLU A 26 9.10 -4.76 0.63
N LEU A 27 8.05 -4.28 -0.03
CA LEU A 27 6.70 -4.82 0.18
C LEU A 27 6.24 -5.62 -1.03
N VAL A 28 5.95 -6.91 -0.80
CA VAL A 28 5.50 -7.78 -1.87
C VAL A 28 4.02 -8.10 -1.74
N LEU A 29 3.21 -7.53 -2.61
CA LEU A 29 1.77 -7.75 -2.59
C LEU A 29 1.39 -8.94 -3.46
N THR A 30 0.43 -9.73 -2.98
CA THR A 30 -0.03 -10.90 -3.72
C THR A 30 -1.45 -10.70 -4.25
N GLY A 31 -1.71 -11.24 -5.44
CA GLY A 31 -3.03 -11.10 -6.03
C GLY A 31 -3.05 -11.51 -7.49
N SER A 32 -3.89 -10.85 -8.28
CA SER A 32 -4.01 -11.15 -9.70
C SER A 32 -4.68 -10.01 -10.45
N ASN A 33 -4.64 -10.08 -11.78
CA ASN A 33 -5.24 -9.04 -12.61
C ASN A 33 -4.58 -7.69 -12.37
N PHE A 34 -3.25 -7.67 -12.39
CA PHE A 34 -2.50 -6.45 -12.17
C PHE A 34 -2.03 -5.86 -13.51
N LEU A 35 -1.46 -4.66 -13.44
CA LEU A 35 -0.97 -3.98 -14.64
C LEU A 35 0.54 -3.75 -14.55
N PRO A 36 1.19 -3.70 -15.72
CA PRO A 36 2.65 -3.48 -15.81
C PRO A 36 3.03 -2.05 -15.42
N ASP A 37 2.04 -1.18 -15.32
CA ASP A 37 2.28 0.21 -14.96
C ASP A 37 1.31 0.66 -13.87
N SER A 38 0.83 -0.29 -13.08
CA SER A 38 -0.11 0.01 -12.00
C SER A 38 0.40 1.15 -11.13
N LYS A 39 -0.41 1.57 -10.17
CA LYS A 39 -0.04 2.64 -9.27
C LYS A 39 -0.53 2.36 -7.85
N VAL A 40 0.29 2.72 -6.86
CA VAL A 40 -0.06 2.50 -5.46
C VAL A 40 0.08 3.79 -4.66
N VAL A 41 -1.00 4.20 -4.01
CA VAL A 41 -0.99 5.42 -3.21
C VAL A 41 -1.55 5.16 -1.82
N PHE A 42 -1.03 5.88 -0.82
CA PHE A 42 -1.49 5.73 0.55
C PHE A 42 -2.43 6.86 0.94
N ILE A 43 -3.08 6.71 2.10
CA ILE A 43 -4.01 7.72 2.59
C ILE A 43 -3.97 7.81 4.11
N GLU A 44 -4.56 8.87 4.65
CA GLU A 44 -4.59 9.08 6.09
C GLU A 44 -5.82 9.89 6.50
N ARG A 45 -6.57 9.37 7.46
CA ARG A 45 -7.77 10.04 7.94
C ARG A 45 -7.42 11.06 9.02
N GLY A 46 -8.05 12.23 8.95
CA GLY A 46 -7.79 13.27 9.93
C GLY A 46 -8.96 13.47 10.88
N PRO A 47 -8.70 14.15 12.01
CA PRO A 47 -9.73 14.42 13.02
C PRO A 47 -10.77 15.42 12.54
N ASP A 48 -10.58 15.92 11.32
CA ASP A 48 -11.51 16.88 10.74
C ASP A 48 -12.71 16.18 10.12
N GLY A 49 -12.45 15.07 9.43
CA GLY A 49 -13.52 14.32 8.80
C GLY A 49 -13.13 13.84 7.41
N LYS A 50 -12.20 14.53 6.78
CA LYS A 50 -11.74 14.17 5.45
C LYS A 50 -10.28 13.72 5.47
N LEU A 51 -9.96 12.76 4.61
CA LEU A 51 -8.60 12.24 4.53
C LEU A 51 -7.82 12.92 3.41
N GLN A 52 -6.56 13.23 3.67
CA GLN A 52 -5.71 13.88 2.69
C GLN A 52 -4.24 13.56 2.92
N TRP A 53 -3.69 12.68 2.09
CA TRP A 53 -2.30 12.28 2.22
C TRP A 53 -1.72 11.87 0.86
N GLU A 54 -0.78 12.67 0.36
CA GLU A 54 -0.16 12.39 -0.93
C GLU A 54 1.23 11.76 -0.74
N GLU A 55 1.30 10.46 -0.91
CA GLU A 55 2.57 9.74 -0.76
C GLU A 55 2.69 8.62 -1.80
N GLU A 56 3.64 8.79 -2.72
CA GLU A 56 3.86 7.80 -3.77
C GLU A 56 4.94 6.80 -3.36
N ALA A 57 4.80 5.57 -3.83
CA ALA A 57 5.77 4.51 -3.51
C ALA A 57 6.50 4.04 -4.76
N THR A 58 7.82 3.93 -4.66
CA THR A 58 8.64 3.49 -5.79
C THR A 58 8.26 2.08 -6.23
N VAL A 59 7.39 1.98 -7.23
CA VAL A 59 6.95 0.69 -7.74
C VAL A 59 7.82 0.22 -8.90
N ASN A 60 8.57 -0.85 -8.68
CA ASN A 60 9.45 -1.39 -9.71
C ASN A 60 8.66 -2.19 -10.74
N ARG A 61 8.61 -1.69 -11.97
CA ARG A 61 7.88 -2.35 -13.04
C ARG A 61 8.56 -3.68 -13.42
N LEU A 62 9.88 -3.63 -13.56
CA LEU A 62 10.65 -4.82 -13.92
C LEU A 62 10.37 -5.96 -12.96
N GLN A 63 9.98 -5.62 -11.73
CA GLN A 63 9.68 -6.61 -10.71
C GLN A 63 8.19 -6.96 -10.71
N SER A 64 7.35 -5.93 -10.86
CA SER A 64 5.92 -6.12 -10.87
C SER A 64 5.49 -7.03 -12.02
N ASN A 65 4.59 -7.97 -11.73
CA ASN A 65 4.11 -8.91 -12.73
C ASN A 65 2.59 -8.84 -12.85
N GLU A 66 2.04 -9.66 -13.74
CA GLU A 66 0.59 -9.71 -13.94
C GLU A 66 -0.13 -10.06 -12.64
N VAL A 67 0.53 -10.84 -11.79
CA VAL A 67 -0.04 -11.25 -10.52
C VAL A 67 0.91 -10.96 -9.37
N THR A 68 1.69 -9.89 -9.51
CA THR A 68 2.64 -9.51 -8.47
C THR A 68 2.90 -8.01 -8.49
N LEU A 69 3.01 -7.42 -7.30
CA LEU A 69 3.25 -5.99 -7.18
C LEU A 69 4.34 -5.71 -6.15
N THR A 70 5.54 -5.41 -6.64
CA THR A 70 6.67 -5.12 -5.76
C THR A 70 6.93 -3.62 -5.68
N LEU A 71 6.82 -3.07 -4.48
CA LEU A 71 7.05 -1.64 -4.26
C LEU A 71 7.74 -1.39 -2.93
N THR A 72 8.12 -0.14 -2.69
CA THR A 72 8.80 0.23 -1.44
C THR A 72 7.87 1.02 -0.54
N VAL A 73 7.75 0.59 0.71
CA VAL A 73 6.89 1.27 1.68
C VAL A 73 7.35 2.70 1.90
N PRO A 74 6.41 3.66 1.73
CA PRO A 74 6.69 5.08 1.90
C PRO A 74 6.94 5.45 3.36
N GLU A 75 7.20 6.73 3.61
CA GLU A 75 7.45 7.21 4.96
C GLU A 75 6.23 7.96 5.50
N TYR A 76 5.81 7.59 6.71
CA TYR A 76 4.66 8.22 7.34
C TYR A 76 4.98 9.65 7.75
N SER A 77 3.94 10.45 7.95
CA SER A 77 4.10 11.84 8.35
C SER A 77 4.39 11.96 9.84
N ASN A 78 3.51 11.39 10.65
CA ASN A 78 3.67 11.43 12.10
C ASN A 78 4.41 10.20 12.61
N LYS A 79 5.74 10.29 12.64
CA LYS A 79 6.57 9.18 13.10
C LYS A 79 6.87 9.31 14.59
N ARG A 80 7.24 10.52 15.01
CA ARG A 80 7.56 10.78 16.41
C ARG A 80 6.62 9.99 17.33
N VAL A 81 5.35 9.93 16.96
CA VAL A 81 4.36 9.21 17.75
C VAL A 81 4.95 7.97 18.38
N SER A 82 4.65 7.75 19.65
CA SER A 82 5.17 6.60 20.39
C SER A 82 4.29 5.37 20.14
N ARG A 83 3.12 5.59 19.56
CA ARG A 83 2.19 4.51 19.27
C ARG A 83 2.06 4.29 17.76
N PRO A 84 1.68 3.06 17.38
CA PRO A 84 1.51 2.69 15.97
C PRO A 84 0.31 3.38 15.32
N VAL A 85 0.36 3.54 14.01
CA VAL A 85 -0.72 4.17 13.27
C VAL A 85 -1.35 3.22 12.27
N GLN A 86 -2.67 3.30 12.12
CA GLN A 86 -3.39 2.44 11.20
C GLN A 86 -3.78 3.19 9.94
N VAL A 87 -3.12 2.87 8.82
CA VAL A 87 -3.40 3.52 7.55
C VAL A 87 -3.91 2.51 6.52
N TYR A 88 -4.31 3.02 5.37
CA TYR A 88 -4.82 2.16 4.30
C TYR A 88 -4.23 2.56 2.95
N PHE A 89 -4.12 1.60 2.04
CA PHE A 89 -3.57 1.85 0.72
C PHE A 89 -4.30 1.03 -0.34
N TYR A 90 -4.28 1.52 -1.58
CA TYR A 90 -4.94 0.82 -2.68
C TYR A 90 -4.17 1.02 -3.98
N VAL A 91 -4.60 0.31 -5.02
CA VAL A 91 -3.95 0.40 -6.33
C VAL A 91 -4.86 1.08 -7.34
N SER A 92 -4.41 2.24 -7.84
CA SER A 92 -5.19 2.99 -8.81
C SER A 92 -4.91 2.49 -10.22
N ASN A 93 -5.95 1.97 -10.88
CA ASN A 93 -5.82 1.45 -12.23
C ASN A 93 -6.99 1.92 -13.10
N GLY A 94 -6.71 2.85 -14.00
CA GLY A 94 -7.74 3.38 -14.87
C GLY A 94 -8.61 4.43 -14.21
N ARG A 95 -9.91 4.37 -14.45
CA ARG A 95 -10.84 5.33 -13.87
C ARG A 95 -11.90 4.61 -13.04
N ARG A 96 -12.35 3.45 -13.51
CA ARG A 96 -13.35 2.67 -12.82
C ARG A 96 -12.73 1.54 -12.02
N LYS A 97 -11.80 0.83 -12.66
CA LYS A 97 -11.11 -0.29 -12.01
C LYS A 97 -10.29 0.20 -10.81
N ARG A 98 -10.61 -0.34 -9.64
CA ARG A 98 -9.91 0.04 -8.42
C ARG A 98 -9.69 -1.17 -7.51
N SER A 99 -8.78 -1.05 -6.57
CA SER A 99 -8.47 -2.13 -5.64
C SER A 99 -8.95 -1.79 -4.24
N PRO A 100 -9.43 -2.82 -3.51
CA PRO A 100 -9.93 -2.65 -2.14
C PRO A 100 -8.82 -2.35 -1.15
N THR A 101 -8.93 -1.21 -0.46
CA THR A 101 -7.93 -0.82 0.52
C THR A 101 -7.75 -1.88 1.59
N GLN A 102 -6.49 -2.14 1.95
CA GLN A 102 -6.18 -3.15 2.95
C GLN A 102 -5.89 -2.49 4.30
N SER A 103 -5.77 -3.31 5.34
CA SER A 103 -5.50 -2.81 6.68
C SER A 103 -4.02 -2.91 7.01
N PHE A 104 -3.36 -1.76 7.07
CA PHE A 104 -1.93 -1.70 7.37
C PHE A 104 -1.67 -0.88 8.63
N ARG A 105 -0.67 -1.26 9.40
CA ARG A 105 -0.32 -0.56 10.62
C ARG A 105 1.20 -0.43 10.76
N PHE A 106 1.67 0.79 10.98
CA PHE A 106 3.09 1.04 11.14
C PHE A 106 3.51 0.95 12.60
N LEU A 107 4.61 0.25 12.86
CA LEU A 107 5.11 0.08 14.22
C LEU A 107 6.14 1.16 14.55
N PRO A 108 6.05 1.69 15.78
CA PRO A 108 6.97 2.74 16.25
C PRO A 108 8.38 2.21 16.47
N VAL A 109 9.27 2.50 15.53
CA VAL A 109 10.66 2.06 15.62
C VAL A 109 11.21 2.30 17.01
N ILE A 110 10.80 3.40 17.64
CA ILE A 110 11.26 3.74 18.97
C ILE A 110 11.50 2.49 19.81
N CYS A 111 10.60 1.52 19.70
CA CYS A 111 10.70 0.27 20.44
C CYS A 111 12.03 -0.41 20.15
N LYS A 112 12.63 -1.01 21.19
CA LYS A 112 13.90 -1.70 21.05
C LYS A 112 13.68 -3.18 20.74
N GLU A 113 14.77 -3.87 20.39
CA GLU A 113 14.70 -5.29 20.07
C GLU A 113 16.09 -5.88 19.91
N GLU A 114 16.29 -7.08 20.43
CA GLU A 114 17.58 -7.75 20.34
C GLU A 114 17.41 -9.27 20.38
N GLY A 1 -9.22 -19.49 -24.64
CA GLY A 1 -9.07 -19.86 -23.24
C GLY A 1 -8.61 -18.70 -22.38
N SER A 2 -9.49 -18.24 -21.50
CA SER A 2 -9.16 -17.12 -20.61
C SER A 2 -9.13 -17.58 -19.16
N SER A 3 -8.61 -16.71 -18.30
CA SER A 3 -8.51 -17.03 -16.87
C SER A 3 -9.74 -16.54 -16.12
N GLY A 4 -10.03 -15.24 -16.22
CA GLY A 4 -11.18 -14.67 -15.55
C GLY A 4 -10.91 -13.28 -15.02
N SER A 5 -10.21 -12.48 -15.80
CA SER A 5 -9.89 -11.11 -15.40
C SER A 5 -11.06 -10.17 -15.67
N SER A 6 -11.69 -9.70 -14.59
CA SER A 6 -12.82 -8.79 -14.71
C SER A 6 -12.35 -7.35 -14.90
N GLY A 7 -11.05 -7.19 -15.08
CA GLY A 7 -10.49 -5.86 -15.27
C GLY A 7 -10.04 -5.22 -13.98
N LEU A 8 -10.93 -5.19 -12.99
CA LEU A 8 -10.62 -4.61 -11.70
C LEU A 8 -9.50 -5.37 -11.01
N PRO A 9 -8.54 -4.63 -10.43
CA PRO A 9 -7.40 -5.23 -9.72
C PRO A 9 -7.81 -5.90 -8.42
N GLN A 10 -7.12 -6.99 -8.07
CA GLN A 10 -7.42 -7.71 -6.85
C GLN A 10 -6.17 -7.82 -5.97
N VAL A 11 -6.39 -7.99 -4.67
CA VAL A 11 -5.29 -8.10 -3.72
C VAL A 11 -5.49 -9.30 -2.79
N GLU A 12 -4.94 -10.44 -3.18
CA GLU A 12 -5.05 -11.66 -2.39
C GLU A 12 -4.45 -11.46 -0.99
N ALA A 13 -3.13 -11.31 -0.95
CA ALA A 13 -2.44 -11.10 0.32
C ALA A 13 -1.27 -10.14 0.15
N TYR A 14 -0.76 -9.63 1.28
CA TYR A 14 0.35 -8.70 1.26
C TYR A 14 1.32 -8.97 2.41
N SER A 15 2.61 -8.85 2.13
CA SER A 15 3.64 -9.09 3.15
C SER A 15 4.84 -8.18 2.92
N PRO A 16 5.43 -7.68 4.02
CA PRO A 16 4.94 -8.00 5.37
C PRO A 16 3.59 -7.33 5.67
N SER A 17 2.94 -7.80 6.74
CA SER A 17 1.65 -7.26 7.13
C SER A 17 1.81 -5.92 7.84
N ALA A 18 2.98 -5.71 8.44
CA ALA A 18 3.25 -4.47 9.16
C ALA A 18 4.70 -4.04 8.97
N CYS A 19 4.96 -2.75 9.13
CA CYS A 19 6.30 -2.21 8.97
C CYS A 19 6.47 -0.90 9.74
N SER A 20 7.69 -0.40 9.80
CA SER A 20 7.98 0.84 10.51
C SER A 20 7.23 2.02 9.88
N VAL A 21 7.29 3.17 10.55
CA VAL A 21 6.62 4.37 10.05
C VAL A 21 7.46 5.05 8.98
N ARG A 22 8.73 4.66 8.88
CA ARG A 22 9.63 5.24 7.90
C ARG A 22 9.56 4.48 6.57
N GLY A 23 9.30 3.18 6.66
CA GLY A 23 9.20 2.35 5.48
C GLY A 23 10.55 2.14 4.82
N GLY A 24 10.54 1.59 3.61
CA GLY A 24 11.77 1.33 2.90
C GLY A 24 12.11 -0.15 2.84
N GLU A 25 11.08 -0.99 2.79
CA GLU A 25 11.28 -2.44 2.75
C GLU A 25 10.67 -3.03 1.47
N GLU A 26 10.96 -4.30 1.23
CA GLU A 26 10.43 -4.98 0.05
C GLU A 26 9.00 -5.45 0.28
N LEU A 27 8.03 -4.68 -0.21
CA LEU A 27 6.63 -5.01 -0.05
C LEU A 27 6.10 -5.72 -1.30
N VAL A 28 5.74 -6.99 -1.14
CA VAL A 28 5.21 -7.77 -2.25
C VAL A 28 3.69 -7.90 -2.16
N LEU A 29 2.99 -7.29 -3.12
CA LEU A 29 1.54 -7.34 -3.15
C LEU A 29 1.05 -8.52 -3.98
N THR A 30 0.50 -9.52 -3.30
CA THR A 30 -0.02 -10.71 -3.98
C THR A 30 -1.45 -10.51 -4.44
N GLY A 31 -1.75 -10.94 -5.66
CA GLY A 31 -3.09 -10.79 -6.20
C GLY A 31 -3.18 -11.19 -7.66
N SER A 32 -3.84 -10.36 -8.46
CA SER A 32 -4.00 -10.63 -9.88
C SER A 32 -4.55 -9.41 -10.60
N ASN A 33 -4.59 -9.48 -11.93
CA ASN A 33 -5.09 -8.39 -12.75
C ASN A 33 -4.24 -7.14 -12.56
N PHE A 34 -2.92 -7.33 -12.50
CA PHE A 34 -1.99 -6.23 -12.33
C PHE A 34 -1.48 -5.72 -13.68
N LEU A 35 -1.20 -4.42 -13.75
CA LEU A 35 -0.70 -3.82 -14.98
C LEU A 35 0.71 -3.27 -14.79
N PRO A 36 1.46 -3.18 -15.90
CA PRO A 36 2.84 -2.68 -15.89
C PRO A 36 2.90 -1.17 -15.60
N ASP A 37 1.73 -0.57 -15.40
CA ASP A 37 1.65 0.86 -15.12
C ASP A 37 0.94 1.12 -13.79
N SER A 38 0.34 0.06 -13.23
CA SER A 38 -0.38 0.17 -11.96
C SER A 38 0.47 0.91 -10.93
N LYS A 39 -0.21 1.54 -9.98
CA LYS A 39 0.47 2.29 -8.92
C LYS A 39 -0.12 1.95 -7.55
N VAL A 40 0.58 2.35 -6.50
CA VAL A 40 0.13 2.08 -5.13
C VAL A 40 0.26 3.33 -4.26
N VAL A 41 -0.87 3.85 -3.80
CA VAL A 41 -0.88 5.03 -2.96
C VAL A 41 -1.47 4.72 -1.58
N PHE A 42 -1.04 5.49 -0.59
CA PHE A 42 -1.52 5.30 0.78
C PHE A 42 -2.45 6.42 1.19
N ILE A 43 -3.20 6.20 2.27
CA ILE A 43 -4.14 7.19 2.77
C ILE A 43 -4.10 7.28 4.29
N GLU A 44 -4.61 8.38 4.83
CA GLU A 44 -4.63 8.59 6.28
C GLU A 44 -5.88 9.36 6.70
N ARG A 45 -6.61 8.81 7.66
CA ARG A 45 -7.83 9.43 8.15
C ARG A 45 -7.52 10.40 9.30
N GLY A 46 -8.14 11.58 9.25
CA GLY A 46 -7.91 12.56 10.30
C GLY A 46 -9.07 12.65 11.28
N PRO A 47 -8.85 13.37 12.39
CA PRO A 47 -9.86 13.54 13.43
C PRO A 47 -11.02 14.41 12.97
N ASP A 48 -10.90 14.98 11.77
CA ASP A 48 -11.94 15.83 11.22
C ASP A 48 -13.07 15.00 10.63
N GLY A 49 -12.72 13.89 10.00
CA GLY A 49 -13.72 13.02 9.41
C GLY A 49 -13.36 12.60 8.00
N LYS A 50 -12.50 13.38 7.35
CA LYS A 50 -12.08 13.08 5.99
C LYS A 50 -10.60 12.70 5.95
N LEU A 51 -10.23 11.86 4.99
CA LEU A 51 -8.85 11.41 4.84
C LEU A 51 -8.16 12.14 3.70
N GLN A 52 -6.94 12.62 3.95
CA GLN A 52 -6.18 13.33 2.94
C GLN A 52 -4.69 13.19 3.18
N TRP A 53 -4.04 12.36 2.37
CA TRP A 53 -2.60 12.12 2.50
C TRP A 53 -1.98 11.74 1.16
N GLU A 54 -1.23 12.66 0.57
CA GLU A 54 -0.59 12.41 -0.72
C GLU A 54 0.81 11.81 -0.53
N GLU A 55 0.92 10.51 -0.79
CA GLU A 55 2.20 9.82 -0.64
C GLU A 55 2.33 8.70 -1.68
N GLU A 56 3.22 8.92 -2.65
CA GLU A 56 3.43 7.93 -3.71
C GLU A 56 4.44 6.88 -3.25
N ALA A 57 4.35 5.68 -3.84
CA ALA A 57 5.24 4.59 -3.50
C ALA A 57 6.06 4.15 -4.72
N THR A 58 7.38 4.08 -4.55
CA THR A 58 8.26 3.68 -5.64
C THR A 58 7.96 2.26 -6.09
N VAL A 59 7.17 2.12 -7.15
CA VAL A 59 6.81 0.82 -7.68
C VAL A 59 8.03 0.11 -8.26
N ASN A 60 8.14 -1.18 -7.97
CA ASN A 60 9.26 -1.98 -8.47
C ASN A 60 8.93 -2.60 -9.82
N ARG A 61 9.61 -2.15 -10.86
CA ARG A 61 9.39 -2.67 -12.21
C ARG A 61 10.44 -3.72 -12.57
N LEU A 62 10.84 -4.51 -11.58
CA LEU A 62 11.84 -5.55 -11.79
C LEU A 62 11.33 -6.90 -11.30
N GLN A 63 10.55 -6.87 -10.22
CA GLN A 63 9.99 -8.10 -9.65
C GLN A 63 8.47 -8.02 -9.59
N SER A 64 7.87 -7.42 -10.60
CA SER A 64 6.41 -7.28 -10.65
C SER A 64 5.83 -8.09 -11.81
N ASN A 65 4.89 -8.98 -11.48
CA ASN A 65 4.26 -9.82 -12.48
C ASN A 65 2.76 -9.52 -12.57
N GLU A 66 2.08 -10.19 -13.50
CA GLU A 66 0.65 -9.99 -13.69
C GLU A 66 -0.11 -10.29 -12.41
N VAL A 67 0.50 -11.08 -11.53
CA VAL A 67 -0.12 -11.43 -10.26
C VAL A 67 0.80 -11.12 -9.08
N THR A 68 1.71 -10.16 -9.29
CA THR A 68 2.64 -9.76 -8.25
C THR A 68 3.05 -8.31 -8.41
N LEU A 69 2.76 -7.50 -7.39
CA LEU A 69 3.11 -6.08 -7.42
C LEU A 69 4.06 -5.73 -6.28
N THR A 70 5.34 -5.59 -6.62
CA THR A 70 6.36 -5.26 -5.63
C THR A 70 6.62 -3.76 -5.60
N LEU A 71 6.60 -3.19 -4.40
CA LEU A 71 6.84 -1.76 -4.23
C LEU A 71 7.64 -1.48 -2.96
N THR A 72 8.11 -0.25 -2.82
CA THR A 72 8.90 0.14 -1.66
C THR A 72 8.06 0.97 -0.69
N VAL A 73 7.63 0.35 0.40
CA VAL A 73 6.82 1.05 1.41
C VAL A 73 7.38 2.43 1.70
N PRO A 74 6.55 3.46 1.51
CA PRO A 74 6.94 4.85 1.75
C PRO A 74 7.12 5.15 3.24
N GLU A 75 7.49 6.39 3.54
CA GLU A 75 7.69 6.80 4.92
C GLU A 75 6.56 7.73 5.40
N TYR A 76 5.83 7.28 6.40
CA TYR A 76 4.72 8.05 6.94
C TYR A 76 5.12 9.51 7.16
N SER A 77 4.14 10.39 7.22
CA SER A 77 4.39 11.81 7.43
C SER A 77 4.80 12.09 8.87
N ASN A 78 3.86 11.88 9.79
CA ASN A 78 4.11 12.12 11.21
C ASN A 78 4.85 10.92 11.83
N LYS A 79 6.17 11.01 11.86
CA LYS A 79 6.98 9.94 12.42
C LYS A 79 7.28 10.19 13.90
N ARG A 80 7.56 11.45 14.23
CA ARG A 80 7.84 11.83 15.60
C ARG A 80 7.00 11.02 16.59
N VAL A 81 5.75 10.77 16.21
CA VAL A 81 4.84 10.01 17.05
C VAL A 81 5.55 8.83 17.69
N SER A 82 5.14 8.47 18.91
CA SER A 82 5.73 7.35 19.64
C SER A 82 4.84 6.11 19.55
N ARG A 83 3.61 6.31 19.11
CA ARG A 83 2.65 5.21 18.98
C ARG A 83 2.40 4.89 17.52
N PRO A 84 2.04 3.61 17.25
CA PRO A 84 1.76 3.15 15.89
C PRO A 84 0.46 3.72 15.34
N VAL A 85 0.41 3.88 14.02
CA VAL A 85 -0.76 4.43 13.35
C VAL A 85 -1.35 3.43 12.36
N GLN A 86 -2.66 3.52 12.14
CA GLN A 86 -3.33 2.62 11.20
C GLN A 86 -3.63 3.34 9.89
N VAL A 87 -2.96 2.91 8.82
CA VAL A 87 -3.15 3.51 7.51
C VAL A 87 -3.75 2.50 6.53
N TYR A 88 -3.99 2.95 5.30
CA TYR A 88 -4.56 2.09 4.27
C TYR A 88 -3.95 2.39 2.91
N PHE A 89 -4.02 1.42 2.01
CA PHE A 89 -3.47 1.58 0.66
C PHE A 89 -4.29 0.80 -0.36
N TYR A 90 -4.17 1.18 -1.62
CA TYR A 90 -4.90 0.51 -2.69
C TYR A 90 -4.16 0.65 -4.02
N VAL A 91 -4.55 -0.17 -4.99
CA VAL A 91 -3.93 -0.15 -6.31
C VAL A 91 -4.79 0.64 -7.30
N SER A 92 -4.27 1.78 -7.76
CA SER A 92 -4.99 2.62 -8.70
C SER A 92 -4.74 2.17 -10.14
N ASN A 93 -5.78 1.67 -10.79
CA ASN A 93 -5.67 1.20 -12.16
C ASN A 93 -6.68 1.90 -13.06
N GLY A 94 -6.22 2.89 -13.82
CA GLY A 94 -7.10 3.62 -14.71
C GLY A 94 -7.57 4.93 -14.11
N ARG A 95 -8.89 5.13 -14.09
CA ARG A 95 -9.46 6.35 -13.54
C ARG A 95 -10.52 6.03 -12.49
N ARG A 96 -11.44 5.13 -12.83
CA ARG A 96 -12.50 4.73 -11.91
C ARG A 96 -12.23 3.35 -11.34
N LYS A 97 -11.65 2.47 -12.15
CA LYS A 97 -11.34 1.12 -11.72
C LYS A 97 -10.27 1.12 -10.64
N ARG A 98 -10.70 0.92 -9.39
CA ARG A 98 -9.79 0.90 -8.26
C ARG A 98 -10.03 -0.32 -7.38
N SER A 99 -9.09 -0.60 -6.47
CA SER A 99 -9.22 -1.74 -5.57
C SER A 99 -9.59 -1.28 -4.17
N PRO A 100 -10.20 -2.18 -3.39
CA PRO A 100 -10.61 -1.90 -2.01
C PRO A 100 -9.42 -1.76 -1.07
N THR A 101 -9.33 -0.60 -0.41
CA THR A 101 -8.24 -0.35 0.52
C THR A 101 -7.99 -1.54 1.43
N GLN A 102 -6.82 -1.57 2.06
CA GLN A 102 -6.47 -2.66 2.96
C GLN A 102 -6.13 -2.14 4.35
N SER A 103 -6.07 -3.04 5.32
CA SER A 103 -5.77 -2.66 6.70
C SER A 103 -4.27 -2.79 6.97
N PHE A 104 -3.64 -1.67 7.32
CA PHE A 104 -2.21 -1.67 7.61
C PHE A 104 -1.92 -0.90 8.90
N ARG A 105 -0.71 -1.07 9.42
CA ARG A 105 -0.31 -0.39 10.65
C ARG A 105 1.19 -0.16 10.68
N PHE A 106 1.60 1.05 11.06
CA PHE A 106 3.01 1.39 11.13
C PHE A 106 3.51 1.38 12.57
N LEU A 107 4.72 0.88 12.77
CA LEU A 107 5.31 0.80 14.11
C LEU A 107 6.41 1.85 14.27
N PRO A 108 6.47 2.46 15.46
CA PRO A 108 7.48 3.48 15.77
C PRO A 108 8.88 2.89 15.88
N VAL A 109 9.84 3.52 15.21
CA VAL A 109 11.22 3.06 15.23
C VAL A 109 11.86 3.33 16.60
N ILE A 110 11.37 4.35 17.29
CA ILE A 110 11.90 4.70 18.60
C ILE A 110 12.17 3.45 19.43
N CYS A 111 11.27 2.47 19.35
CA CYS A 111 11.42 1.23 20.09
C CYS A 111 12.46 0.33 19.43
N LYS A 112 13.39 -0.18 20.24
CA LYS A 112 14.44 -1.05 19.75
C LYS A 112 14.23 -2.49 20.24
N GLU A 113 14.36 -3.44 19.32
CA GLU A 113 14.19 -4.85 19.66
C GLU A 113 15.12 -5.73 18.83
N GLU A 114 16.09 -6.35 19.49
CA GLU A 114 17.05 -7.22 18.82
C GLU A 114 16.39 -8.53 18.39
N GLY A 1 -11.19 -12.68 -21.51
CA GLY A 1 -11.51 -11.30 -21.81
C GLY A 1 -12.58 -10.74 -20.89
N SER A 2 -12.21 -10.47 -19.65
CA SER A 2 -13.14 -9.93 -18.67
C SER A 2 -14.47 -10.67 -18.72
N SER A 3 -14.40 -12.00 -18.86
CA SER A 3 -15.60 -12.82 -18.93
C SER A 3 -16.55 -12.49 -17.78
N GLY A 4 -16.00 -12.33 -16.58
CA GLY A 4 -16.82 -12.03 -15.42
C GLY A 4 -16.48 -10.67 -14.83
N SER A 5 -15.27 -10.52 -14.33
CA SER A 5 -14.83 -9.27 -13.73
C SER A 5 -14.49 -8.24 -14.81
N SER A 6 -14.61 -6.96 -14.45
CA SER A 6 -14.32 -5.88 -15.38
C SER A 6 -12.87 -5.42 -15.26
N GLY A 7 -11.95 -6.26 -15.73
CA GLY A 7 -10.54 -5.93 -15.66
C GLY A 7 -10.17 -5.23 -14.36
N LEU A 8 -10.77 -5.67 -13.26
CA LEU A 8 -10.50 -5.09 -11.95
C LEU A 8 -9.39 -5.84 -11.24
N PRO A 9 -8.54 -5.09 -10.51
CA PRO A 9 -7.42 -5.66 -9.77
C PRO A 9 -7.88 -6.48 -8.57
N GLN A 10 -6.98 -7.31 -8.05
CA GLN A 10 -7.28 -8.16 -6.90
C GLN A 10 -6.07 -8.31 -5.99
N VAL A 11 -6.33 -8.45 -4.69
CA VAL A 11 -5.25 -8.60 -3.72
C VAL A 11 -5.51 -9.79 -2.80
N GLU A 12 -5.03 -10.96 -3.22
CA GLU A 12 -5.21 -12.18 -2.43
C GLU A 12 -4.67 -12.00 -1.02
N ALA A 13 -3.42 -11.55 -0.93
CA ALA A 13 -2.79 -11.33 0.37
C ALA A 13 -1.59 -10.40 0.24
N TYR A 14 -1.13 -9.88 1.37
CA TYR A 14 0.01 -8.97 1.39
C TYR A 14 0.83 -9.13 2.66
N SER A 15 2.14 -9.09 2.54
CA SER A 15 3.05 -9.24 3.67
C SER A 15 4.31 -8.44 3.48
N PRO A 16 4.90 -7.95 4.58
CA PRO A 16 4.35 -8.19 5.92
C PRO A 16 3.05 -7.42 6.15
N SER A 17 2.18 -7.98 6.98
CA SER A 17 0.89 -7.36 7.29
C SER A 17 1.09 -5.95 7.84
N ALA A 18 2.21 -5.74 8.52
CA ALA A 18 2.52 -4.43 9.09
C ALA A 18 4.02 -4.16 9.05
N CYS A 19 4.40 -2.93 9.35
CA CYS A 19 5.81 -2.53 9.35
C CYS A 19 6.01 -1.23 10.12
N SER A 20 7.26 -0.79 10.22
CA SER A 20 7.60 0.43 10.93
C SER A 20 7.33 1.65 10.06
N VAL A 21 6.99 2.77 10.69
CA VAL A 21 6.72 4.00 9.98
C VAL A 21 7.82 4.30 8.96
N ARG A 22 9.05 3.98 9.32
CA ARG A 22 10.19 4.22 8.44
C ARG A 22 9.93 3.64 7.06
N GLY A 23 9.34 2.44 7.02
CA GLY A 23 9.05 1.80 5.75
C GLY A 23 10.30 1.34 5.04
N GLY A 24 10.43 1.73 3.77
CA GLY A 24 11.59 1.34 2.98
C GLY A 24 11.86 -0.15 3.05
N GLU A 25 10.79 -0.94 3.16
CA GLU A 25 10.91 -2.39 3.24
C GLU A 25 10.46 -3.04 1.94
N GLU A 26 10.66 -4.36 1.83
CA GLU A 26 10.27 -5.09 0.63
C GLU A 26 8.85 -5.64 0.78
N LEU A 27 7.88 -4.85 0.33
CA LEU A 27 6.48 -5.25 0.41
C LEU A 27 6.05 -5.95 -0.88
N VAL A 28 5.63 -7.21 -0.76
CA VAL A 28 5.19 -7.99 -1.90
C VAL A 28 3.70 -8.26 -1.83
N LEU A 29 2.95 -7.63 -2.73
CA LEU A 29 1.50 -7.80 -2.77
C LEU A 29 1.12 -8.97 -3.66
N THR A 30 0.36 -9.91 -3.10
CA THR A 30 -0.07 -11.09 -3.84
C THR A 30 -1.50 -10.93 -4.34
N GLY A 31 -1.73 -11.31 -5.60
CA GLY A 31 -3.06 -11.19 -6.18
C GLY A 31 -3.07 -11.54 -7.65
N SER A 32 -3.88 -10.83 -8.42
CA SER A 32 -4.00 -11.07 -9.85
C SER A 32 -4.48 -9.82 -10.58
N ASN A 33 -4.53 -9.90 -11.91
CA ASN A 33 -4.98 -8.78 -12.73
C ASN A 33 -4.16 -7.53 -12.42
N PHE A 34 -2.85 -7.70 -12.28
CA PHE A 34 -1.96 -6.59 -12.00
C PHE A 34 -1.33 -6.04 -13.27
N LEU A 35 -0.80 -4.83 -13.20
CA LEU A 35 -0.17 -4.19 -14.35
C LEU A 35 1.05 -3.37 -13.92
N PRO A 36 2.01 -3.21 -14.85
CA PRO A 36 3.23 -2.45 -14.60
C PRO A 36 2.97 -0.95 -14.46
N ASP A 37 2.15 -0.41 -15.38
CA ASP A 37 1.82 1.01 -15.36
C ASP A 37 1.04 1.37 -14.09
N SER A 38 0.31 0.39 -13.56
CA SER A 38 -0.49 0.60 -12.36
C SER A 38 0.27 1.44 -11.34
N LYS A 39 -0.45 2.00 -10.37
CA LYS A 39 0.15 2.83 -9.34
C LYS A 39 -0.39 2.46 -7.96
N VAL A 40 0.35 2.84 -6.92
CA VAL A 40 -0.06 2.55 -5.55
C VAL A 40 0.12 3.78 -4.66
N VAL A 41 -0.99 4.30 -4.15
CA VAL A 41 -0.96 5.46 -3.27
C VAL A 41 -1.43 5.11 -1.87
N PHE A 42 -0.96 5.87 -0.89
CA PHE A 42 -1.34 5.64 0.50
C PHE A 42 -2.31 6.70 1.00
N ILE A 43 -2.93 6.45 2.14
CA ILE A 43 -3.88 7.39 2.72
C ILE A 43 -3.73 7.47 4.23
N GLU A 44 -4.17 8.58 4.81
CA GLU A 44 -4.09 8.78 6.25
C GLU A 44 -5.35 9.44 6.79
N ARG A 45 -5.87 8.90 7.90
CA ARG A 45 -7.07 9.44 8.50
C ARG A 45 -6.73 10.35 9.67
N GLY A 46 -7.33 11.55 9.69
CA GLY A 46 -7.07 12.49 10.76
C GLY A 46 -8.13 12.45 11.84
N PRO A 47 -7.85 13.10 12.98
CA PRO A 47 -8.77 13.14 14.12
C PRO A 47 -10.01 13.97 13.83
N ASP A 48 -10.05 14.58 12.64
CA ASP A 48 -11.17 15.41 12.25
C ASP A 48 -12.30 14.55 11.68
N GLY A 49 -11.93 13.54 10.90
CA GLY A 49 -12.92 12.66 10.31
C GLY A 49 -12.63 12.36 8.85
N LYS A 50 -11.96 13.29 8.18
CA LYS A 50 -11.61 13.12 6.77
C LYS A 50 -10.15 12.75 6.61
N LEU A 51 -9.84 11.94 5.60
CA LEU A 51 -8.47 11.52 5.34
C LEU A 51 -7.88 12.29 4.16
N GLN A 52 -6.64 12.71 4.31
CA GLN A 52 -5.95 13.46 3.25
C GLN A 52 -4.45 13.23 3.31
N TRP A 53 -3.93 12.46 2.36
CA TRP A 53 -2.50 12.18 2.31
C TRP A 53 -2.04 11.94 0.87
N GLU A 54 -1.26 12.86 0.35
CA GLU A 54 -0.75 12.75 -1.02
C GLU A 54 0.72 12.36 -1.03
N GLU A 55 0.98 11.07 -1.26
CA GLU A 55 2.34 10.56 -1.29
C GLU A 55 2.49 9.49 -2.37
N GLU A 56 3.72 9.34 -2.88
CA GLU A 56 3.99 8.35 -3.92
C GLU A 56 4.87 7.22 -3.37
N ALA A 57 4.70 6.03 -3.93
CA ALA A 57 5.48 4.87 -3.50
C ALA A 57 6.22 4.25 -4.67
N THR A 58 7.52 4.05 -4.50
CA THR A 58 8.35 3.47 -5.55
C THR A 58 7.87 2.06 -5.90
N VAL A 59 7.68 1.81 -7.21
CA VAL A 59 7.23 0.51 -7.67
C VAL A 59 8.20 -0.07 -8.69
N ASN A 60 8.68 -1.29 -8.42
CA ASN A 60 9.61 -1.96 -9.31
C ASN A 60 8.88 -2.62 -10.47
N ARG A 61 9.02 -2.04 -11.66
CA ARG A 61 8.38 -2.56 -12.85
C ARG A 61 8.97 -3.92 -13.24
N LEU A 62 10.30 -3.98 -13.30
CA LEU A 62 10.99 -5.22 -13.66
C LEU A 62 10.58 -6.36 -12.73
N GLN A 63 10.52 -6.07 -11.44
CA GLN A 63 10.14 -7.07 -10.44
C GLN A 63 8.64 -7.36 -10.51
N SER A 64 7.85 -6.30 -10.60
CA SER A 64 6.39 -6.44 -10.67
C SER A 64 5.99 -7.40 -11.78
N ASN A 65 5.05 -8.29 -11.47
CA ASN A 65 4.57 -9.27 -12.44
C ASN A 65 3.05 -9.19 -12.58
N GLU A 66 2.52 -9.99 -13.50
CA GLU A 66 1.08 -10.02 -13.72
C GLU A 66 0.33 -10.39 -12.45
N VAL A 67 1.03 -11.03 -11.53
CA VAL A 67 0.43 -11.44 -10.26
C VAL A 67 1.32 -11.07 -9.08
N THR A 68 2.13 -10.02 -9.26
CA THR A 68 3.02 -9.55 -8.22
C THR A 68 3.26 -8.05 -8.32
N LEU A 69 3.14 -7.36 -7.19
CA LEU A 69 3.34 -5.91 -7.15
C LEU A 69 4.38 -5.53 -6.10
N THR A 70 5.59 -5.24 -6.55
CA THR A 70 6.67 -4.86 -5.64
C THR A 70 6.80 -3.34 -5.55
N LEU A 71 6.83 -2.83 -4.32
CA LEU A 71 6.96 -1.39 -4.10
C LEU A 71 7.80 -1.11 -2.86
N THR A 72 8.10 0.17 -2.63
CA THR A 72 8.89 0.58 -1.48
C THR A 72 8.06 1.40 -0.50
N VAL A 73 7.73 0.80 0.64
CA VAL A 73 6.94 1.47 1.66
C VAL A 73 7.39 2.91 1.83
N PRO A 74 6.47 3.85 1.55
CA PRO A 74 6.74 5.29 1.67
C PRO A 74 6.89 5.73 3.12
N GLU A 75 7.56 6.86 3.32
CA GLU A 75 7.78 7.39 4.65
C GLU A 75 6.52 8.11 5.16
N TYR A 76 6.08 7.74 6.36
CA TYR A 76 4.90 8.33 6.96
C TYR A 76 5.12 9.82 7.25
N SER A 77 4.03 10.56 7.39
CA SER A 77 4.10 11.99 7.68
C SER A 77 4.51 12.24 9.12
N ASN A 78 3.64 11.88 10.05
CA ASN A 78 3.92 12.06 11.48
C ASN A 78 4.74 10.91 12.02
N LYS A 79 6.07 11.06 11.97
CA LYS A 79 6.97 10.04 12.46
C LYS A 79 7.22 10.20 13.95
N ARG A 80 7.53 11.42 14.37
CA ARG A 80 7.79 11.71 15.78
C ARG A 80 6.86 10.90 16.68
N VAL A 81 5.59 10.86 16.31
CA VAL A 81 4.59 10.13 17.09
C VAL A 81 5.20 8.88 17.71
N SER A 82 5.01 8.72 19.02
CA SER A 82 5.55 7.56 19.73
C SER A 82 4.64 6.35 19.57
N ARG A 83 3.40 6.61 19.15
CA ARG A 83 2.43 5.53 18.95
C ARG A 83 2.25 5.24 17.47
N PRO A 84 1.84 3.99 17.16
CA PRO A 84 1.62 3.56 15.78
C PRO A 84 0.40 4.22 15.14
N VAL A 85 0.25 4.04 13.84
CA VAL A 85 -0.88 4.62 13.11
C VAL A 85 -1.48 3.61 12.13
N GLN A 86 -2.80 3.60 12.05
CA GLN A 86 -3.51 2.68 11.16
C GLN A 86 -3.83 3.37 9.83
N VAL A 87 -3.22 2.88 8.75
CA VAL A 87 -3.45 3.44 7.43
C VAL A 87 -3.83 2.35 6.43
N TYR A 88 -4.13 2.76 5.20
CA TYR A 88 -4.52 1.83 4.15
C TYR A 88 -3.95 2.26 2.80
N PHE A 89 -4.05 1.37 1.82
CA PHE A 89 -3.55 1.65 0.47
C PHE A 89 -4.39 0.92 -0.58
N TYR A 90 -4.38 1.46 -1.79
CA TYR A 90 -5.13 0.87 -2.89
C TYR A 90 -4.41 1.06 -4.22
N VAL A 91 -4.74 0.22 -5.19
CA VAL A 91 -4.13 0.29 -6.51
C VAL A 91 -5.06 0.97 -7.51
N SER A 92 -4.47 1.55 -8.56
CA SER A 92 -5.24 2.23 -9.59
C SER A 92 -5.01 1.59 -10.96
N ASN A 93 -6.06 1.00 -11.51
CA ASN A 93 -5.97 0.35 -12.82
C ASN A 93 -7.07 0.85 -13.75
N GLY A 94 -6.70 1.75 -14.65
CA GLY A 94 -7.67 2.29 -15.59
C GLY A 94 -8.07 3.72 -15.27
N ARG A 95 -9.35 4.03 -15.44
CA ARG A 95 -9.85 5.38 -15.16
C ARG A 95 -10.91 5.34 -14.06
N ARG A 96 -11.94 4.52 -14.27
CA ARG A 96 -13.02 4.39 -13.30
C ARG A 96 -12.99 3.03 -12.61
N LYS A 97 -11.78 2.55 -12.31
CA LYS A 97 -11.60 1.27 -11.66
C LYS A 97 -10.49 1.33 -10.62
N ARG A 98 -10.75 0.76 -9.44
CA ARG A 98 -9.77 0.76 -8.37
C ARG A 98 -9.94 -0.47 -7.48
N SER A 99 -9.06 -0.61 -6.49
CA SER A 99 -9.12 -1.75 -5.58
C SER A 99 -9.51 -1.28 -4.17
N PRO A 100 -10.12 -2.20 -3.40
CA PRO A 100 -10.55 -1.92 -2.03
C PRO A 100 -9.37 -1.76 -1.07
N THR A 101 -9.26 -0.58 -0.45
CA THR A 101 -8.19 -0.30 0.48
C THR A 101 -7.95 -1.48 1.41
N GLN A 102 -6.74 -1.58 1.95
CA GLN A 102 -6.39 -2.65 2.87
C GLN A 102 -6.01 -2.11 4.24
N SER A 103 -6.26 -2.90 5.28
CA SER A 103 -5.95 -2.50 6.64
C SER A 103 -4.46 -2.62 6.92
N PHE A 104 -3.83 -1.49 7.20
CA PHE A 104 -2.39 -1.46 7.48
C PHE A 104 -2.09 -0.54 8.67
N ARG A 105 -0.96 -0.79 9.32
CA ARG A 105 -0.55 0.00 10.47
C ARG A 105 0.97 0.14 10.53
N PHE A 106 1.43 1.31 10.95
CA PHE A 106 2.87 1.57 11.06
C PHE A 106 3.32 1.59 12.50
N LEU A 107 4.42 0.90 12.79
CA LEU A 107 4.96 0.83 14.13
C LEU A 107 6.07 1.85 14.33
N PRO A 108 6.13 2.46 15.52
CA PRO A 108 7.14 3.46 15.86
C PRO A 108 8.53 2.84 16.01
N VAL A 109 9.54 3.52 15.48
CA VAL A 109 10.92 3.05 15.56
C VAL A 109 11.55 3.42 16.89
N ILE A 110 11.13 4.55 17.45
CA ILE A 110 11.66 5.01 18.73
C ILE A 110 11.98 3.84 19.65
N CYS A 111 13.21 3.80 20.14
CA CYS A 111 13.64 2.73 21.03
C CYS A 111 12.57 2.43 22.08
N LYS A 112 12.33 1.15 22.34
CA LYS A 112 11.33 0.74 23.32
C LYS A 112 12.00 0.22 24.60
N GLU A 113 11.25 0.18 25.68
CA GLU A 113 11.77 -0.30 26.96
C GLU A 113 11.04 -1.56 27.40
N GLU A 114 11.70 -2.70 27.22
CA GLU A 114 11.12 -3.99 27.61
C GLU A 114 12.19 -4.94 28.11
N GLY A 1 -7.83 -9.58 -30.59
CA GLY A 1 -7.97 -9.02 -29.25
C GLY A 1 -9.25 -9.47 -28.58
N SER A 2 -9.11 -10.02 -27.37
CA SER A 2 -10.25 -10.50 -26.62
C SER A 2 -9.92 -10.64 -25.13
N SER A 3 -10.88 -10.34 -24.28
CA SER A 3 -10.69 -10.43 -22.83
C SER A 3 -12.02 -10.40 -22.10
N GLY A 4 -12.30 -11.45 -21.33
CA GLY A 4 -13.54 -11.52 -20.59
C GLY A 4 -13.43 -10.91 -19.20
N SER A 5 -12.87 -9.69 -19.14
CA SER A 5 -12.71 -9.00 -17.87
C SER A 5 -12.36 -7.53 -18.10
N SER A 6 -12.68 -6.69 -17.11
CA SER A 6 -12.41 -5.27 -17.21
C SER A 6 -11.02 -4.94 -16.65
N GLY A 7 -10.05 -5.78 -16.98
CA GLY A 7 -8.70 -5.58 -16.50
C GLY A 7 -8.65 -5.00 -15.10
N LEU A 8 -9.45 -5.59 -14.20
CA LEU A 8 -9.50 -5.14 -12.82
C LEU A 8 -8.48 -5.87 -11.96
N PRO A 9 -7.78 -5.12 -11.09
CA PRO A 9 -6.76 -5.69 -10.21
C PRO A 9 -7.36 -6.57 -9.12
N GLN A 10 -6.50 -7.22 -8.35
CA GLN A 10 -6.95 -8.10 -7.28
C GLN A 10 -5.91 -8.18 -6.17
N VAL A 11 -6.37 -8.42 -4.94
CA VAL A 11 -5.48 -8.53 -3.80
C VAL A 11 -5.81 -9.76 -2.95
N GLU A 12 -5.01 -10.81 -3.11
CA GLU A 12 -5.21 -12.04 -2.36
C GLU A 12 -4.66 -11.92 -0.95
N ALA A 13 -3.38 -11.57 -0.85
CA ALA A 13 -2.72 -11.42 0.45
C ALA A 13 -1.46 -10.57 0.33
N TYR A 14 -1.27 -9.68 1.29
CA TYR A 14 -0.10 -8.80 1.29
C TYR A 14 0.86 -9.17 2.42
N SER A 15 2.10 -8.70 2.31
CA SER A 15 3.11 -8.98 3.33
C SER A 15 4.32 -8.09 3.15
N PRO A 16 4.94 -7.69 4.27
CA PRO A 16 4.48 -8.09 5.61
C PRO A 16 3.16 -7.43 5.99
N SER A 17 2.35 -8.15 6.76
CA SER A 17 1.05 -7.65 7.20
C SER A 17 1.17 -6.20 7.67
N ALA A 18 2.30 -5.86 8.28
CA ALA A 18 2.53 -4.52 8.78
C ALA A 18 3.97 -4.08 8.53
N CYS A 19 4.29 -2.85 8.93
CA CYS A 19 5.63 -2.31 8.75
C CYS A 19 5.88 -1.14 9.69
N SER A 20 7.05 -0.51 9.56
CA SER A 20 7.41 0.62 10.40
C SER A 20 7.17 1.93 9.66
N VAL A 21 6.96 3.00 10.43
CA VAL A 21 6.71 4.32 9.85
C VAL A 21 7.82 4.72 8.89
N ARG A 22 9.02 4.17 9.12
CA ARG A 22 10.17 4.47 8.28
C ARG A 22 10.02 3.82 6.90
N GLY A 23 9.42 2.63 6.88
CA GLY A 23 9.22 1.92 5.63
C GLY A 23 10.48 1.23 5.15
N GLY A 24 11.05 1.73 4.06
CA GLY A 24 12.27 1.14 3.53
C GLY A 24 12.30 -0.37 3.70
N GLU A 25 11.18 -1.03 3.43
CA GLU A 25 11.10 -2.47 3.56
C GLU A 25 10.56 -3.10 2.28
N GLU A 26 10.60 -4.43 2.23
CA GLU A 26 10.12 -5.16 1.06
C GLU A 26 8.66 -5.56 1.22
N LEU A 27 7.77 -4.81 0.55
CA LEU A 27 6.34 -5.08 0.63
C LEU A 27 5.87 -5.84 -0.60
N VAL A 28 5.55 -7.13 -0.43
CA VAL A 28 5.08 -7.95 -1.53
C VAL A 28 3.56 -8.09 -1.50
N LEU A 29 2.93 -7.68 -2.60
CA LEU A 29 1.47 -7.76 -2.70
C LEU A 29 1.05 -8.89 -3.62
N THR A 30 0.25 -9.82 -3.10
CA THR A 30 -0.22 -10.95 -3.87
C THR A 30 -1.63 -10.70 -4.41
N GLY A 31 -1.85 -11.07 -5.67
CA GLY A 31 -3.15 -10.89 -6.28
C GLY A 31 -3.19 -11.33 -7.72
N SER A 32 -3.69 -10.47 -8.59
CA SER A 32 -3.78 -10.79 -10.02
C SER A 32 -4.25 -9.57 -10.82
N ASN A 33 -4.21 -9.70 -12.14
CA ASN A 33 -4.63 -8.61 -13.02
C ASN A 33 -3.88 -7.32 -12.70
N PHE A 34 -2.57 -7.45 -12.51
CA PHE A 34 -1.72 -6.30 -12.19
C PHE A 34 -1.14 -5.69 -13.46
N LEU A 35 -0.64 -4.47 -13.36
CA LEU A 35 -0.04 -3.77 -14.49
C LEU A 35 1.21 -3.02 -14.08
N PRO A 36 2.14 -2.85 -15.03
CA PRO A 36 3.41 -2.15 -14.79
C PRO A 36 3.20 -0.66 -14.57
N ASP A 37 1.95 -0.22 -14.59
CA ASP A 37 1.62 1.18 -14.39
C ASP A 37 0.87 1.39 -13.08
N SER A 38 0.21 0.33 -12.61
CA SER A 38 -0.55 0.39 -11.38
C SER A 38 0.12 1.33 -10.37
N LYS A 39 -0.71 2.06 -9.62
CA LYS A 39 -0.20 3.00 -8.63
C LYS A 39 -0.67 2.61 -7.23
N VAL A 40 0.20 2.79 -6.24
CA VAL A 40 -0.14 2.46 -4.86
C VAL A 40 -0.05 3.69 -3.97
N VAL A 41 -1.21 4.24 -3.61
CA VAL A 41 -1.27 5.42 -2.76
C VAL A 41 -1.78 5.07 -1.36
N PHE A 42 -1.31 5.80 -0.36
CA PHE A 42 -1.72 5.57 1.02
C PHE A 42 -2.65 6.68 1.51
N ILE A 43 -3.53 6.33 2.44
CA ILE A 43 -4.48 7.29 2.99
C ILE A 43 -4.36 7.37 4.51
N GLU A 44 -4.60 8.56 5.06
CA GLU A 44 -4.51 8.77 6.50
C GLU A 44 -5.77 9.49 7.01
N ARG A 45 -6.51 8.82 7.88
CA ARG A 45 -7.73 9.39 8.44
C ARG A 45 -7.40 10.33 9.60
N GLY A 46 -7.94 11.54 9.55
CA GLY A 46 -7.70 12.51 10.60
C GLY A 46 -8.89 12.67 11.53
N PRO A 47 -8.66 13.37 12.66
CA PRO A 47 -9.71 13.61 13.67
C PRO A 47 -10.79 14.57 13.16
N ASP A 48 -10.65 14.98 11.91
CA ASP A 48 -11.62 15.90 11.32
C ASP A 48 -12.81 15.14 10.74
N GLY A 49 -12.52 14.03 10.04
CA GLY A 49 -13.58 13.24 9.46
C GLY A 49 -13.21 12.72 8.08
N LYS A 50 -12.42 13.49 7.35
CA LYS A 50 -11.99 13.12 6.00
C LYS A 50 -10.49 12.84 5.97
N LEU A 51 -10.09 11.84 5.19
CA LEU A 51 -8.68 11.49 5.06
C LEU A 51 -8.03 12.23 3.91
N GLN A 52 -6.78 12.64 4.11
CA GLN A 52 -6.05 13.36 3.08
C GLN A 52 -4.54 13.14 3.22
N TRP A 53 -4.00 12.31 2.33
CA TRP A 53 -2.56 12.00 2.34
C TRP A 53 -2.06 11.66 0.95
N GLU A 54 -1.21 12.52 0.40
CA GLU A 54 -0.66 12.29 -0.93
C GLU A 54 0.78 11.79 -0.84
N GLU A 55 0.95 10.47 -0.97
CA GLU A 55 2.26 9.85 -0.90
C GLU A 55 2.37 8.69 -1.89
N GLU A 56 3.29 8.81 -2.83
CA GLU A 56 3.50 7.77 -3.84
C GLU A 56 4.69 6.89 -3.47
N ALA A 57 4.54 5.58 -3.68
CA ALA A 57 5.59 4.64 -3.37
C ALA A 57 6.39 4.27 -4.62
N THR A 58 7.68 4.04 -4.44
CA THR A 58 8.56 3.69 -5.55
C THR A 58 8.23 2.30 -6.10
N VAL A 59 7.37 2.25 -7.10
CA VAL A 59 6.97 0.99 -7.71
C VAL A 59 8.06 0.45 -8.63
N ASN A 60 8.20 -0.86 -8.66
CA ASN A 60 9.21 -1.51 -9.50
C ASN A 60 8.57 -2.54 -10.42
N ARG A 61 8.08 -2.07 -11.56
CA ARG A 61 7.44 -2.96 -12.53
C ARG A 61 8.35 -4.13 -12.87
N LEU A 62 9.65 -3.88 -12.93
CA LEU A 62 10.63 -4.92 -13.24
C LEU A 62 10.33 -6.19 -12.46
N GLN A 63 9.99 -6.04 -11.19
CA GLN A 63 9.67 -7.18 -10.34
C GLN A 63 8.24 -7.64 -10.56
N SER A 64 7.32 -6.69 -10.68
CA SER A 64 5.91 -7.01 -10.89
C SER A 64 5.69 -7.59 -12.28
N ASN A 65 4.75 -8.53 -12.38
CA ASN A 65 4.44 -9.17 -13.65
C ASN A 65 2.93 -9.24 -13.86
N GLU A 66 2.29 -10.17 -13.16
CA GLU A 66 0.85 -10.34 -13.27
C GLU A 66 0.21 -10.50 -11.89
N VAL A 67 0.67 -11.49 -11.13
CA VAL A 67 0.15 -11.74 -9.79
C VAL A 67 1.21 -11.47 -8.74
N THR A 68 2.03 -10.44 -8.97
CA THR A 68 3.08 -10.09 -8.03
C THR A 68 3.45 -8.61 -8.16
N LEU A 69 3.56 -7.93 -7.02
CA LEU A 69 3.90 -6.51 -7.02
C LEU A 69 4.99 -6.23 -5.99
N THR A 70 6.05 -5.54 -6.43
CA THR A 70 7.15 -5.21 -5.54
C THR A 70 7.35 -3.70 -5.46
N LEU A 71 7.20 -3.14 -4.27
CA LEU A 71 7.36 -1.71 -4.05
C LEU A 71 8.04 -1.43 -2.71
N THR A 72 8.43 -0.17 -2.51
CA THR A 72 9.08 0.22 -1.27
C THR A 72 8.15 1.06 -0.40
N VAL A 73 7.72 0.48 0.71
CA VAL A 73 6.82 1.18 1.63
C VAL A 73 7.24 2.63 1.82
N PRO A 74 6.31 3.55 1.57
CA PRO A 74 6.56 4.99 1.71
C PRO A 74 6.73 5.41 3.16
N GLU A 75 7.15 6.66 3.36
CA GLU A 75 7.36 7.18 4.71
C GLU A 75 6.10 7.87 5.22
N TYR A 76 5.94 7.90 6.54
CA TYR A 76 4.78 8.52 7.15
C TYR A 76 4.97 10.03 7.26
N SER A 77 3.91 10.78 6.98
CA SER A 77 3.96 12.24 7.04
C SER A 77 4.60 12.70 8.35
N ASN A 78 3.95 12.39 9.46
CA ASN A 78 4.46 12.78 10.77
C ASN A 78 5.31 11.67 11.39
N LYS A 79 6.58 11.65 11.03
CA LYS A 79 7.51 10.64 11.54
C LYS A 79 8.05 11.05 12.90
N ARG A 80 7.29 11.85 13.63
CA ARG A 80 7.70 12.31 14.95
C ARG A 80 6.76 11.80 16.03
N VAL A 81 6.31 10.56 15.87
CA VAL A 81 5.40 9.95 16.84
C VAL A 81 6.01 8.70 17.47
N SER A 82 5.88 8.58 18.78
CA SER A 82 6.42 7.44 19.51
C SER A 82 5.39 6.32 19.63
N ARG A 83 4.41 6.33 18.72
CA ARG A 83 3.36 5.31 18.73
C ARG A 83 2.96 4.94 17.31
N PRO A 84 2.37 3.74 17.15
CA PRO A 84 1.93 3.24 15.85
C PRO A 84 0.73 4.01 15.31
N VAL A 85 0.58 4.00 13.99
CA VAL A 85 -0.53 4.70 13.35
C VAL A 85 -1.26 3.78 12.36
N GLN A 86 -2.58 3.89 12.32
CA GLN A 86 -3.39 3.09 11.43
C GLN A 86 -3.55 3.77 10.08
N VAL A 87 -3.11 3.09 9.01
CA VAL A 87 -3.21 3.65 7.67
C VAL A 87 -3.81 2.62 6.71
N TYR A 88 -3.99 3.03 5.46
CA TYR A 88 -4.55 2.14 4.44
C TYR A 88 -3.99 2.47 3.06
N PHE A 89 -3.98 1.47 2.18
CA PHE A 89 -3.47 1.65 0.83
C PHE A 89 -4.30 0.86 -0.18
N TYR A 90 -4.16 1.21 -1.45
CA TYR A 90 -4.90 0.53 -2.52
C TYR A 90 -4.25 0.78 -3.87
N VAL A 91 -4.63 -0.02 -4.86
CA VAL A 91 -4.09 0.11 -6.20
C VAL A 91 -5.09 0.79 -7.13
N SER A 92 -4.57 1.58 -8.07
CA SER A 92 -5.42 2.30 -9.02
C SER A 92 -5.03 1.96 -10.45
N ASN A 93 -5.99 1.45 -11.21
CA ASN A 93 -5.74 1.09 -12.61
C ASN A 93 -6.79 1.71 -13.52
N GLY A 94 -6.40 2.80 -14.19
CA GLY A 94 -7.32 3.48 -15.09
C GLY A 94 -7.87 4.76 -14.49
N ARG A 95 -9.19 4.87 -14.49
CA ARG A 95 -9.85 6.06 -13.95
C ARG A 95 -10.75 5.69 -12.77
N ARG A 96 -11.54 4.63 -12.94
CA ARG A 96 -12.45 4.18 -11.90
C ARG A 96 -12.09 2.77 -11.44
N LYS A 97 -11.57 1.96 -12.36
CA LYS A 97 -11.19 0.60 -12.05
C LYS A 97 -9.99 0.57 -11.09
N ARG A 98 -10.24 0.13 -9.86
CA ARG A 98 -9.18 0.06 -8.85
C ARG A 98 -9.52 -1.00 -7.80
N SER A 99 -8.60 -1.19 -6.85
CA SER A 99 -8.79 -2.17 -5.79
C SER A 99 -9.13 -1.48 -4.48
N PRO A 100 -9.80 -2.22 -3.57
CA PRO A 100 -10.20 -1.72 -2.26
C PRO A 100 -9.00 -1.48 -1.33
N THR A 101 -9.23 -0.75 -0.26
CA THR A 101 -8.18 -0.45 0.71
C THR A 101 -7.92 -1.65 1.63
N GLN A 102 -6.68 -1.78 2.08
CA GLN A 102 -6.30 -2.87 2.96
C GLN A 102 -5.85 -2.34 4.32
N SER A 103 -6.44 -2.88 5.38
CA SER A 103 -6.10 -2.46 6.74
C SER A 103 -4.60 -2.59 6.99
N PHE A 104 -3.96 -1.48 7.33
CA PHE A 104 -2.53 -1.48 7.59
C PHE A 104 -2.20 -0.60 8.80
N ARG A 105 -1.01 -0.79 9.35
CA ARG A 105 -0.58 -0.03 10.53
C ARG A 105 0.94 0.05 10.59
N PHE A 106 1.45 1.22 10.94
CA PHE A 106 2.89 1.43 11.04
C PHE A 106 3.36 1.36 12.49
N LEU A 107 4.47 0.67 12.72
CA LEU A 107 5.01 0.54 14.07
C LEU A 107 6.30 1.35 14.22
N PRO A 108 6.46 1.99 15.39
CA PRO A 108 7.64 2.80 15.69
C PRO A 108 8.89 1.97 15.86
N VAL A 109 9.98 2.40 15.24
CA VAL A 109 11.25 1.69 15.32
C VAL A 109 12.23 2.42 16.23
N ILE A 110 12.04 3.73 16.36
CA ILE A 110 12.90 4.55 17.20
C ILE A 110 13.28 3.81 18.49
N CYS A 111 12.29 3.15 19.09
CA CYS A 111 12.51 2.41 20.32
C CYS A 111 13.72 1.49 20.19
N LYS A 112 14.76 1.77 20.98
CA LYS A 112 15.97 0.96 20.96
C LYS A 112 15.78 -0.35 21.71
N GLU A 113 15.92 -1.46 20.99
CA GLU A 113 15.76 -2.78 21.60
C GLU A 113 16.67 -3.80 20.92
N GLU A 114 16.66 -5.02 21.43
CA GLU A 114 17.49 -6.09 20.89
C GLU A 114 16.79 -6.77 19.71
#